data_7JR7
#
_entry.id   7JR7
#
_cell.length_a   1.00
_cell.length_b   1.00
_cell.length_c   1.00
_cell.angle_alpha   90.00
_cell.angle_beta   90.00
_cell.angle_gamma   90.00
#
_symmetry.space_group_name_H-M   'P 1'
#
loop_
_entity.id
_entity.type
_entity.pdbx_description
1 polymer 'ATP-binding cassette sub-family G member 5'
2 polymer 'ATP-binding cassette sub-family G member 8'
3 polymer 'Fab 11F4 heavy chain'
4 polymer 'Fab 11F4 light chain'
5 polymer 'Fab 2E10 heavy chain'
6 polymer 'Fab 2E10 light chain'
#
loop_
_entity_poly.entity_id
_entity_poly.type
_entity_poly.pdbx_seq_one_letter_code
_entity_poly.pdbx_strand_id
1 'polypeptide(L)'
;MGDLSSLTPGGSMGLQVNRGSQSSLEGAPATAPEPHSLGILHASYSVSHRVRPWWDITSCRQQWTRQILKDVSLYVESGQ
IMCILGSSGSGKTTLLDAMSGRLGRAGTFLGEVYVNGRALRREQFQDCFSYVLQSDTLLSSLTVRETLHYTALLAIRRGN
PGSFQKKVEAVMAELSLSHVADRLIGNYSLGGISTGERRRVSIAAQLLQDPKVMLFDEPTTGLDCMTANQIVVLLVELAR
RNRIVVLTIHQPRSELFQLFDKIAILSFGELIFCGTPAEMLDFFNDCGYPCPEHSNPFDFYMDLTSVDTQSKEREIETSK
RVQMIESAYKKSAICHKTLKNIERMKHLKTLPMVPFKTKDSPGVFSKLGVLLRRVTRNLVRNKLAVITRLLQNLIMGLFL
LFFVLRVRSNVLKGAIQDRVGLLYQFVGATPYTGMLNAVNLFPVLRAVSDQESQDGLYQKWQMMLAYALHVLPFSVVATM
IFSSVCYWTLGLHPEVARFGYFSAALLAPHLIGEFLTLVLLGIVQNPNIVNSVVALLSIAGVLVGSGFLRNIQEMPIPFK
IISYFTFQKYCSEILVVNEFYGLNFTCGSSNVSVTTNPMCAFTQGIQFIEKTCPGATSRFTMNFLILYSFIPALVILGIV
VFKIRDHLISR
;
A
2 'polypeptide(L)'
;MAGKAAEERGLPKGATPQDTSGLQDRLFSSESDNSLYFTYSGQPNTLEVRDLNYQVDLASQVPWFEQLAQFKMPWTSPSC
QNSCELGIQNLSFKVRSGQMLAIIGSSGCGRASLLDVITGRGHGGKIKSGQIWINGQPSSPQLVRKCVAHVRQHNQLLPN
LTVRETLAFIAQMRLPRTFSQAQRDKRVEDVIAELRLRQCADTRVGNMYVRGLSGGERRRVSIGVQLLWNPGILILDEPT
SGLDSFTAHNLVKTLSRLAKGNRLVLISLHQPRSDIFRLFDLVLLMTSGTPIYLGAAQHMVQYFTAIGYPCPRYSNPADF
YVDLTSIDRRSREQELATREKAQSLAALFLEKVRDLDDFLWKAETKDLDEDTCVESSVTPLDTNCLPSPTKMPGAVQQFT
TLIRRQISNDFRDLPTLLIHGAEACLMSMTIGFLYFGHGSIQLSFMDTAALLFMIGALIPFNVILDVISKCYSERAMLYY
ELEDGLYTTGPYFFAKILGELPEHCAYIIIYGMPTYWLANLRPGLQPFLLHFLLVWLVVFCCRIMALAAAALLPTFHMAS
FFSNALYNSFYLAGGFMINLSSLWTVPAWISKVSFLRWCFEGLMKIQFSRRTYKMPLGNLTIAVSGDKILSVMELDSYPL
YAIYLIVIGLSGGFMVLYYVSLRFIKQKPSQDW
;
B
3 'polypeptide(L)'
;DVQLQESGPGLVKPSQSLSLTCTITGYSITSDYAWNWIRQFPGNKLEWMGYISYSGTTYYNPSLKSRFSITRDTSRNQFF
LQFNSVTTEDTGTYFCARMITTVYYFDYWGQGTTLTVSSAKTTPPSVYPLAPGSAAQTNSMVTLGCLVKGYFPEPVTVTW
NSGSLSSGVHTFPAVLQSDLYTLSSSVTVPSSTWPSETVTCNVAHPASSTKVDKKIVPRD
;
C
4 'polypeptide(L)'
;QIVLTQSPTIMSASLGERVTMTCTASSSASSSYLHWYQQKPGSSPKLWIYSTSNLASGVPARFSGSGSGTSYSLTISNME
AEDAATYYCHQHHRSPPTFGAGTKLELKRADAAPTVSIFPPSSEQLTSGGASVVCFLNNFYPKDINVKWKIDGSERQNGV
LNSWTDQDSKDSTYSMSSTATLTKDEYERHNSYTCEATHKTSTSPIVKSFNRA
;
D
5 'polypeptide(L)'
;QVHLQQSGAELVRPGTSVKMSCKAAGYTFTYWWIGWLKQRPGHGLEWIGDFFPVSGHTNFNEKFRDKATLTADTSSSTAY
MQLNSLTSEDSAIYYCARKQDSSGPLYAMDYWGQGTSVTVSSAKTTPPSVYPLAPGSAAQTNSMVTLGCLVKGYFPEPVT
VTWNSGSLSSGVHTFPAVLQSDLYTLSSSVTVPSSTWPSETVTCNVAHPASSTKVDKKIVPRD
;
E
6 'polypeptide(L)'
;DIQMTQSSSYLSVSLGGRVTITCKASDHINNWLAWYQQKPGNAPRLLISAATSLETGVPSRFSGSGSGKDYTLSIISLQT
EDVATYYCQQYWSTPFTFGSGTKLEIKRADAAPTVSIFPPSSEQLTSGGASVVCFLNNFYPKDINVKWKIDGSERQNGVL
NSTTDQDSKDSTYSMSSTLTLTKDEYERHNSYTCEATHKTSTSPIVKSFNRA
;
F
#
# COMPACT_ATOMS: atom_id res chain seq x y z
N GLU A 34 -28.14 -35.42 2.49
CA GLU A 34 -28.04 -34.69 1.21
C GLU A 34 -26.63 -34.17 0.88
N PRO A 35 -25.64 -35.06 0.69
CA PRO A 35 -24.28 -34.59 0.40
C PRO A 35 -24.09 -34.03 -1.00
N HIS A 36 -24.66 -32.86 -1.28
CA HIS A 36 -24.48 -32.23 -2.58
C HIS A 36 -23.01 -31.83 -2.75
N SER A 37 -22.52 -31.94 -3.99
CA SER A 37 -21.11 -31.66 -4.23
C SER A 37 -20.86 -31.14 -5.64
N LEU A 38 -19.75 -30.41 -5.74
CA LEU A 38 -19.20 -29.85 -6.97
C LEU A 38 -17.79 -30.39 -7.14
N GLY A 39 -17.46 -30.87 -8.33
CA GLY A 39 -16.11 -31.30 -8.58
C GLY A 39 -15.60 -30.93 -9.95
N ILE A 40 -14.32 -30.58 -10.04
CA ILE A 40 -13.64 -30.25 -11.29
C ILE A 40 -12.55 -31.29 -11.45
N LEU A 41 -12.70 -32.18 -12.44
CA LEU A 41 -11.75 -33.28 -12.59
C LEU A 41 -10.39 -32.78 -13.07
N HIS A 42 -10.40 -31.87 -14.02
CA HIS A 42 -9.24 -31.20 -14.57
C HIS A 42 -9.77 -29.95 -15.22
N ALA A 43 -8.90 -28.99 -15.47
CA ALA A 43 -9.36 -27.79 -16.16
C ALA A 43 -8.22 -27.13 -16.88
N SER A 44 -8.44 -26.86 -18.15
CA SER A 44 -7.49 -26.12 -18.97
C SER A 44 -8.31 -25.18 -19.83
N TYR A 45 -7.72 -24.02 -20.13
CA TYR A 45 -8.42 -23.02 -20.91
C TYR A 45 -7.37 -22.22 -21.67
N SER A 46 -7.65 -21.95 -22.94
CA SER A 46 -6.71 -21.19 -23.75
C SER A 46 -7.46 -20.22 -24.63
N VAL A 47 -6.73 -19.20 -25.11
CA VAL A 47 -7.28 -18.16 -25.94
C VAL A 47 -6.50 -18.13 -27.25
N SER A 48 -6.97 -17.30 -28.17
CA SER A 48 -6.33 -17.15 -29.47
C SER A 48 -6.50 -15.73 -29.98
N THR A 65 -1.40 -16.67 -28.31
CA THR A 65 -2.40 -17.69 -28.04
C THR A 65 -2.05 -18.43 -26.74
N ARG A 66 -1.94 -17.66 -25.67
CA ARG A 66 -1.54 -18.19 -24.37
C ARG A 66 -2.63 -19.07 -23.74
N GLN A 67 -2.17 -20.00 -22.91
CA GLN A 67 -3.04 -20.86 -22.11
C GLN A 67 -3.28 -20.19 -20.76
N ILE A 68 -4.49 -20.32 -20.24
CA ILE A 68 -4.89 -19.63 -19.02
C ILE A 68 -4.88 -20.54 -17.80
N LEU A 69 -5.53 -21.71 -17.89
CA LEU A 69 -5.61 -22.66 -16.79
C LEU A 69 -4.90 -23.95 -17.18
N LYS A 70 -4.37 -24.66 -16.18
CA LYS A 70 -3.72 -25.95 -16.42
C LYS A 70 -3.99 -26.92 -15.28
N ASP A 71 -4.68 -28.02 -15.58
CA ASP A 71 -4.90 -29.18 -14.70
C ASP A 71 -5.40 -28.86 -13.29
N VAL A 72 -6.39 -27.98 -13.19
CA VAL A 72 -6.94 -27.56 -11.91
C VAL A 72 -8.05 -28.52 -11.51
N SER A 73 -7.83 -29.29 -10.45
CA SER A 73 -8.83 -30.20 -9.89
C SER A 73 -9.31 -29.64 -8.57
N LEU A 74 -10.61 -29.76 -8.30
CA LEU A 74 -11.17 -29.21 -7.06
C LEU A 74 -12.36 -30.04 -6.63
N TYR A 75 -12.61 -30.08 -5.33
CA TYR A 75 -13.79 -30.77 -4.80
C TYR A 75 -14.35 -29.98 -3.63
N VAL A 76 -15.64 -29.65 -3.67
CA VAL A 76 -16.28 -28.93 -2.56
C VAL A 76 -17.68 -29.51 -2.37
N GLU A 77 -18.12 -29.63 -1.12
CA GLU A 77 -19.45 -30.16 -0.82
C GLU A 77 -20.36 -29.09 -0.25
N SER A 78 -21.66 -29.40 -0.25
CA SER A 78 -22.68 -28.54 0.35
C SER A 78 -22.38 -28.24 1.81
N GLY A 79 -22.55 -26.99 2.18
CA GLY A 79 -22.23 -26.54 3.51
C GLY A 79 -20.87 -25.93 3.65
N GLN A 80 -20.01 -26.10 2.64
CA GLN A 80 -18.64 -25.62 2.64
C GLN A 80 -18.51 -24.33 1.85
N ILE A 81 -17.61 -23.48 2.30
CA ILE A 81 -17.25 -22.24 1.63
C ILE A 81 -15.80 -22.35 1.17
N MET A 82 -15.57 -22.14 -0.12
CA MET A 82 -14.23 -22.21 -0.70
C MET A 82 -13.79 -20.83 -1.17
N CYS A 83 -12.61 -20.41 -0.72
CA CYS A 83 -12.03 -19.14 -1.13
C CYS A 83 -10.87 -19.41 -2.08
N ILE A 84 -10.90 -18.79 -3.26
CA ILE A 84 -9.84 -18.93 -4.25
C ILE A 84 -8.96 -17.69 -4.22
N LEU A 85 -7.66 -17.88 -4.02
CA LEU A 85 -6.66 -16.84 -3.91
C LEU A 85 -5.75 -16.83 -5.13
N GLY A 86 -5.17 -15.67 -5.38
CA GLY A 86 -4.21 -15.54 -6.46
C GLY A 86 -3.83 -14.10 -6.64
N SER A 87 -2.77 -13.90 -7.41
CA SER A 87 -2.27 -12.59 -7.72
C SER A 87 -2.68 -12.23 -9.15
N SER A 88 -2.10 -11.16 -9.69
CA SER A 88 -2.39 -10.74 -11.05
C SER A 88 -1.99 -11.83 -12.05
N GLY A 89 -2.87 -12.14 -12.98
CA GLY A 89 -2.58 -13.15 -13.97
C GLY A 89 -2.81 -14.57 -13.52
N SER A 90 -3.25 -14.78 -12.28
CA SER A 90 -3.46 -16.12 -11.73
C SER A 90 -4.55 -16.90 -12.46
N GLY A 91 -5.54 -16.23 -13.05
CA GLY A 91 -6.59 -16.94 -13.74
C GLY A 91 -7.78 -17.37 -12.91
N LYS A 92 -7.87 -16.94 -11.64
CA LYS A 92 -9.00 -17.31 -10.79
C LYS A 92 -10.34 -16.77 -11.29
N THR A 93 -10.35 -15.58 -11.91
CA THR A 93 -11.60 -15.03 -12.42
C THR A 93 -12.02 -15.75 -13.67
N THR A 94 -11.04 -16.15 -14.47
CA THR A 94 -11.31 -16.97 -15.64
C THR A 94 -11.92 -18.31 -15.23
N LEU A 95 -11.42 -18.89 -14.13
CA LEU A 95 -11.97 -20.14 -13.62
C LEU A 95 -13.43 -19.99 -13.21
N LEU A 96 -13.77 -18.89 -12.52
CA LEU A 96 -15.18 -18.67 -12.20
C LEU A 96 -16.02 -18.43 -13.44
N ASP A 97 -15.49 -17.69 -14.41
CA ASP A 97 -16.21 -17.43 -15.65
C ASP A 97 -16.43 -18.71 -16.44
N ALA A 98 -15.46 -19.61 -16.39
CA ALA A 98 -15.59 -20.92 -17.03
C ALA A 98 -16.69 -21.75 -16.36
N MET A 99 -16.70 -21.78 -15.02
CA MET A 99 -17.73 -22.57 -14.34
C MET A 99 -19.13 -22.01 -14.54
N SER A 100 -19.26 -20.68 -14.57
CA SER A 100 -20.59 -20.11 -14.72
C SER A 100 -21.09 -20.11 -16.15
N GLY A 101 -20.26 -20.48 -17.12
CA GLY A 101 -20.69 -20.49 -18.50
C GLY A 101 -20.80 -19.14 -19.17
N ARG A 102 -20.02 -18.17 -18.73
CA ARG A 102 -20.10 -16.83 -19.29
C ARG A 102 -19.16 -16.64 -20.47
N LEU A 103 -18.43 -17.68 -20.87
CA LEU A 103 -17.52 -17.60 -22.02
C LEU A 103 -18.19 -17.98 -23.34
N GLY A 104 -18.98 -19.04 -23.35
CA GLY A 104 -19.68 -19.48 -24.54
C GLY A 104 -18.78 -20.08 -25.60
N ARG A 105 -17.99 -19.22 -26.26
CA ARG A 105 -17.02 -19.69 -27.25
C ARG A 105 -15.74 -18.85 -27.25
N ALA A 106 -15.49 -18.09 -26.18
CA ALA A 106 -14.30 -17.23 -26.07
C ALA A 106 -12.99 -18.00 -26.21
N GLY A 107 -12.97 -19.25 -25.81
CA GLY A 107 -11.77 -20.06 -25.90
C GLY A 107 -12.13 -21.53 -25.78
N THR A 108 -11.11 -22.36 -25.65
CA THR A 108 -11.31 -23.80 -25.59
C THR A 108 -11.17 -24.29 -24.16
N PHE A 109 -12.23 -24.90 -23.63
CA PHE A 109 -12.25 -25.44 -22.29
C PHE A 109 -12.25 -26.96 -22.39
N LEU A 110 -11.19 -27.61 -21.91
CA LEU A 110 -11.00 -29.04 -22.05
C LEU A 110 -11.33 -29.81 -20.77
N GLY A 111 -11.91 -29.16 -19.77
CA GLY A 111 -12.13 -29.81 -18.51
C GLY A 111 -13.40 -30.64 -18.43
N GLU A 112 -13.62 -31.21 -17.24
CA GLU A 112 -14.80 -32.01 -16.94
C GLU A 112 -15.33 -31.57 -15.59
N VAL A 113 -16.59 -31.16 -15.54
CA VAL A 113 -17.22 -30.65 -14.33
C VAL A 113 -18.34 -31.60 -13.93
N TYR A 114 -18.28 -32.12 -12.71
CA TYR A 114 -19.23 -33.09 -12.20
C TYR A 114 -20.01 -32.48 -11.05
N VAL A 115 -21.34 -32.54 -11.12
CA VAL A 115 -22.19 -32.07 -10.03
C VAL A 115 -23.10 -33.22 -9.65
N ASN A 116 -23.05 -33.61 -8.37
CA ASN A 116 -23.81 -34.73 -7.79
C ASN A 116 -23.66 -36.01 -8.59
N GLY A 117 -22.43 -36.29 -9.03
CA GLY A 117 -22.15 -37.49 -9.77
C GLY A 117 -22.36 -37.42 -11.25
N ARG A 118 -22.91 -36.33 -11.77
CA ARG A 118 -23.21 -36.23 -13.20
C ARG A 118 -22.37 -35.14 -13.84
N ALA A 119 -21.73 -35.50 -14.96
CA ALA A 119 -21.01 -34.52 -15.76
C ALA A 119 -22.00 -33.54 -16.37
N LEU A 120 -21.64 -32.27 -16.41
CA LEU A 120 -22.48 -31.29 -17.07
C LEU A 120 -21.98 -30.96 -18.46
N ARG A 121 -22.92 -30.63 -19.33
CA ARG A 121 -22.67 -30.08 -20.65
C ARG A 121 -22.49 -28.57 -20.53
N ARG A 122 -21.79 -27.98 -21.51
CA ARG A 122 -21.52 -26.53 -21.50
C ARG A 122 -22.80 -25.71 -21.47
N GLU A 123 -23.79 -26.11 -22.26
CA GLU A 123 -25.06 -25.41 -22.34
C GLU A 123 -25.89 -25.50 -21.07
N GLN A 124 -25.51 -26.37 -20.12
CA GLN A 124 -26.19 -26.49 -18.86
C GLN A 124 -25.54 -25.65 -17.76
N PHE A 125 -24.37 -25.06 -18.04
CA PHE A 125 -23.63 -24.31 -17.02
C PHE A 125 -24.44 -23.13 -16.51
N GLN A 126 -25.15 -22.45 -17.40
CA GLN A 126 -25.97 -21.32 -16.98
C GLN A 126 -27.17 -21.75 -16.14
N ASP A 127 -27.53 -23.04 -16.16
CA ASP A 127 -28.69 -23.52 -15.42
C ASP A 127 -28.33 -24.17 -14.09
N CYS A 128 -27.09 -24.15 -13.71
CA CYS A 128 -26.71 -24.77 -12.45
C CYS A 128 -26.03 -23.81 -11.49
N PHE A 129 -25.22 -22.90 -12.00
CA PHE A 129 -24.33 -22.05 -11.20
C PHE A 129 -24.81 -20.61 -11.20
N SER A 130 -25.01 -20.04 -10.01
CA SER A 130 -25.26 -18.62 -9.98
C SER A 130 -23.94 -17.88 -10.04
N TYR A 131 -23.98 -16.59 -10.32
CA TYR A 131 -22.75 -15.80 -10.40
C TYR A 131 -23.07 -14.35 -10.07
N VAL A 132 -22.30 -13.78 -9.14
CA VAL A 132 -22.46 -12.38 -8.77
C VAL A 132 -21.19 -11.63 -9.15
N LEU A 133 -21.33 -10.55 -9.90
CA LEU A 133 -20.17 -9.80 -10.33
C LEU A 133 -19.72 -8.84 -9.22
N GLN A 134 -18.46 -8.42 -9.30
CA GLN A 134 -17.88 -7.55 -8.28
C GLN A 134 -18.43 -6.14 -8.28
N SER A 135 -19.18 -5.74 -9.30
CA SER A 135 -19.71 -4.38 -9.35
C SER A 135 -21.16 -4.47 -9.76
N ASP A 136 -22.05 -4.12 -8.83
CA ASP A 136 -23.48 -4.25 -9.02
C ASP A 136 -24.07 -2.93 -9.51
N THR A 137 -24.72 -2.97 -10.66
CA THR A 137 -25.39 -1.79 -11.19
C THR A 137 -26.88 -1.94 -10.91
N LEU A 138 -27.43 -1.01 -10.12
CA LEU A 138 -28.83 -1.01 -9.76
C LEU A 138 -29.48 0.25 -10.31
N LEU A 139 -30.81 0.23 -10.41
CA LEU A 139 -31.57 1.39 -10.84
C LEU A 139 -31.94 2.22 -9.62
N SER A 140 -31.32 3.39 -9.51
CA SER A 140 -31.42 4.25 -8.33
C SER A 140 -32.81 4.76 -8.04
N SER A 141 -33.71 4.79 -9.02
CA SER A 141 -35.05 5.31 -8.80
C SER A 141 -36.02 4.30 -8.19
N LEU A 142 -35.66 3.05 -8.10
CA LEU A 142 -36.55 2.02 -7.58
C LEU A 142 -36.22 1.70 -6.14
N THR A 143 -37.20 1.13 -5.44
CA THR A 143 -36.97 0.64 -4.09
C THR A 143 -36.46 -0.81 -4.15
N VAL A 144 -36.01 -1.30 -2.99
CA VAL A 144 -35.54 -2.66 -2.88
C VAL A 144 -36.64 -3.66 -3.20
N ARG A 145 -37.84 -3.42 -2.65
CA ARG A 145 -38.99 -4.29 -2.90
C ARG A 145 -39.36 -4.30 -4.37
N GLU A 146 -39.39 -3.13 -5.01
CA GLU A 146 -39.71 -3.05 -6.43
C GLU A 146 -38.66 -3.75 -7.28
N THR A 147 -37.38 -3.56 -6.96
CA THR A 147 -36.29 -4.18 -7.71
C THR A 147 -36.38 -5.70 -7.67
N LEU A 148 -36.59 -6.24 -6.46
CA LEU A 148 -36.69 -7.68 -6.31
C LEU A 148 -37.98 -8.20 -6.92
N HIS A 149 -39.05 -7.39 -6.86
CA HIS A 149 -40.32 -7.75 -7.47
C HIS A 149 -40.20 -7.89 -8.98
N TYR A 150 -39.61 -6.89 -9.65
CA TYR A 150 -39.41 -6.93 -11.10
C TYR A 150 -38.51 -8.10 -11.50
N THR A 151 -37.47 -8.35 -10.70
CA THR A 151 -36.59 -9.49 -10.94
C THR A 151 -37.36 -10.81 -10.88
N ALA A 152 -38.20 -10.96 -9.84
CA ALA A 152 -39.04 -12.15 -9.72
C ALA A 152 -40.04 -12.27 -10.88
N LEU A 153 -40.60 -11.14 -11.33
CA LEU A 153 -41.54 -11.15 -12.45
C LEU A 153 -40.89 -11.64 -13.72
N LEU A 154 -39.61 -11.33 -13.92
CA LEU A 154 -38.94 -11.83 -15.12
C LEU A 154 -38.42 -13.26 -14.94
N ALA A 155 -37.99 -13.60 -13.72
CA ALA A 155 -37.38 -14.90 -13.46
C ALA A 155 -38.37 -16.06 -13.48
N ILE A 156 -39.62 -15.86 -13.05
CA ILE A 156 -40.56 -16.96 -12.92
C ILE A 156 -41.80 -16.71 -13.78
N ARG A 157 -42.34 -17.79 -14.34
CA ARG A 157 -43.48 -17.81 -15.26
C ARG A 157 -44.85 -17.86 -14.58
N ARG A 158 -44.95 -18.48 -13.39
CA ARG A 158 -46.23 -18.72 -12.72
C ARG A 158 -46.98 -17.43 -12.39
N GLY A 159 -48.26 -17.56 -12.13
CA GLY A 159 -49.11 -16.43 -11.76
C GLY A 159 -49.32 -16.31 -10.27
N ASN A 160 -50.55 -15.89 -9.88
CA ASN A 160 -51.00 -15.64 -8.51
C ASN A 160 -50.10 -14.60 -7.83
N PRO A 161 -50.20 -13.28 -8.23
CA PRO A 161 -49.25 -12.23 -7.82
C PRO A 161 -48.78 -12.19 -6.37
N GLY A 162 -49.68 -12.53 -5.43
CA GLY A 162 -49.31 -12.61 -4.02
C GLY A 162 -48.15 -13.54 -3.75
N SER A 163 -48.07 -14.64 -4.52
CA SER A 163 -46.97 -15.61 -4.40
C SER A 163 -45.63 -14.94 -4.64
N PHE A 164 -45.58 -13.95 -5.54
CA PHE A 164 -44.32 -13.27 -5.84
C PHE A 164 -43.86 -12.51 -4.62
N GLN A 165 -44.81 -11.85 -3.93
CA GLN A 165 -44.47 -11.14 -2.70
C GLN A 165 -43.99 -12.12 -1.64
N LYS A 166 -44.59 -13.32 -1.65
CA LYS A 166 -44.21 -14.37 -0.72
C LYS A 166 -42.76 -14.77 -0.91
N LYS A 167 -42.33 -14.87 -2.17
CA LYS A 167 -40.93 -15.17 -2.41
C LYS A 167 -40.04 -13.97 -2.08
N VAL A 168 -40.47 -12.77 -2.48
CA VAL A 168 -39.64 -11.58 -2.36
C VAL A 168 -39.39 -11.23 -0.90
N GLU A 169 -40.45 -11.24 -0.09
CA GLU A 169 -40.33 -10.96 1.33
C GLU A 169 -39.42 -11.97 2.00
N ALA A 170 -39.47 -13.22 1.53
CA ALA A 170 -38.63 -14.28 2.09
C ALA A 170 -37.16 -13.97 1.90
N VAL A 171 -36.75 -13.53 0.69
CA VAL A 171 -35.34 -13.23 0.52
C VAL A 171 -34.98 -11.96 1.28
N MET A 172 -35.92 -11.01 1.40
CA MET A 172 -35.64 -9.80 2.17
C MET A 172 -35.55 -10.11 3.65
N ALA A 173 -36.04 -11.28 4.05
CA ALA A 173 -35.86 -11.75 5.41
C ALA A 173 -34.52 -12.43 5.57
N GLU A 174 -34.17 -13.30 4.60
CA GLU A 174 -32.94 -14.08 4.67
C GLU A 174 -31.68 -13.21 4.70
N LEU A 175 -31.65 -12.14 3.92
CA LEU A 175 -30.47 -11.30 3.87
C LEU A 175 -30.62 -10.00 4.65
N SER A 176 -31.58 -9.95 5.58
CA SER A 176 -31.86 -8.79 6.43
C SER A 176 -32.10 -7.51 5.62
N LEU A 177 -32.94 -7.63 4.59
CA LEU A 177 -33.32 -6.50 3.77
C LEU A 177 -34.70 -5.94 4.10
N SER A 178 -35.49 -6.66 4.90
CA SER A 178 -36.80 -6.16 5.33
C SER A 178 -36.67 -4.87 6.13
N HIS A 179 -35.55 -4.71 6.83
CA HIS A 179 -35.22 -3.48 7.53
C HIS A 179 -35.16 -2.28 6.60
N VAL A 180 -34.78 -2.49 5.33
CA VAL A 180 -34.61 -1.41 4.39
C VAL A 180 -35.56 -1.54 3.19
N ALA A 181 -36.57 -2.39 3.31
CA ALA A 181 -37.60 -2.50 2.29
C ALA A 181 -38.38 -1.19 2.22
N ASP A 182 -38.84 -0.86 1.01
CA ASP A 182 -39.61 0.34 0.67
C ASP A 182 -38.80 1.62 0.82
N ARG A 183 -37.49 1.53 1.04
CA ARG A 183 -36.63 2.68 1.05
C ARG A 183 -36.03 2.84 -0.35
N LEU A 184 -35.93 4.08 -0.81
CA LEU A 184 -35.35 4.38 -2.11
C LEU A 184 -33.87 4.02 -2.10
N ILE A 185 -33.42 3.37 -3.19
CA ILE A 185 -32.00 2.98 -3.29
C ILE A 185 -31.09 4.21 -3.32
N GLY A 186 -31.32 5.12 -4.26
CA GLY A 186 -30.58 6.37 -4.18
C GLY A 186 -29.07 6.33 -4.40
N ASN A 187 -28.44 7.40 -3.91
CA ASN A 187 -27.01 7.63 -3.94
C ASN A 187 -26.37 6.96 -2.72
N TYR A 188 -25.11 7.32 -2.41
CA TYR A 188 -24.32 6.71 -1.34
C TYR A 188 -25.01 6.82 0.03
N SER A 189 -24.44 6.07 0.99
CA SER A 189 -24.97 5.76 2.32
C SER A 189 -25.58 6.91 3.11
N LEU A 190 -24.91 8.06 3.11
CA LEU A 190 -25.41 9.24 3.82
C LEU A 190 -26.76 9.72 3.29
N GLY A 191 -26.97 9.61 1.98
CA GLY A 191 -28.19 10.10 1.37
C GLY A 191 -28.95 9.03 0.62
N GLY A 192 -28.73 7.77 0.99
CA GLY A 192 -29.38 6.66 0.31
C GLY A 192 -28.99 5.35 0.95
N ILE A 193 -29.15 4.28 0.19
CA ILE A 193 -28.86 2.93 0.68
C ILE A 193 -27.35 2.75 0.78
N SER A 194 -26.88 2.01 1.78
CA SER A 194 -25.46 1.80 1.95
C SER A 194 -24.93 0.77 0.95
N THR A 195 -23.60 0.70 0.84
CA THR A 195 -22.93 -0.20 -0.11
C THR A 195 -23.15 -1.67 0.24
N GLY A 196 -23.01 -2.02 1.52
CA GLY A 196 -23.23 -3.39 1.95
C GLY A 196 -24.65 -3.86 1.67
N GLU A 197 -25.61 -2.96 1.88
CA GLU A 197 -26.99 -3.25 1.55
C GLU A 197 -27.17 -3.46 0.04
N ARG A 198 -26.45 -2.69 -0.80
CA ARG A 198 -26.50 -2.91 -2.24
C ARG A 198 -25.97 -4.30 -2.61
N ARG A 199 -24.89 -4.74 -1.95
CA ARG A 199 -24.38 -6.08 -2.18
C ARG A 199 -25.41 -7.13 -1.82
N ARG A 200 -26.08 -6.92 -0.68
CA ARG A 200 -27.12 -7.86 -0.28
C ARG A 200 -28.31 -7.86 -1.23
N VAL A 201 -28.65 -6.69 -1.80
CA VAL A 201 -29.73 -6.60 -2.79
C VAL A 201 -29.41 -7.43 -4.02
N SER A 202 -28.18 -7.32 -4.52
CA SER A 202 -27.75 -8.13 -5.67
C SER A 202 -27.76 -9.62 -5.36
N ILE A 203 -27.29 -9.98 -4.16
CA ILE A 203 -27.30 -11.39 -3.75
C ILE A 203 -28.74 -11.90 -3.66
N ALA A 204 -29.64 -11.10 -3.10
CA ALA A 204 -31.07 -11.44 -3.04
C ALA A 204 -31.66 -11.64 -4.43
N ALA A 205 -31.29 -10.76 -5.37
CA ALA A 205 -31.75 -10.87 -6.75
C ALA A 205 -31.30 -12.19 -7.36
N GLN A 206 -30.12 -12.67 -6.98
CA GLN A 206 -29.72 -13.99 -7.46
C GLN A 206 -30.45 -15.09 -6.71
N LEU A 207 -30.69 -14.91 -5.40
CA LEU A 207 -31.40 -15.89 -4.58
C LEU A 207 -32.86 -16.08 -4.98
N LEU A 208 -33.47 -15.11 -5.67
CA LEU A 208 -34.86 -15.23 -6.11
C LEU A 208 -35.13 -16.45 -6.99
N GLN A 209 -34.11 -17.05 -7.59
CA GLN A 209 -34.28 -18.29 -8.32
C GLN A 209 -33.80 -19.49 -7.51
N ASP A 210 -33.47 -19.27 -6.25
CA ASP A 210 -33.01 -20.31 -5.31
C ASP A 210 -31.85 -21.17 -5.82
N PRO A 211 -30.70 -20.60 -6.17
CA PRO A 211 -29.58 -21.41 -6.65
C PRO A 211 -29.01 -22.29 -5.56
N LYS A 212 -28.38 -23.39 -5.96
CA LYS A 212 -27.75 -24.30 -5.02
C LYS A 212 -26.22 -24.21 -5.02
N VAL A 213 -25.62 -23.75 -6.11
CA VAL A 213 -24.19 -23.53 -6.21
C VAL A 213 -24.03 -22.07 -6.59
N MET A 214 -23.28 -21.31 -5.82
CA MET A 214 -23.14 -19.89 -6.05
C MET A 214 -21.67 -19.51 -6.21
N LEU A 215 -21.38 -18.69 -7.22
CA LEU A 215 -20.04 -18.22 -7.52
C LEU A 215 -20.01 -16.71 -7.33
N PHE A 216 -19.11 -16.24 -6.49
CA PHE A 216 -18.97 -14.82 -6.20
C PHE A 216 -17.61 -14.33 -6.66
N ASP A 217 -17.61 -13.38 -7.57
CA ASP A 217 -16.38 -12.80 -8.11
C ASP A 217 -16.04 -11.59 -7.26
N GLU A 218 -15.04 -11.74 -6.39
CA GLU A 218 -14.50 -10.72 -5.48
C GLU A 218 -15.55 -9.84 -4.77
N PRO A 219 -16.42 -10.42 -3.95
CA PRO A 219 -17.52 -9.63 -3.35
C PRO A 219 -17.08 -8.50 -2.42
N THR A 220 -15.84 -8.47 -1.96
CA THR A 220 -15.40 -7.46 -1.01
C THR A 220 -14.26 -6.64 -1.63
N THR A 221 -14.58 -5.76 -2.56
CA THR A 221 -13.55 -4.95 -3.21
C THR A 221 -13.63 -3.46 -2.91
N GLY A 222 -14.82 -2.91 -2.76
CA GLY A 222 -14.96 -1.49 -2.53
C GLY A 222 -15.55 -1.24 -1.18
N LEU A 223 -15.43 -2.24 -0.31
CA LEU A 223 -16.04 -2.23 1.01
C LEU A 223 -14.98 -1.88 2.05
N ASP A 224 -15.45 -1.36 3.17
CA ASP A 224 -14.58 -1.12 4.31
C ASP A 224 -14.38 -2.44 5.05
N CYS A 225 -13.61 -2.43 6.14
CA CYS A 225 -13.26 -3.66 6.81
C CYS A 225 -14.45 -4.27 7.54
N MET A 226 -15.35 -3.42 8.05
CA MET A 226 -16.49 -3.92 8.80
C MET A 226 -17.56 -4.43 7.86
N THR A 227 -17.73 -3.74 6.72
CA THR A 227 -18.70 -4.16 5.72
C THR A 227 -18.27 -5.46 5.06
N ALA A 228 -16.98 -5.55 4.70
CA ALA A 228 -16.44 -6.77 4.09
C ALA A 228 -16.53 -7.95 5.05
N ASN A 229 -16.27 -7.70 6.34
CA ASN A 229 -16.40 -8.79 7.31
C ASN A 229 -17.85 -9.24 7.43
N GLN A 230 -18.79 -8.28 7.40
CA GLN A 230 -20.20 -8.62 7.48
C GLN A 230 -20.65 -9.42 6.25
N ILE A 231 -20.14 -9.06 5.07
CA ILE A 231 -20.47 -9.80 3.84
C ILE A 231 -19.94 -11.22 3.89
N VAL A 232 -18.70 -11.42 4.36
CA VAL A 232 -18.14 -12.77 4.45
C VAL A 232 -18.92 -13.61 5.46
N VAL A 233 -19.30 -13.02 6.59
CA VAL A 233 -20.13 -13.71 7.58
C VAL A 233 -21.48 -14.10 6.96
N LEU A 234 -22.06 -13.19 6.17
CA LEU A 234 -23.30 -13.49 5.44
C LEU A 234 -23.13 -14.67 4.50
N LEU A 235 -22.04 -14.68 3.72
CA LEU A 235 -21.81 -15.73 2.74
C LEU A 235 -21.60 -17.09 3.40
N VAL A 236 -20.87 -17.12 4.52
CA VAL A 236 -20.72 -18.39 5.23
C VAL A 236 -22.06 -18.86 5.77
N GLU A 237 -22.89 -17.95 6.28
CA GLU A 237 -24.24 -18.32 6.74
C GLU A 237 -25.07 -18.88 5.60
N LEU A 238 -24.98 -18.28 4.40
CA LEU A 238 -25.67 -18.79 3.22
C LEU A 238 -25.17 -20.16 2.83
N ALA A 239 -23.86 -20.39 2.99
CA ALA A 239 -23.29 -21.72 2.72
C ALA A 239 -23.82 -22.75 3.69
N ARG A 240 -23.96 -22.37 4.97
CA ARG A 240 -24.45 -23.29 6.02
C ARG A 240 -25.81 -23.88 5.69
N ARG A 241 -26.68 -23.11 5.05
CA ARG A 241 -28.05 -23.56 4.75
C ARG A 241 -28.09 -24.46 3.51
N ASN A 242 -27.36 -25.57 3.60
CA ASN A 242 -27.29 -26.64 2.58
C ASN A 242 -27.00 -26.11 1.17
N ARG A 243 -25.97 -25.26 1.06
CA ARG A 243 -25.66 -24.62 -0.21
C ARG A 243 -24.14 -24.62 -0.39
N ILE A 244 -23.68 -24.55 -1.65
CA ILE A 244 -22.25 -24.45 -1.99
C ILE A 244 -21.94 -23.01 -2.35
N VAL A 245 -20.95 -22.41 -1.68
CA VAL A 245 -20.53 -21.04 -1.95
C VAL A 245 -19.05 -21.07 -2.31
N VAL A 246 -18.70 -20.54 -3.49
CA VAL A 246 -17.33 -20.43 -3.95
C VAL A 246 -17.09 -18.97 -4.31
N LEU A 247 -16.08 -18.36 -3.71
CA LEU A 247 -15.82 -16.95 -3.96
C LEU A 247 -14.34 -16.71 -4.11
N THR A 248 -14.00 -15.60 -4.76
CA THR A 248 -12.62 -15.12 -4.79
C THR A 248 -12.47 -13.90 -3.88
N ILE A 249 -11.29 -13.72 -3.29
CA ILE A 249 -10.99 -12.55 -2.46
C ILE A 249 -9.64 -11.98 -2.86
N HIS A 250 -9.54 -10.65 -2.96
CA HIS A 250 -8.29 -9.99 -3.33
C HIS A 250 -7.28 -9.94 -2.17
N GLN A 251 -7.63 -9.29 -1.06
CA GLN A 251 -6.71 -9.08 0.07
C GLN A 251 -7.38 -9.46 1.37
N PRO A 252 -7.61 -10.75 1.62
CA PRO A 252 -8.35 -11.15 2.82
C PRO A 252 -7.59 -10.86 4.11
N ARG A 253 -8.34 -10.42 5.11
CA ARG A 253 -7.83 -10.12 6.44
C ARG A 253 -7.62 -11.40 7.25
N SER A 254 -6.86 -11.25 8.34
CA SER A 254 -6.46 -12.36 9.20
C SER A 254 -7.64 -13.09 9.82
N GLU A 255 -8.70 -12.36 10.17
CA GLU A 255 -9.88 -12.95 10.83
C GLU A 255 -10.56 -14.01 9.96
N LEU A 256 -10.59 -13.78 8.65
CA LEU A 256 -11.25 -14.66 7.70
C LEU A 256 -10.61 -16.06 7.61
N PHE A 257 -9.32 -16.19 7.91
CA PHE A 257 -8.60 -17.46 7.68
C PHE A 257 -9.20 -18.65 8.41
N GLN A 258 -9.65 -18.47 9.64
CA GLN A 258 -10.22 -19.59 10.38
C GLN A 258 -11.70 -19.77 10.10
N LEU A 259 -12.27 -18.94 9.24
CA LEU A 259 -13.68 -18.91 8.91
C LEU A 259 -14.01 -19.76 7.69
N PHE A 260 -13.14 -19.78 6.67
CA PHE A 260 -13.40 -20.55 5.47
C PHE A 260 -13.17 -22.04 5.70
N ASP A 261 -13.89 -22.86 4.93
CA ASP A 261 -13.73 -24.29 5.03
C ASP A 261 -12.63 -24.81 4.12
N LYS A 262 -12.49 -24.23 2.93
CA LYS A 262 -11.39 -24.59 2.06
C LYS A 262 -10.79 -23.36 1.42
N ILE A 263 -9.48 -23.37 1.26
CA ILE A 263 -8.73 -22.30 0.61
C ILE A 263 -7.93 -22.93 -0.52
N ALA A 264 -7.98 -22.32 -1.69
CA ALA A 264 -7.26 -22.78 -2.88
C ALA A 264 -6.42 -21.63 -3.40
N ILE A 265 -5.21 -21.92 -3.87
CA ILE A 265 -4.29 -20.91 -4.40
C ILE A 265 -3.97 -21.26 -5.84
N LEU A 266 -4.18 -20.30 -6.74
CA LEU A 266 -3.80 -20.44 -8.12
C LEU A 266 -2.69 -19.46 -8.46
N SER A 267 -1.81 -19.85 -9.37
CA SER A 267 -0.81 -18.93 -9.90
C SER A 267 -0.51 -19.33 -11.34
N PHE A 268 -0.80 -18.41 -12.27
CA PHE A 268 -0.67 -18.60 -13.71
C PHE A 268 -1.39 -19.85 -14.20
N GLY A 269 -2.54 -20.12 -13.60
CA GLY A 269 -3.32 -21.27 -13.98
C GLY A 269 -2.97 -22.54 -13.28
N GLU A 270 -1.87 -22.57 -12.51
CA GLU A 270 -1.50 -23.79 -11.83
C GLU A 270 -2.12 -23.76 -10.44
N LEU A 271 -2.52 -24.93 -9.96
CA LEU A 271 -3.06 -25.05 -8.63
C LEU A 271 -1.94 -25.41 -7.69
N ILE A 272 -1.67 -24.52 -6.74
CA ILE A 272 -0.56 -24.73 -5.82
C ILE A 272 -1.02 -25.44 -4.56
N PHE A 273 -2.13 -25.02 -3.97
CA PHE A 273 -2.60 -25.72 -2.79
C PHE A 273 -4.12 -25.68 -2.77
N CYS A 274 -4.72 -26.72 -2.23
CA CYS A 274 -6.15 -26.75 -1.95
C CYS A 274 -6.40 -27.67 -0.77
N GLY A 275 -6.95 -27.11 0.30
CA GLY A 275 -7.22 -27.88 1.51
C GLY A 275 -7.74 -26.95 2.58
N THR A 276 -7.94 -27.51 3.76
CA THR A 276 -8.47 -26.73 4.87
C THR A 276 -7.36 -25.88 5.48
N PRO A 277 -7.70 -24.83 6.25
CA PRO A 277 -6.68 -24.06 6.97
C PRO A 277 -5.72 -24.86 7.85
N ALA A 278 -6.21 -25.86 8.57
CA ALA A 278 -5.32 -26.72 9.36
C ALA A 278 -4.37 -27.48 8.45
N GLU A 279 -4.91 -28.07 7.39
CA GLU A 279 -4.10 -28.77 6.40
C GLU A 279 -3.13 -27.82 5.71
N MET A 280 -3.55 -26.56 5.54
CA MET A 280 -2.68 -25.55 4.94
C MET A 280 -1.46 -25.29 5.80
N LEU A 281 -1.66 -25.08 7.10
CA LEU A 281 -0.54 -24.84 8.02
C LEU A 281 0.36 -26.06 8.11
N ASP A 282 -0.22 -27.26 8.17
CA ASP A 282 0.60 -28.47 8.26
C ASP A 282 1.40 -28.72 6.99
N PHE A 283 0.78 -28.51 5.82
CA PHE A 283 1.46 -28.66 4.54
C PHE A 283 2.63 -27.70 4.43
N PHE A 284 2.40 -26.42 4.70
CA PHE A 284 3.49 -25.46 4.56
C PHE A 284 4.56 -25.63 5.63
N ASN A 285 4.21 -26.13 6.82
CA ASN A 285 5.26 -26.44 7.80
C ASN A 285 6.11 -27.61 7.34
N ASP A 286 5.48 -28.63 6.72
CA ASP A 286 6.24 -29.76 6.18
C ASP A 286 7.19 -29.33 5.08
N CYS A 287 6.83 -28.35 4.28
CA CYS A 287 7.69 -27.86 3.20
C CYS A 287 8.82 -26.97 3.68
N GLY A 288 8.89 -26.67 4.97
CA GLY A 288 9.97 -25.83 5.49
C GLY A 288 9.69 -24.35 5.56
N TYR A 289 8.42 -23.93 5.47
CA TYR A 289 8.06 -22.51 5.51
C TYR A 289 7.11 -22.28 6.68
N PRO A 290 7.63 -22.07 7.89
CA PRO A 290 6.74 -21.76 9.00
C PRO A 290 6.25 -20.33 8.89
N CYS A 291 5.04 -20.11 9.39
CA CYS A 291 4.48 -18.77 9.33
C CYS A 291 5.14 -17.88 10.38
N PRO A 292 5.57 -16.67 10.00
CA PRO A 292 6.09 -15.72 10.98
C PRO A 292 5.09 -15.32 12.05
N GLU A 293 5.65 -14.96 13.21
CA GLU A 293 4.98 -14.52 14.43
C GLU A 293 3.72 -13.67 14.25
N HIS A 294 3.85 -12.50 13.63
CA HIS A 294 2.73 -11.57 13.51
C HIS A 294 2.27 -11.36 12.07
N SER A 295 2.48 -12.32 11.19
CA SER A 295 2.03 -12.14 9.83
C SER A 295 0.63 -12.71 9.63
N ASN A 296 -0.08 -12.12 8.69
CA ASN A 296 -1.36 -12.62 8.23
C ASN A 296 -1.08 -13.83 7.35
N PRO A 297 -1.59 -15.02 7.69
CA PRO A 297 -1.37 -16.22 6.86
C PRO A 297 -1.70 -16.05 5.38
N PHE A 298 -2.70 -15.24 5.04
CA PHE A 298 -3.00 -15.04 3.63
C PHE A 298 -1.94 -14.20 2.95
N ASP A 299 -1.34 -13.26 3.70
CA ASP A 299 -0.31 -12.42 3.12
C ASP A 299 0.98 -13.19 2.95
N PHE A 300 1.34 -13.97 3.95
CA PHE A 300 2.56 -14.77 3.90
C PHE A 300 2.48 -15.82 2.81
N TYR A 301 1.41 -16.60 2.76
CA TYR A 301 1.31 -17.64 1.74
C TYR A 301 1.14 -17.07 0.35
N MET A 302 0.45 -15.92 0.21
CA MET A 302 0.33 -15.31 -1.10
C MET A 302 1.68 -14.79 -1.59
N ASP A 303 2.52 -14.27 -0.67
CA ASP A 303 3.85 -13.83 -1.07
C ASP A 303 4.74 -15.01 -1.43
N LEU A 304 4.66 -16.07 -0.65
CA LEU A 304 5.45 -17.28 -0.88
C LEU A 304 5.16 -17.92 -2.23
N THR A 305 3.89 -17.94 -2.66
CA THR A 305 3.49 -18.61 -3.89
C THR A 305 3.41 -17.71 -5.11
N SER A 306 3.85 -16.46 -5.03
CA SER A 306 3.79 -15.55 -6.16
C SER A 306 5.16 -15.45 -6.84
N VAL A 307 5.18 -14.84 -8.02
CA VAL A 307 6.39 -14.65 -8.81
C VAL A 307 6.73 -13.16 -8.91
N ASP A 308 7.96 -12.81 -8.56
CA ASP A 308 8.45 -11.43 -8.58
C ASP A 308 9.04 -11.17 -9.96
N THR A 309 8.43 -10.26 -10.73
CA THR A 309 8.85 -10.01 -12.11
C THR A 309 9.66 -8.72 -12.26
N GLN A 310 10.21 -8.17 -11.17
CA GLN A 310 11.04 -6.97 -11.28
C GLN A 310 12.32 -7.21 -12.07
N SER A 311 12.91 -8.39 -11.97
CA SER A 311 14.17 -8.68 -12.64
C SER A 311 14.22 -10.17 -12.95
N LYS A 312 15.16 -10.53 -13.83
CA LYS A 312 15.26 -11.91 -14.30
C LYS A 312 15.68 -12.87 -13.19
N GLU A 313 16.57 -12.42 -12.30
CA GLU A 313 17.04 -13.26 -11.20
C GLU A 313 15.89 -13.60 -10.27
N ARG A 314 15.01 -12.62 -10.05
CA ARG A 314 13.88 -12.81 -9.16
C ARG A 314 12.82 -13.68 -9.79
N GLU A 315 12.55 -13.49 -11.08
CA GLU A 315 11.57 -14.32 -11.77
C GLU A 315 12.00 -15.78 -11.78
N ILE A 316 13.29 -16.06 -12.02
CA ILE A 316 13.77 -17.43 -12.02
C ILE A 316 13.73 -18.04 -10.61
N GLU A 317 14.24 -17.29 -9.61
CA GLU A 317 14.26 -17.78 -8.22
C GLU A 317 12.87 -18.10 -7.70
N THR A 318 11.92 -17.18 -7.92
CA THR A 318 10.59 -17.38 -7.39
C THR A 318 9.81 -18.39 -8.21
N SER A 319 10.09 -18.50 -9.52
CA SER A 319 9.47 -19.55 -10.32
C SER A 319 9.90 -20.93 -9.83
N LYS A 320 11.19 -21.10 -9.55
CA LYS A 320 11.67 -22.37 -9.01
C LYS A 320 11.07 -22.69 -7.65
N ARG A 321 10.98 -21.68 -6.77
CA ARG A 321 10.36 -21.88 -5.45
C ARG A 321 8.89 -22.30 -5.57
N VAL A 322 8.14 -21.63 -6.45
CA VAL A 322 6.73 -21.95 -6.67
C VAL A 322 6.59 -23.35 -7.24
N GLN A 323 7.45 -23.73 -8.19
CA GLN A 323 7.41 -25.08 -8.75
C GLN A 323 7.73 -26.13 -7.70
N MET A 324 8.64 -25.83 -6.77
CA MET A 324 8.93 -26.77 -5.68
C MET A 324 7.71 -26.98 -4.80
N ILE A 325 6.99 -25.89 -4.51
CA ILE A 325 5.79 -26.01 -3.68
C ILE A 325 4.69 -26.79 -4.40
N GLU A 326 4.44 -26.45 -5.67
CA GLU A 326 3.41 -27.13 -6.46
C GLU A 326 3.73 -28.62 -6.65
N SER A 327 5.00 -28.93 -6.88
CA SER A 327 5.44 -30.32 -7.00
C SER A 327 5.23 -31.08 -5.70
N ALA A 328 5.59 -30.46 -4.57
CA ALA A 328 5.37 -31.08 -3.27
C ALA A 328 3.88 -31.33 -3.04
N TYR A 329 3.03 -30.41 -3.50
CA TYR A 329 1.58 -30.57 -3.38
C TYR A 329 1.05 -31.77 -4.16
N LYS A 330 1.43 -31.89 -5.45
CA LYS A 330 0.88 -32.94 -6.32
C LYS A 330 1.08 -34.34 -5.77
N LYS A 331 2.20 -34.60 -5.12
CA LYS A 331 2.48 -35.92 -4.56
C LYS A 331 1.87 -36.14 -3.18
N SER A 332 1.22 -35.13 -2.61
CA SER A 332 0.76 -35.20 -1.24
C SER A 332 -0.54 -36.00 -1.11
N ALA A 333 -0.83 -36.40 0.13
CA ALA A 333 -2.06 -37.12 0.46
C ALA A 333 -3.30 -36.29 0.18
N ILE A 334 -3.22 -34.97 0.36
CA ILE A 334 -4.39 -34.09 0.21
C ILE A 334 -4.90 -34.12 -1.23
N CYS A 335 -3.98 -33.96 -2.19
CA CYS A 335 -4.34 -33.99 -3.61
C CYS A 335 -4.93 -35.33 -4.01
N HIS A 336 -4.35 -36.42 -3.53
CA HIS A 336 -4.85 -37.74 -3.87
C HIS A 336 -6.23 -38.01 -3.26
N LYS A 337 -6.46 -37.55 -2.02
CA LYS A 337 -7.78 -37.66 -1.42
C LYS A 337 -8.82 -36.87 -2.19
N THR A 338 -8.47 -35.66 -2.66
CA THR A 338 -9.38 -34.87 -3.49
C THR A 338 -9.70 -35.58 -4.79
N LEU A 339 -8.67 -36.11 -5.47
CA LEU A 339 -8.87 -36.80 -6.73
C LEU A 339 -9.72 -38.05 -6.56
N LYS A 340 -9.49 -38.79 -5.48
CA LYS A 340 -10.32 -39.97 -5.21
C LYS A 340 -11.76 -39.61 -4.85
N ASN A 341 -11.98 -38.50 -4.12
CA ASN A 341 -13.35 -38.09 -3.83
C ASN A 341 -14.10 -37.73 -5.11
N ILE A 342 -13.39 -37.09 -6.04
CA ILE A 342 -13.98 -36.72 -7.33
C ILE A 342 -14.30 -37.98 -8.12
N GLU A 343 -13.37 -38.94 -8.13
CA GLU A 343 -13.62 -40.22 -8.81
C GLU A 343 -14.77 -40.97 -8.16
N ARG A 344 -14.82 -41.00 -6.82
CA ARG A 344 -15.83 -41.73 -6.07
C ARG A 344 -17.23 -41.24 -6.40
N MET A 345 -17.44 -39.91 -6.45
CA MET A 345 -18.78 -39.38 -6.71
C MET A 345 -19.32 -39.81 -8.08
N LYS A 346 -18.42 -40.08 -9.05
CA LYS A 346 -18.83 -40.51 -10.37
C LYS A 346 -19.51 -41.87 -10.38
N HIS A 347 -19.21 -42.74 -9.40
CA HIS A 347 -19.71 -44.10 -9.42
C HIS A 347 -20.69 -44.41 -8.28
N LEU A 348 -21.23 -43.39 -7.63
CA LEU A 348 -22.19 -43.58 -6.54
C LEU A 348 -23.58 -43.31 -7.07
N LYS A 349 -24.38 -44.37 -7.20
CA LYS A 349 -25.75 -44.23 -7.70
C LYS A 349 -26.69 -43.98 -6.53
N THR A 350 -26.50 -42.81 -5.93
CA THR A 350 -27.24 -42.42 -4.73
C THR A 350 -28.04 -41.15 -4.97
N LEU A 351 -27.37 -40.01 -5.20
CA LEU A 351 -28.04 -38.72 -5.38
C LEU A 351 -27.93 -38.03 -6.76
N PRO A 352 -28.12 -38.69 -7.93
CA PRO A 352 -28.15 -37.89 -9.18
C PRO A 352 -29.23 -36.81 -9.13
N MET A 353 -28.88 -35.61 -9.59
CA MET A 353 -29.75 -34.44 -9.56
C MET A 353 -29.73 -33.77 -10.93
N VAL A 354 -30.62 -32.80 -11.09
CA VAL A 354 -30.81 -32.08 -12.35
C VAL A 354 -30.44 -30.61 -12.15
N PRO A 355 -30.30 -29.80 -13.22
CA PRO A 355 -30.04 -28.36 -13.02
C PRO A 355 -31.11 -27.63 -12.23
N PHE A 356 -30.67 -26.55 -11.61
CA PHE A 356 -31.38 -25.75 -10.63
C PHE A 356 -31.78 -24.41 -11.24
N LYS A 357 -32.33 -23.54 -10.40
CA LYS A 357 -32.80 -22.18 -10.62
C LYS A 357 -34.16 -22.08 -11.30
N THR A 358 -34.77 -23.19 -11.74
CA THR A 358 -36.15 -23.26 -12.25
C THR A 358 -36.37 -22.41 -13.52
N LYS A 359 -35.97 -22.92 -14.69
CA LYS A 359 -35.95 -22.11 -15.90
C LYS A 359 -37.37 -21.95 -16.45
N ASP A 360 -38.14 -21.17 -15.71
CA ASP A 360 -39.47 -20.70 -16.05
C ASP A 360 -39.29 -19.43 -16.87
N SER A 361 -39.75 -19.42 -18.12
CA SER A 361 -39.41 -18.33 -19.02
C SER A 361 -40.63 -17.76 -19.72
N PRO A 362 -41.13 -16.61 -19.26
CA PRO A 362 -42.22 -15.90 -19.94
C PRO A 362 -41.84 -15.48 -21.35
N GLY A 363 -42.86 -15.27 -22.18
CA GLY A 363 -42.63 -14.91 -23.56
C GLY A 363 -42.13 -13.48 -23.73
N VAL A 364 -41.93 -13.12 -25.00
CA VAL A 364 -41.30 -11.87 -25.38
C VAL A 364 -42.13 -10.67 -24.94
N PHE A 365 -43.44 -10.71 -25.16
CA PHE A 365 -44.28 -9.54 -24.90
C PHE A 365 -44.49 -9.30 -23.41
N SER A 366 -44.47 -10.36 -22.60
CA SER A 366 -44.56 -10.19 -21.16
C SER A 366 -43.28 -9.54 -20.64
N LYS A 367 -42.14 -9.96 -21.17
CA LYS A 367 -40.86 -9.36 -20.79
C LYS A 367 -40.80 -7.91 -21.21
N LEU A 368 -41.27 -7.59 -22.41
CA LEU A 368 -41.30 -6.19 -22.86
C LEU A 368 -42.24 -5.36 -22.00
N GLY A 369 -43.38 -5.93 -21.59
CA GLY A 369 -44.27 -5.24 -20.66
C GLY A 369 -43.61 -4.91 -19.33
N VAL A 370 -42.95 -5.91 -18.73
CA VAL A 370 -42.28 -5.72 -17.44
C VAL A 370 -41.15 -4.72 -17.56
N LEU A 371 -40.32 -4.86 -18.59
CA LEU A 371 -39.22 -3.92 -18.81
C LEU A 371 -39.73 -2.52 -19.11
N LEU A 372 -40.84 -2.41 -19.82
CA LEU A 372 -41.41 -1.10 -20.15
C LEU A 372 -41.89 -0.38 -18.91
N ARG A 373 -42.63 -1.09 -18.02
CA ARG A 373 -43.07 -0.39 -16.82
C ARG A 373 -41.93 -0.21 -15.82
N ARG A 374 -40.91 -1.06 -15.88
CA ARG A 374 -39.72 -0.88 -15.05
C ARG A 374 -38.97 0.39 -15.41
N VAL A 375 -38.65 0.56 -16.69
CA VAL A 375 -37.94 1.74 -17.16
C VAL A 375 -38.80 2.99 -16.99
N THR A 376 -40.12 2.88 -17.27
CA THR A 376 -41.04 3.99 -17.09
C THR A 376 -41.09 4.45 -15.64
N ARG A 377 -41.22 3.51 -14.69
CA ARG A 377 -41.21 3.83 -13.27
C ARG A 377 -39.89 4.47 -12.87
N ASN A 378 -38.78 3.93 -13.39
CA ASN A 378 -37.46 4.52 -13.19
C ASN A 378 -37.38 5.96 -13.67
N LEU A 379 -38.05 6.27 -14.79
CA LEU A 379 -38.01 7.63 -15.30
C LEU A 379 -38.89 8.60 -14.49
N VAL A 380 -40.16 8.23 -14.25
CA VAL A 380 -41.12 9.13 -13.60
C VAL A 380 -40.65 9.52 -12.19
N ARG A 381 -40.02 8.60 -11.47
CA ARG A 381 -39.53 8.90 -10.13
C ARG A 381 -38.29 9.76 -10.15
N ASN A 382 -37.69 9.99 -11.32
CA ASN A 382 -36.48 10.80 -11.46
C ASN A 382 -36.98 12.14 -11.98
N LYS A 383 -37.20 13.07 -11.04
CA LYS A 383 -37.79 14.37 -11.36
C LYS A 383 -36.93 15.18 -12.32
N LEU A 384 -35.61 15.14 -12.14
CA LEU A 384 -34.71 15.92 -12.97
C LEU A 384 -34.68 15.41 -14.40
N ALA A 385 -34.66 14.09 -14.58
CA ALA A 385 -34.67 13.50 -15.92
C ALA A 385 -35.93 13.86 -16.67
N VAL A 386 -37.08 13.86 -16.00
CA VAL A 386 -38.34 14.23 -16.62
C VAL A 386 -38.35 15.70 -17.00
N ILE A 387 -37.88 16.58 -16.11
CA ILE A 387 -37.82 18.01 -16.40
C ILE A 387 -36.92 18.30 -17.60
N THR A 388 -35.74 17.69 -17.63
CA THR A 388 -34.82 17.90 -18.76
C THR A 388 -35.41 17.35 -20.06
N ARG A 389 -35.91 16.12 -20.03
CA ARG A 389 -36.51 15.47 -21.19
C ARG A 389 -37.67 16.27 -21.79
N LEU A 390 -38.51 16.85 -20.94
CA LEU A 390 -39.64 17.61 -21.46
C LEU A 390 -39.27 19.03 -21.87
N LEU A 391 -38.34 19.69 -21.15
CA LEU A 391 -38.07 21.10 -21.41
C LEU A 391 -36.86 21.44 -22.29
N GLN A 392 -36.00 20.49 -22.67
CA GLN A 392 -34.84 20.88 -23.50
C GLN A 392 -35.25 21.48 -24.85
N ASN A 393 -36.30 20.94 -25.48
CA ASN A 393 -36.73 21.52 -26.75
C ASN A 393 -37.34 22.89 -26.55
N LEU A 394 -37.99 23.10 -25.41
CA LEU A 394 -38.51 24.43 -25.09
C LEU A 394 -37.38 25.42 -24.90
N ILE A 395 -36.30 24.99 -24.24
CA ILE A 395 -35.13 25.86 -24.03
C ILE A 395 -34.49 26.23 -25.37
N MET A 396 -34.34 25.23 -26.25
CA MET A 396 -33.88 25.46 -27.64
C MET A 396 -34.73 26.48 -28.37
N GLY A 397 -36.06 26.29 -28.31
CA GLY A 397 -36.99 27.21 -28.93
C GLY A 397 -36.88 28.62 -28.40
N LEU A 398 -36.84 28.76 -27.07
CA LEU A 398 -36.74 30.08 -26.45
C LEU A 398 -35.43 30.76 -26.82
N PHE A 399 -34.35 30.00 -26.94
CA PHE A 399 -33.07 30.55 -27.37
C PHE A 399 -33.17 31.13 -28.79
N LEU A 400 -33.74 30.34 -29.71
CA LEU A 400 -33.96 30.80 -31.08
C LEU A 400 -34.92 31.99 -31.13
N LEU A 401 -35.95 31.96 -30.30
CA LEU A 401 -36.91 33.06 -30.18
C LEU A 401 -36.25 34.32 -29.64
N PHE A 402 -35.33 34.15 -28.69
CA PHE A 402 -34.54 35.23 -28.12
C PHE A 402 -33.81 35.99 -29.22
N PHE A 403 -33.21 35.26 -30.17
CA PHE A 403 -32.50 36.00 -31.22
C PHE A 403 -33.44 36.65 -32.23
N VAL A 404 -34.45 35.94 -32.72
CA VAL A 404 -35.37 36.51 -33.70
C VAL A 404 -36.78 36.62 -33.11
N LEU A 405 -37.19 37.86 -32.80
CA LEU A 405 -38.47 38.05 -32.14
C LEU A 405 -39.64 37.93 -33.12
N ARG A 406 -39.50 38.47 -34.33
CA ARG A 406 -40.56 38.45 -35.32
C ARG A 406 -39.95 38.19 -36.69
N VAL A 407 -40.73 37.53 -37.54
CA VAL A 407 -40.27 37.14 -38.87
C VAL A 407 -40.08 38.32 -39.84
N ARG A 408 -40.84 39.43 -39.70
CA ARG A 408 -40.68 40.65 -40.49
C ARG A 408 -40.80 40.45 -41.99
N SER A 409 -42.06 40.47 -42.50
CA SER A 409 -42.45 40.17 -43.88
C SER A 409 -41.76 40.97 -44.99
N ASN A 410 -40.97 41.99 -44.70
CA ASN A 410 -40.25 42.74 -45.74
C ASN A 410 -39.01 41.93 -46.13
N VAL A 411 -38.89 41.59 -47.43
CA VAL A 411 -37.81 40.72 -47.90
C VAL A 411 -36.43 41.33 -47.64
N LEU A 412 -36.28 42.63 -47.91
CA LEU A 412 -35.01 43.31 -47.66
C LEU A 412 -34.62 43.29 -46.18
N LYS A 413 -35.60 43.26 -45.29
CA LYS A 413 -35.33 43.15 -43.86
C LYS A 413 -35.25 41.72 -43.36
N GLY A 414 -35.24 40.73 -44.25
CA GLY A 414 -35.05 39.38 -43.79
C GLY A 414 -36.21 38.42 -43.85
N ALA A 415 -37.29 38.73 -44.58
CA ALA A 415 -38.46 37.85 -44.65
C ALA A 415 -38.13 36.45 -45.10
N ILE A 416 -37.16 36.28 -45.99
CA ILE A 416 -36.79 34.95 -46.44
C ILE A 416 -35.67 34.39 -45.58
N GLN A 417 -34.65 35.23 -45.33
CA GLN A 417 -33.48 34.87 -44.54
C GLN A 417 -33.82 34.33 -43.16
N ASP A 418 -34.73 34.99 -42.44
CA ASP A 418 -35.03 34.53 -41.08
C ASP A 418 -35.81 33.23 -41.09
N ARG A 419 -36.74 33.05 -42.04
CA ARG A 419 -37.52 31.83 -42.12
C ARG A 419 -36.63 30.62 -42.45
N VAL A 420 -35.74 30.79 -43.43
CA VAL A 420 -34.81 29.72 -43.79
C VAL A 420 -33.85 29.44 -42.64
N GLY A 421 -33.36 30.49 -41.98
CA GLY A 421 -32.53 30.32 -40.80
C GLY A 421 -33.21 29.51 -39.71
N LEU A 422 -34.45 29.88 -39.36
CA LEU A 422 -35.20 29.16 -38.32
C LEU A 422 -35.46 27.71 -38.70
N LEU A 423 -35.86 27.44 -39.94
CA LEU A 423 -36.12 26.05 -40.31
C LEU A 423 -34.86 25.22 -40.30
N TYR A 424 -33.75 25.80 -40.78
CA TYR A 424 -32.46 25.14 -40.77
C TYR A 424 -32.05 24.80 -39.35
N GLN A 425 -32.18 25.76 -38.43
CA GLN A 425 -31.81 25.53 -37.04
C GLN A 425 -32.71 24.51 -36.35
N PHE A 426 -34.02 24.51 -36.66
CA PHE A 426 -34.91 23.52 -36.06
C PHE A 426 -34.53 22.11 -36.51
N VAL A 427 -34.26 21.95 -37.81
CA VAL A 427 -33.89 20.63 -38.36
C VAL A 427 -32.56 20.18 -37.81
N GLY A 428 -31.57 21.08 -37.73
CA GLY A 428 -30.29 20.70 -37.15
C GLY A 428 -30.35 20.39 -35.66
N ALA A 429 -30.92 21.30 -34.88
CA ALA A 429 -30.89 21.20 -33.42
C ALA A 429 -31.77 20.10 -32.85
N THR A 430 -32.91 19.78 -33.48
CA THR A 430 -33.81 18.78 -32.90
C THR A 430 -33.21 17.38 -32.67
N PRO A 431 -32.49 16.74 -33.61
CA PRO A 431 -31.85 15.45 -33.27
C PRO A 431 -30.73 15.58 -32.26
N TYR A 432 -30.19 16.78 -32.07
CA TYR A 432 -29.17 16.98 -31.05
C TYR A 432 -29.77 16.81 -29.67
N THR A 433 -30.93 17.43 -29.41
CA THR A 433 -31.61 17.24 -28.13
C THR A 433 -32.07 15.80 -27.95
N GLY A 434 -32.47 15.14 -29.05
CA GLY A 434 -32.76 13.71 -28.98
C GLY A 434 -31.56 12.89 -28.52
N MET A 435 -30.41 13.14 -29.15
CA MET A 435 -29.15 12.50 -28.76
C MET A 435 -28.80 12.77 -27.31
N LEU A 436 -29.02 14.01 -26.84
CA LEU A 436 -28.72 14.35 -25.45
C LEU A 436 -29.53 13.51 -24.48
N ASN A 437 -30.80 13.28 -24.81
CA ASN A 437 -31.63 12.42 -23.96
C ASN A 437 -31.10 10.99 -23.94
N ALA A 438 -30.74 10.47 -25.11
CA ALA A 438 -30.25 9.08 -25.16
C ALA A 438 -28.90 8.92 -24.43
N VAL A 439 -27.95 9.83 -24.64
CA VAL A 439 -26.63 9.70 -23.99
C VAL A 439 -26.76 9.86 -22.48
N ASN A 440 -27.62 10.76 -22.00
CA ASN A 440 -27.70 10.94 -20.56
C ASN A 440 -28.44 9.78 -19.89
N LEU A 441 -29.46 9.23 -20.53
CA LEU A 441 -30.28 8.27 -19.82
C LEU A 441 -30.05 6.80 -20.17
N PHE A 442 -29.66 6.45 -21.39
CA PHE A 442 -29.51 5.03 -21.75
C PHE A 442 -28.38 4.25 -21.06
N PRO A 443 -27.12 4.75 -20.94
CA PRO A 443 -26.02 3.90 -20.39
C PRO A 443 -26.26 3.17 -19.07
N VAL A 444 -27.04 3.72 -18.13
CA VAL A 444 -27.35 2.98 -16.92
C VAL A 444 -28.16 1.73 -17.26
N LEU A 445 -29.11 1.86 -18.19
CA LEU A 445 -29.90 0.72 -18.62
C LEU A 445 -29.07 -0.24 -19.45
N ARG A 446 -28.09 0.29 -20.19
CA ARG A 446 -27.17 -0.54 -20.95
C ARG A 446 -26.35 -1.44 -20.02
N ALA A 447 -25.79 -0.86 -18.95
CA ALA A 447 -25.04 -1.64 -17.98
C ALA A 447 -25.92 -2.68 -17.27
N VAL A 448 -27.14 -2.27 -16.89
CA VAL A 448 -28.07 -3.18 -16.22
C VAL A 448 -28.46 -4.33 -17.16
N SER A 449 -28.75 -4.00 -18.41
CA SER A 449 -29.13 -5.01 -19.39
C SER A 449 -27.98 -5.95 -19.71
N ASP A 450 -26.73 -5.47 -19.67
CA ASP A 450 -25.59 -6.35 -19.84
C ASP A 450 -25.51 -7.36 -18.69
N GLN A 451 -25.65 -6.87 -17.45
CA GLN A 451 -25.54 -7.73 -16.28
C GLN A 451 -26.66 -8.76 -16.26
N GLU A 452 -27.89 -8.33 -16.53
CA GLU A 452 -29.04 -9.21 -16.50
C GLU A 452 -29.13 -10.11 -17.73
N SER A 453 -28.63 -9.65 -18.88
CA SER A 453 -28.63 -10.47 -20.08
C SER A 453 -27.62 -11.60 -19.98
N GLN A 454 -26.49 -11.37 -19.32
CA GLN A 454 -25.56 -12.46 -19.06
C GLN A 454 -26.16 -13.49 -18.11
N ASP A 455 -27.04 -13.06 -17.21
CA ASP A 455 -27.70 -13.94 -16.26
C ASP A 455 -28.81 -14.79 -16.89
N GLY A 456 -29.15 -14.55 -18.15
CA GLY A 456 -30.19 -15.32 -18.82
C GLY A 456 -31.62 -14.91 -18.59
N LEU A 457 -31.87 -13.68 -18.12
CA LEU A 457 -33.25 -13.26 -17.92
C LEU A 457 -33.90 -12.80 -19.22
N TYR A 458 -33.18 -12.02 -20.02
CA TYR A 458 -33.69 -11.47 -21.26
C TYR A 458 -32.51 -11.08 -22.13
N GLN A 459 -32.79 -10.83 -23.41
CA GLN A 459 -31.77 -10.38 -24.34
C GLN A 459 -31.68 -8.86 -24.34
N LYS A 460 -30.50 -8.34 -24.71
CA LYS A 460 -30.20 -6.91 -24.67
C LYS A 460 -31.17 -6.08 -25.51
N TRP A 461 -31.58 -6.61 -26.68
CA TRP A 461 -32.49 -5.87 -27.53
C TRP A 461 -33.88 -5.71 -26.94
N GLN A 462 -34.24 -6.51 -25.94
CA GLN A 462 -35.54 -6.35 -25.32
C GLN A 462 -35.53 -5.13 -24.40
N MET A 463 -34.37 -4.83 -23.82
CA MET A 463 -34.23 -3.60 -23.07
C MET A 463 -34.12 -2.42 -24.02
N MET A 464 -33.50 -2.64 -25.18
CA MET A 464 -33.43 -1.59 -26.19
C MET A 464 -34.83 -1.19 -26.64
N LEU A 465 -35.69 -2.18 -26.93
CA LEU A 465 -37.08 -1.89 -27.31
C LEU A 465 -37.85 -1.24 -26.19
N ALA A 466 -37.67 -1.69 -24.95
CA ALA A 466 -38.35 -1.07 -23.81
C ALA A 466 -38.00 0.41 -23.68
N TYR A 467 -36.71 0.73 -23.82
CA TYR A 467 -36.28 2.12 -23.83
C TYR A 467 -36.91 2.85 -25.01
N ALA A 468 -36.87 2.23 -26.18
CA ALA A 468 -37.40 2.79 -27.41
C ALA A 468 -38.88 3.14 -27.30
N LEU A 469 -39.64 2.31 -26.60
CA LEU A 469 -41.08 2.54 -26.48
C LEU A 469 -41.44 3.54 -25.40
N HIS A 470 -40.78 3.52 -24.23
CA HIS A 470 -41.24 4.43 -23.16
C HIS A 470 -41.00 5.90 -23.48
N VAL A 471 -40.04 6.21 -24.35
CA VAL A 471 -39.73 7.60 -24.66
C VAL A 471 -40.73 8.28 -25.60
N LEU A 472 -41.61 7.51 -26.26
CA LEU A 472 -42.52 8.10 -27.24
C LEU A 472 -43.51 9.12 -26.69
N PRO A 473 -44.23 8.90 -25.57
CA PRO A 473 -45.11 9.97 -25.07
C PRO A 473 -44.38 11.21 -24.59
N PHE A 474 -43.12 11.07 -24.21
CA PHE A 474 -42.40 12.22 -23.70
C PHE A 474 -41.87 13.06 -24.84
N SER A 475 -41.43 12.40 -25.93
CA SER A 475 -41.04 13.12 -27.13
C SER A 475 -42.23 13.87 -27.72
N VAL A 476 -43.42 13.25 -27.71
CA VAL A 476 -44.62 13.91 -28.24
C VAL A 476 -44.98 15.13 -27.40
N VAL A 477 -44.97 14.98 -26.08
CA VAL A 477 -45.27 16.10 -25.19
C VAL A 477 -44.23 17.21 -25.32
N ALA A 478 -42.94 16.84 -25.34
CA ALA A 478 -41.86 17.83 -25.47
C ALA A 478 -41.95 18.63 -26.76
N THR A 479 -42.26 17.97 -27.88
CA THR A 479 -42.43 18.70 -29.14
C THR A 479 -43.64 19.62 -29.07
N MET A 480 -44.75 19.15 -28.50
CA MET A 480 -45.93 20.02 -28.44
C MET A 480 -45.73 21.21 -27.51
N ILE A 481 -44.97 21.05 -26.42
CA ILE A 481 -44.65 22.17 -25.54
C ILE A 481 -43.80 23.19 -26.27
N PHE A 482 -42.79 22.72 -27.00
CA PHE A 482 -41.96 23.60 -27.83
C PHE A 482 -42.79 24.35 -28.87
N SER A 483 -43.57 23.60 -29.67
CA SER A 483 -44.34 24.17 -30.78
C SER A 483 -45.38 25.17 -30.31
N SER A 484 -46.11 24.86 -29.24
CA SER A 484 -47.21 25.68 -28.75
C SER A 484 -46.76 27.05 -28.25
N VAL A 485 -45.47 27.25 -28.04
CA VAL A 485 -44.96 28.53 -27.58
C VAL A 485 -44.31 29.22 -28.77
N CYS A 486 -43.34 28.54 -29.40
CA CYS A 486 -42.50 29.23 -30.37
C CYS A 486 -43.27 29.54 -31.66
N TYR A 487 -44.11 28.60 -32.13
CA TYR A 487 -44.80 28.78 -33.40
C TYR A 487 -45.71 30.01 -33.37
N TRP A 488 -46.54 30.10 -32.34
CA TRP A 488 -47.47 31.22 -32.26
C TRP A 488 -46.76 32.51 -31.88
N THR A 489 -45.70 32.44 -31.06
CA THR A 489 -44.97 33.66 -30.70
C THR A 489 -44.24 34.24 -31.92
N LEU A 490 -43.59 33.40 -32.71
CA LEU A 490 -42.91 33.86 -33.92
C LEU A 490 -43.90 34.34 -34.97
N GLY A 491 -45.05 33.68 -35.08
CA GLY A 491 -45.99 34.05 -36.10
C GLY A 491 -45.62 33.49 -37.46
N LEU A 492 -45.19 32.22 -37.48
CA LEU A 492 -44.73 31.60 -38.72
C LEU A 492 -45.82 31.55 -39.79
N HIS A 493 -47.03 31.06 -39.44
CA HIS A 493 -48.15 31.06 -40.37
C HIS A 493 -49.38 30.86 -39.48
N PRO A 494 -50.36 31.77 -39.52
CA PRO A 494 -51.52 31.67 -38.62
C PRO A 494 -52.41 30.42 -38.71
N GLU A 495 -52.37 29.67 -39.81
CA GLU A 495 -53.30 28.54 -39.97
C GLU A 495 -52.99 27.37 -39.04
N VAL A 496 -54.05 26.84 -38.42
CA VAL A 496 -53.96 25.72 -37.48
C VAL A 496 -53.44 24.45 -38.16
N ALA A 497 -53.88 24.19 -39.40
CA ALA A 497 -53.38 23.03 -40.15
C ALA A 497 -51.87 23.10 -40.34
N ARG A 498 -51.35 24.31 -40.58
CA ARG A 498 -49.91 24.49 -40.74
C ARG A 498 -49.19 24.19 -39.43
N PHE A 499 -49.77 24.61 -38.31
CA PHE A 499 -49.26 24.30 -36.97
C PHE A 499 -49.16 22.79 -36.75
N GLY A 500 -50.23 22.06 -37.08
CA GLY A 500 -50.21 20.60 -36.97
C GLY A 500 -49.11 19.94 -37.78
N TYR A 501 -49.01 20.30 -39.07
CA TYR A 501 -47.98 19.72 -39.93
C TYR A 501 -46.58 20.08 -39.45
N PHE A 502 -46.40 21.31 -38.96
CA PHE A 502 -45.14 21.75 -38.36
C PHE A 502 -44.73 20.86 -37.18
N SER A 503 -45.67 20.64 -36.25
CA SER A 503 -45.38 19.83 -35.06
C SER A 503 -45.03 18.39 -35.41
N ALA A 504 -45.77 17.76 -36.31
CA ALA A 504 -45.41 16.39 -36.72
C ALA A 504 -44.07 16.36 -37.43
N ALA A 505 -43.83 17.36 -38.30
CA ALA A 505 -42.60 17.48 -39.08
C ALA A 505 -41.38 17.60 -38.19
N LEU A 506 -41.48 18.32 -37.08
CA LEU A 506 -40.36 18.36 -36.16
C LEU A 506 -40.34 17.22 -35.15
N LEU A 507 -41.48 16.58 -34.92
CA LEU A 507 -41.52 15.42 -34.03
C LEU A 507 -40.63 14.29 -34.55
N ALA A 508 -40.67 14.03 -35.85
CA ALA A 508 -39.89 12.91 -36.38
C ALA A 508 -38.36 13.03 -36.23
N PRO A 509 -37.67 14.15 -36.59
CA PRO A 509 -36.22 14.25 -36.30
C PRO A 509 -35.76 13.97 -34.88
N HIS A 510 -36.56 14.37 -33.88
CA HIS A 510 -36.24 14.16 -32.48
C HIS A 510 -36.08 12.67 -32.21
N LEU A 511 -37.08 11.89 -32.60
CA LEU A 511 -37.02 10.44 -32.46
C LEU A 511 -35.91 9.83 -33.30
N ILE A 512 -35.70 10.33 -34.53
CA ILE A 512 -34.66 9.76 -35.40
C ILE A 512 -33.27 9.95 -34.79
N GLY A 513 -33.00 11.16 -34.29
CA GLY A 513 -31.75 11.42 -33.59
C GLY A 513 -31.54 10.53 -32.39
N GLU A 514 -32.55 10.43 -31.52
CA GLU A 514 -32.45 9.57 -30.34
C GLU A 514 -32.24 8.11 -30.71
N PHE A 515 -32.97 7.60 -31.72
CA PHE A 515 -32.81 6.20 -32.12
C PHE A 515 -31.43 5.95 -32.72
N LEU A 516 -30.92 6.87 -33.53
CA LEU A 516 -29.57 6.75 -34.08
C LEU A 516 -28.53 6.70 -32.98
N THR A 517 -28.69 7.55 -31.96
CA THR A 517 -27.78 7.54 -30.83
C THR A 517 -27.81 6.20 -30.11
N LEU A 518 -29.01 5.65 -29.91
CA LEU A 518 -29.15 4.35 -29.27
C LEU A 518 -28.50 3.22 -30.06
N VAL A 519 -28.65 3.22 -31.39
CA VAL A 519 -27.96 2.19 -32.18
C VAL A 519 -26.45 2.34 -32.07
N LEU A 520 -25.91 3.57 -32.13
CA LEU A 520 -24.46 3.75 -32.00
C LEU A 520 -23.94 3.35 -30.63
N LEU A 521 -24.69 3.60 -29.55
CA LEU A 521 -24.27 3.16 -28.21
C LEU A 521 -24.16 1.65 -28.08
N GLY A 522 -24.87 0.90 -28.92
CA GLY A 522 -24.76 -0.54 -28.94
C GLY A 522 -23.36 -1.07 -29.23
N ILE A 523 -22.57 -0.31 -29.98
CA ILE A 523 -21.22 -0.76 -30.32
C ILE A 523 -20.12 0.19 -29.88
N VAL A 524 -20.41 1.42 -29.53
CA VAL A 524 -19.41 2.39 -29.06
C VAL A 524 -19.57 2.56 -27.55
N GLN A 525 -18.62 2.01 -26.80
CA GLN A 525 -18.73 1.95 -25.33
C GLN A 525 -18.69 3.32 -24.68
N ASN A 526 -17.92 4.26 -25.22
CA ASN A 526 -17.73 5.57 -24.59
C ASN A 526 -18.80 6.52 -25.10
N PRO A 527 -19.78 6.93 -24.28
CA PRO A 527 -20.85 7.81 -24.76
C PRO A 527 -20.40 9.20 -25.22
N ASN A 528 -19.22 9.69 -24.80
CA ASN A 528 -18.78 11.01 -25.26
C ASN A 528 -18.36 10.96 -26.72
N ILE A 529 -17.92 9.81 -27.17
CA ILE A 529 -17.58 9.62 -28.57
C ILE A 529 -18.86 9.62 -29.41
N VAL A 530 -19.89 8.92 -28.93
CA VAL A 530 -21.21 8.91 -29.56
C VAL A 530 -21.78 10.31 -29.64
N ASN A 531 -21.63 11.08 -28.55
CA ASN A 531 -22.05 12.48 -28.50
C ASN A 531 -21.44 13.29 -29.64
N SER A 532 -20.11 13.22 -29.78
CA SER A 532 -19.45 13.97 -30.86
C SER A 532 -19.79 13.45 -32.25
N VAL A 533 -19.87 12.11 -32.42
CA VAL A 533 -20.17 11.53 -33.73
C VAL A 533 -21.57 11.92 -34.20
N VAL A 534 -22.57 11.82 -33.32
CA VAL A 534 -23.93 12.17 -33.70
C VAL A 534 -24.06 13.66 -33.96
N ALA A 535 -23.44 14.52 -33.12
CA ALA A 535 -23.47 15.96 -33.40
C ALA A 535 -22.84 16.31 -34.74
N LEU A 536 -21.76 15.62 -35.09
CA LEU A 536 -21.10 15.85 -36.38
C LEU A 536 -21.97 15.36 -37.53
N LEU A 537 -22.61 14.19 -37.37
CA LEU A 537 -23.51 13.69 -38.40
C LEU A 537 -24.72 14.59 -38.60
N SER A 538 -25.25 15.16 -37.52
CA SER A 538 -26.38 16.09 -37.64
C SER A 538 -25.99 17.34 -38.43
N ILE A 539 -24.81 17.90 -38.13
CA ILE A 539 -24.33 19.08 -38.86
C ILE A 539 -24.11 18.74 -40.34
N ALA A 540 -23.44 17.62 -40.62
CA ALA A 540 -23.23 17.17 -41.99
C ALA A 540 -24.55 16.90 -42.70
N GLY A 541 -25.52 16.36 -41.96
CA GLY A 541 -26.85 16.09 -42.49
C GLY A 541 -27.56 17.33 -42.98
N VAL A 542 -27.67 18.35 -42.13
CA VAL A 542 -28.33 19.58 -42.58
C VAL A 542 -27.53 20.28 -43.66
N LEU A 543 -26.20 20.20 -43.63
CA LEU A 543 -25.40 20.87 -44.66
C LEU A 543 -25.59 20.22 -46.03
N VAL A 544 -25.54 18.89 -46.10
CA VAL A 544 -25.66 18.19 -47.38
C VAL A 544 -27.12 18.00 -47.79
N GLY A 545 -27.93 17.43 -46.89
CA GLY A 545 -29.30 17.06 -47.18
C GLY A 545 -30.26 18.20 -47.50
N SER A 546 -30.06 19.34 -46.88
CA SER A 546 -31.01 20.44 -47.01
C SER A 546 -30.54 21.45 -48.04
N GLY A 547 -31.42 21.75 -49.01
CA GLY A 547 -31.22 22.73 -50.05
C GLY A 547 -31.03 24.17 -49.58
N PHE A 548 -31.21 24.43 -48.29
CA PHE A 548 -31.12 25.79 -47.75
C PHE A 548 -29.75 26.42 -47.94
N LEU A 549 -28.66 25.65 -47.82
CA LEU A 549 -27.34 26.24 -48.00
C LEU A 549 -26.66 25.89 -49.31
N ARG A 550 -27.03 24.78 -49.94
CA ARG A 550 -26.47 24.38 -51.22
C ARG A 550 -27.63 23.87 -52.05
N ASN A 551 -27.90 24.53 -53.16
CA ASN A 551 -28.97 24.11 -54.05
C ASN A 551 -28.70 22.70 -54.55
N ILE A 552 -29.59 21.78 -54.21
CA ILE A 552 -29.45 20.35 -54.48
C ILE A 552 -29.25 20.03 -55.96
N GLN A 553 -29.67 20.90 -56.87
CA GLN A 553 -29.55 20.59 -58.29
C GLN A 553 -28.24 21.05 -58.92
N GLU A 554 -27.35 21.70 -58.18
CA GLU A 554 -26.08 22.14 -58.75
C GLU A 554 -24.88 21.52 -58.04
N MET A 555 -25.08 20.54 -57.17
CA MET A 555 -23.99 19.93 -56.43
C MET A 555 -23.66 18.57 -57.04
N PRO A 556 -22.43 18.05 -56.85
CA PRO A 556 -22.05 16.77 -57.47
C PRO A 556 -22.91 15.58 -57.09
N ILE A 557 -23.04 14.67 -58.05
CA ILE A 557 -23.79 13.41 -58.00
C ILE A 557 -23.60 12.60 -56.72
N PRO A 558 -22.38 12.30 -56.21
CA PRO A 558 -22.31 11.56 -54.93
C PRO A 558 -22.93 12.29 -53.74
N PHE A 559 -23.03 13.62 -53.79
CA PHE A 559 -23.67 14.32 -52.69
C PHE A 559 -25.18 14.29 -52.83
N LYS A 560 -25.71 14.32 -54.06
CA LYS A 560 -27.13 14.09 -54.26
C LYS A 560 -27.53 12.71 -53.77
N ILE A 561 -26.72 11.69 -54.10
CA ILE A 561 -27.01 10.31 -53.71
C ILE A 561 -26.97 10.15 -52.19
N ILE A 562 -25.93 10.68 -51.54
CA ILE A 562 -25.88 10.63 -50.07
C ILE A 562 -27.03 11.43 -49.47
N SER A 563 -27.37 12.59 -50.05
CA SER A 563 -28.46 13.44 -49.61
C SER A 563 -29.79 12.70 -49.56
N TYR A 564 -30.05 11.82 -50.53
CA TYR A 564 -31.30 11.05 -50.53
C TYR A 564 -31.48 10.15 -49.30
N PHE A 565 -30.44 9.87 -48.52
CA PHE A 565 -30.58 9.01 -47.35
C PHE A 565 -30.58 9.79 -46.05
N THR A 566 -30.56 11.11 -46.10
CA THR A 566 -30.57 11.95 -44.91
C THR A 566 -31.98 12.48 -44.68
N PHE A 567 -32.52 12.22 -43.48
CA PHE A 567 -33.87 12.64 -43.11
C PHE A 567 -34.06 14.15 -43.12
N GLN A 568 -32.96 14.91 -43.00
CA GLN A 568 -33.04 16.37 -43.02
C GLN A 568 -33.54 16.90 -44.34
N LYS A 569 -33.38 16.12 -45.43
CA LYS A 569 -33.91 16.47 -46.73
C LYS A 569 -35.42 16.49 -46.72
N TYR A 570 -36.02 15.44 -46.18
CA TYR A 570 -37.46 15.30 -46.21
C TYR A 570 -38.11 16.25 -45.21
N CYS A 571 -37.50 16.39 -44.03
CA CYS A 571 -38.01 17.33 -43.04
C CYS A 571 -37.96 18.77 -43.56
N SER A 572 -36.85 19.15 -44.20
CA SER A 572 -36.72 20.48 -44.79
C SER A 572 -37.75 20.72 -45.88
N GLU A 573 -37.98 19.73 -46.76
CA GLU A 573 -38.98 19.88 -47.82
C GLU A 573 -40.38 20.09 -47.26
N ILE A 574 -40.74 19.33 -46.22
CA ILE A 574 -42.04 19.47 -45.58
C ILE A 574 -42.18 20.85 -44.94
N LEU A 575 -41.17 21.27 -44.18
CA LEU A 575 -41.24 22.56 -43.51
C LEU A 575 -41.26 23.72 -44.48
N VAL A 576 -40.49 23.66 -45.58
CA VAL A 576 -40.48 24.77 -46.52
C VAL A 576 -41.81 24.85 -47.28
N VAL A 577 -42.44 23.72 -47.58
CA VAL A 577 -43.77 23.76 -48.22
C VAL A 577 -44.79 24.35 -47.27
N ASN A 578 -44.80 23.88 -46.01
CA ASN A 578 -45.73 24.42 -45.01
C ASN A 578 -45.53 25.90 -44.77
N GLU A 579 -44.29 26.35 -44.79
CA GLU A 579 -44.04 27.74 -44.45
C GLU A 579 -44.30 28.70 -45.61
N PHE A 580 -43.90 28.36 -46.83
CA PHE A 580 -43.92 29.39 -47.85
C PHE A 580 -45.07 29.35 -48.85
N TYR A 581 -45.81 28.24 -48.95
CA TYR A 581 -46.79 28.05 -50.03
C TYR A 581 -47.83 29.18 -50.14
N GLY A 582 -48.41 29.60 -49.03
CA GLY A 582 -49.43 30.63 -49.09
C GLY A 582 -48.98 32.05 -48.83
N LEU A 583 -47.67 32.32 -48.78
CA LEU A 583 -47.19 33.65 -48.43
C LEU A 583 -47.06 34.56 -49.64
N ASN A 584 -47.19 35.86 -49.38
CA ASN A 584 -47.00 36.89 -50.40
C ASN A 584 -46.16 37.99 -49.78
N PHE A 585 -44.94 38.13 -50.27
CA PHE A 585 -43.93 38.99 -49.68
C PHE A 585 -43.97 40.40 -50.27
N THR A 586 -43.35 41.33 -49.53
CA THR A 586 -43.18 42.71 -49.94
C THR A 586 -41.70 43.07 -49.90
N CYS A 587 -41.40 44.33 -50.24
CA CYS A 587 -40.07 44.96 -50.29
C CYS A 587 -40.18 46.36 -50.90
N MET A 599 -31.13 41.26 -54.29
CA MET A 599 -32.28 42.10 -53.99
C MET A 599 -33.50 41.24 -53.67
N CYS A 600 -34.69 41.83 -53.68
CA CYS A 600 -35.93 41.09 -53.44
C CYS A 600 -36.38 40.41 -54.74
N ALA A 601 -35.63 39.37 -55.11
CA ALA A 601 -35.88 38.60 -56.32
C ALA A 601 -37.24 37.91 -56.32
N PHE A 602 -37.73 37.51 -55.14
CA PHE A 602 -38.97 36.77 -55.03
C PHE A 602 -40.08 37.62 -54.45
N THR A 603 -41.28 37.44 -54.96
CA THR A 603 -42.48 38.05 -54.40
C THR A 603 -43.45 37.02 -53.83
N GLN A 604 -43.70 35.94 -54.52
CA GLN A 604 -44.60 34.87 -54.08
C GLN A 604 -43.79 33.74 -53.47
N GLY A 605 -44.32 33.15 -52.39
CA GLY A 605 -43.68 32.01 -51.77
C GLY A 605 -43.51 30.80 -52.67
N ILE A 606 -44.44 30.61 -53.61
CA ILE A 606 -44.35 29.51 -54.58
C ILE A 606 -43.09 29.64 -55.43
N GLN A 607 -42.63 30.88 -55.66
CA GLN A 607 -41.39 31.07 -56.41
C GLN A 607 -40.21 30.55 -55.62
N PHE A 608 -40.19 30.83 -54.30
CA PHE A 608 -39.11 30.36 -53.45
C PHE A 608 -39.10 28.84 -53.39
N ILE A 609 -40.27 28.22 -53.25
CA ILE A 609 -40.35 26.76 -53.21
C ILE A 609 -39.86 26.19 -54.53
N GLU A 610 -40.22 26.83 -55.65
CA GLU A 610 -39.75 26.38 -56.95
C GLU A 610 -38.24 26.51 -57.07
N LYS A 611 -37.65 27.53 -56.42
CA LYS A 611 -36.20 27.72 -56.47
C LYS A 611 -35.44 26.62 -55.72
N THR A 612 -35.88 26.25 -54.52
CA THR A 612 -35.23 25.21 -53.73
C THR A 612 -36.19 24.06 -53.49
N CYS A 613 -35.83 22.88 -54.03
CA CYS A 613 -36.62 21.64 -54.08
C CYS A 613 -37.87 21.79 -54.94
N PRO A 614 -37.76 22.13 -56.24
CA PRO A 614 -38.96 22.31 -57.07
C PRO A 614 -39.85 21.07 -57.12
N GLY A 615 -41.16 21.30 -57.10
CA GLY A 615 -42.09 20.19 -57.14
C GLY A 615 -42.38 19.53 -55.82
N ALA A 616 -41.79 20.02 -54.72
CA ALA A 616 -41.91 19.42 -53.40
C ALA A 616 -43.35 19.30 -52.91
N THR A 617 -44.24 20.22 -53.32
CA THR A 617 -45.63 20.19 -52.85
C THR A 617 -46.35 18.94 -53.27
N SER A 618 -46.01 18.43 -54.45
CA SER A 618 -46.67 17.24 -54.98
C SER A 618 -46.16 15.98 -54.30
N ARG A 619 -45.11 16.10 -53.49
CA ARG A 619 -44.58 14.96 -52.76
C ARG A 619 -44.81 15.11 -51.26
N PHE A 620 -45.55 16.16 -50.85
CA PHE A 620 -45.68 16.54 -49.44
C PHE A 620 -46.13 15.41 -48.53
N THR A 621 -47.26 14.77 -48.88
CA THR A 621 -47.74 13.65 -48.10
C THR A 621 -46.77 12.49 -48.13
N MET A 622 -46.22 12.17 -49.31
CA MET A 622 -45.27 11.08 -49.44
C MET A 622 -44.02 11.35 -48.62
N ASN A 623 -43.60 12.63 -48.51
CA ASN A 623 -42.42 12.97 -47.72
C ASN A 623 -42.60 12.57 -46.26
N PHE A 624 -43.83 12.73 -45.73
CA PHE A 624 -44.11 12.29 -44.37
C PHE A 624 -43.94 10.79 -44.26
N LEU A 625 -44.46 10.06 -45.26
CA LEU A 625 -44.36 8.62 -45.29
C LEU A 625 -42.90 8.18 -45.37
N ILE A 626 -42.07 8.97 -46.04
CA ILE A 626 -40.66 8.62 -46.08
C ILE A 626 -40.00 8.93 -44.74
N LEU A 627 -40.25 10.15 -44.23
CA LEU A 627 -39.63 10.62 -42.98
C LEU A 627 -39.95 9.70 -41.81
N TYR A 628 -41.21 9.33 -41.66
CA TYR A 628 -41.63 8.46 -40.58
C TYR A 628 -41.34 7.01 -40.87
N SER A 629 -40.70 6.70 -42.00
CA SER A 629 -40.22 5.35 -42.22
C SER A 629 -38.81 5.21 -41.68
N PHE A 630 -38.14 6.32 -41.35
CA PHE A 630 -36.81 6.22 -40.78
C PHE A 630 -36.84 5.70 -39.35
N ILE A 631 -37.91 5.99 -38.63
CA ILE A 631 -38.05 5.62 -37.22
C ILE A 631 -38.19 4.10 -37.06
N PRO A 632 -39.13 3.37 -37.72
CA PRO A 632 -39.07 1.89 -37.64
C PRO A 632 -37.76 1.26 -38.07
N ALA A 633 -37.15 1.78 -39.15
CA ALA A 633 -35.93 1.20 -39.72
C ALA A 633 -34.80 1.14 -38.71
N LEU A 634 -34.56 2.25 -38.00
CA LEU A 634 -33.51 2.31 -36.99
C LEU A 634 -33.77 1.31 -35.87
N VAL A 635 -35.05 1.11 -35.53
CA VAL A 635 -35.43 0.15 -34.51
C VAL A 635 -35.02 -1.25 -34.92
N ILE A 636 -35.32 -1.63 -36.17
CA ILE A 636 -34.93 -2.95 -36.66
C ILE A 636 -33.42 -3.04 -36.70
N LEU A 637 -32.77 -1.93 -37.12
CA LEU A 637 -31.32 -1.86 -37.12
C LEU A 637 -30.78 -2.06 -35.71
N GLY A 638 -31.40 -1.40 -34.73
CA GLY A 638 -30.98 -1.54 -33.35
C GLY A 638 -31.05 -2.97 -32.87
N ILE A 639 -32.10 -3.70 -33.30
CA ILE A 639 -32.28 -5.10 -32.92
C ILE A 639 -31.10 -5.94 -33.39
N VAL A 640 -30.65 -5.74 -34.64
CA VAL A 640 -29.48 -6.49 -35.05
C VAL A 640 -28.23 -6.01 -34.30
N VAL A 641 -28.06 -4.68 -34.13
CA VAL A 641 -26.83 -4.12 -33.55
C VAL A 641 -26.59 -4.63 -32.14
N PHE A 642 -27.63 -4.65 -31.31
CA PHE A 642 -27.49 -5.17 -29.96
C PHE A 642 -27.22 -6.66 -29.95
N LYS A 643 -27.79 -7.41 -30.91
CA LYS A 643 -27.42 -8.82 -31.03
C LYS A 643 -25.94 -8.97 -31.33
N ILE A 644 -25.38 -8.09 -32.16
CA ILE A 644 -23.94 -8.09 -32.39
C ILE A 644 -23.21 -7.75 -31.10
N ARG A 645 -23.76 -6.80 -30.32
CA ARG A 645 -23.25 -6.48 -28.99
C ARG A 645 -23.13 -7.72 -28.11
N ASP A 646 -24.05 -8.68 -28.29
CA ASP A 646 -24.02 -9.95 -27.54
C ASP A 646 -22.73 -10.74 -27.76
N HIS A 647 -22.03 -10.50 -28.87
CA HIS A 647 -20.77 -11.18 -29.17
C HIS A 647 -19.55 -10.32 -28.83
N LEU A 648 -19.76 -9.20 -28.14
CA LEU A 648 -18.66 -8.33 -27.75
C LEU A 648 -18.58 -8.25 -26.23
N PHE B 28 11.10 -15.24 1.74
CA PHE B 28 11.65 -13.89 1.80
C PHE B 28 11.44 -13.15 0.50
N SER B 29 11.86 -11.89 0.46
CA SER B 29 11.69 -11.16 -0.78
C SER B 29 13.00 -11.12 -1.56
N SER B 30 13.85 -10.14 -1.30
CA SER B 30 15.09 -10.01 -2.06
C SER B 30 16.08 -9.13 -1.31
N GLU B 31 17.36 -9.50 -1.36
CA GLU B 31 18.42 -8.71 -0.76
C GLU B 31 19.40 -8.30 -1.85
N SER B 32 19.90 -7.08 -1.75
CA SER B 32 20.83 -6.51 -2.73
C SER B 32 21.57 -5.35 -2.07
N ASP B 33 22.23 -4.54 -2.91
CA ASP B 33 23.01 -3.39 -2.47
C ASP B 33 22.15 -2.39 -1.72
N ASN B 34 22.60 -2.02 -0.52
CA ASN B 34 21.90 -1.07 0.32
C ASN B 34 22.75 0.17 0.60
N SER B 35 23.59 0.54 -0.35
CA SER B 35 24.41 1.73 -0.22
C SER B 35 23.56 2.98 -0.34
N LEU B 36 24.09 4.09 0.17
CA LEU B 36 23.46 5.39 0.01
C LEU B 36 24.27 6.21 -0.96
N TYR B 37 23.59 6.96 -1.82
CA TYR B 37 24.27 7.80 -2.80
C TYR B 37 23.90 9.27 -2.73
N PHE B 38 22.72 9.61 -2.24
CA PHE B 38 22.30 11.01 -2.20
C PHE B 38 21.74 11.30 -0.82
N THR B 39 22.51 11.97 0.01
CA THR B 39 22.13 12.26 1.39
C THR B 39 21.89 13.75 1.57
N TYR B 40 21.17 14.09 2.64
CA TYR B 40 20.92 15.47 3.00
C TYR B 40 22.09 16.00 3.81
N SER B 41 22.59 17.18 3.43
CA SER B 41 23.80 17.75 4.00
C SER B 41 23.59 18.78 5.09
N GLY B 42 22.35 19.14 5.42
CA GLY B 42 22.10 20.19 6.38
C GLY B 42 21.91 19.65 7.79
N GLN B 43 21.57 20.57 8.69
CA GLN B 43 21.33 20.21 10.08
C GLN B 43 20.06 19.39 10.15
N PRO B 44 19.98 18.41 11.07
CA PRO B 44 18.77 17.59 11.15
C PRO B 44 17.56 18.42 11.51
N ASN B 45 16.51 18.26 10.72
CA ASN B 45 15.33 19.05 11.00
C ASN B 45 14.35 18.30 11.91
N THR B 46 13.34 19.04 12.37
CA THR B 46 12.31 18.50 13.24
C THR B 46 10.93 18.90 12.75
N LEU B 47 9.94 18.18 13.25
CA LEU B 47 8.54 18.48 13.04
C LEU B 47 7.77 18.09 14.29
N GLU B 48 6.98 19.02 14.84
CA GLU B 48 6.22 18.66 16.02
C GLU B 48 4.85 19.30 15.98
N VAL B 49 3.90 18.59 16.58
CA VAL B 49 2.50 18.97 16.64
C VAL B 49 2.11 18.97 18.12
N ARG B 50 1.49 20.08 18.56
CA ARG B 50 1.13 20.25 19.97
C ARG B 50 -0.36 20.54 20.11
N ASP B 51 -1.09 19.56 20.64
CA ASP B 51 -2.52 19.62 20.96
C ASP B 51 -3.37 20.15 19.81
N LEU B 52 -3.06 19.70 18.60
CA LEU B 52 -3.76 20.15 17.41
C LEU B 52 -5.19 19.69 17.42
N ASN B 53 -6.12 20.61 17.17
CA ASN B 53 -7.53 20.24 17.10
C ASN B 53 -8.10 20.91 15.84
N TYR B 54 -8.49 20.06 14.89
CA TYR B 54 -8.98 20.40 13.56
C TYR B 54 -10.32 19.69 13.39
N GLN B 55 -11.35 20.43 13.01
CA GLN B 55 -12.65 19.83 12.76
C GLN B 55 -13.07 20.03 11.31
N VAL B 56 -13.92 19.13 10.83
CA VAL B 56 -14.35 19.14 9.44
C VAL B 56 -15.83 19.47 9.32
N GLY B 87 -12.99 16.07 12.64
CA GLY B 87 -11.75 16.07 11.89
C GLY B 87 -10.62 15.39 12.65
N ILE B 88 -9.73 16.17 13.27
CA ILE B 88 -8.65 15.67 14.10
C ILE B 88 -8.88 16.18 15.52
N GLN B 89 -8.97 15.27 16.49
CA GLN B 89 -9.35 15.75 17.81
C GLN B 89 -8.21 16.25 18.68
N ASN B 90 -7.13 15.47 18.84
CA ASN B 90 -6.04 15.91 19.72
C ASN B 90 -4.78 15.11 19.39
N LEU B 91 -3.90 15.68 18.57
CA LEU B 91 -2.61 15.06 18.25
C LEU B 91 -1.45 15.83 18.86
N SER B 92 -0.49 15.07 19.39
CA SER B 92 0.77 15.62 19.83
C SER B 92 1.87 14.63 19.46
N PHE B 93 2.94 15.12 18.83
CA PHE B 93 4.10 14.29 18.51
C PHE B 93 5.28 15.18 18.15
N LYS B 94 6.47 14.61 18.22
CA LYS B 94 7.67 15.23 17.69
C LYS B 94 8.52 14.18 17.01
N VAL B 95 8.92 14.46 15.76
CA VAL B 95 9.82 13.59 15.02
C VAL B 95 10.99 14.42 14.52
N ARG B 96 12.08 13.71 14.22
CA ARG B 96 13.36 14.28 13.82
C ARG B 96 13.88 13.54 12.61
N SER B 97 14.83 14.19 11.93
CA SER B 97 15.55 13.59 10.81
C SER B 97 16.15 12.25 11.19
N GLY B 98 15.98 11.27 10.31
CA GLY B 98 16.46 9.93 10.53
C GLY B 98 15.38 8.94 10.87
N GLN B 99 14.21 9.40 11.29
CA GLN B 99 13.09 8.55 11.61
C GLN B 99 12.12 8.45 10.45
N MET B 100 11.34 7.38 10.44
CA MET B 100 10.26 7.21 9.48
C MET B 100 8.99 6.92 10.26
N LEU B 101 7.99 7.78 10.09
CA LEU B 101 6.72 7.67 10.78
C LEU B 101 5.63 7.26 9.81
N ALA B 102 5.06 6.08 10.00
CA ALA B 102 3.95 5.65 9.19
C ALA B 102 2.68 6.00 9.94
N ILE B 103 1.65 6.42 9.23
CA ILE B 103 0.36 6.73 9.83
C ILE B 103 -0.63 5.69 9.33
N ILE B 104 -1.29 5.00 10.25
CA ILE B 104 -2.21 3.93 9.88
C ILE B 104 -3.57 4.20 10.52
N GLY B 105 -4.56 3.47 10.03
CA GLY B 105 -5.92 3.68 10.44
C GLY B 105 -6.60 4.70 9.57
N SER B 106 -7.78 5.13 10.03
CA SER B 106 -8.59 6.10 9.30
C SER B 106 -7.88 7.44 9.17
N SER B 107 -7.65 8.12 10.29
CA SER B 107 -6.74 9.25 10.47
C SER B 107 -7.03 10.54 9.72
N GLY B 108 -7.84 10.52 8.67
CA GLY B 108 -8.11 11.69 7.87
C GLY B 108 -9.42 12.40 8.16
N CYS B 109 -9.87 13.14 7.15
CA CYS B 109 -11.11 13.90 7.16
C CYS B 109 -11.58 13.88 5.71
N GLY B 110 -12.77 14.43 5.47
CA GLY B 110 -13.30 14.47 4.12
C GLY B 110 -12.46 15.23 3.10
N ARG B 111 -12.07 14.51 2.03
CA ARG B 111 -11.28 15.02 0.90
C ARG B 111 -9.94 15.65 1.30
N ALA B 112 -9.38 15.26 2.46
CA ALA B 112 -8.08 15.75 2.89
C ALA B 112 -7.51 14.78 3.93
N SER B 113 -6.29 14.33 3.72
CA SER B 113 -5.60 13.46 4.66
C SER B 113 -4.96 14.27 5.77
N LEU B 114 -4.48 13.55 6.80
CA LEU B 114 -3.76 14.15 7.92
C LEU B 114 -2.54 14.94 7.46
N LEU B 115 -1.81 14.42 6.47
CA LEU B 115 -0.62 15.08 5.97
C LEU B 115 -0.93 16.40 5.30
N ASP B 116 -2.15 16.56 4.78
CA ASP B 116 -2.49 17.83 4.16
C ASP B 116 -2.85 18.85 5.24
N VAL B 117 -3.39 18.36 6.35
CA VAL B 117 -3.64 19.20 7.51
C VAL B 117 -2.32 19.69 8.11
N ILE B 118 -1.35 18.78 8.21
CA ILE B 118 -0.01 19.12 8.72
C ILE B 118 0.70 20.13 7.81
N THR B 119 0.61 19.94 6.49
CA THR B 119 1.24 20.93 5.61
C THR B 119 0.47 22.25 5.56
N GLY B 120 -0.74 22.28 6.06
CA GLY B 120 -1.47 23.52 6.16
C GLY B 120 -2.28 23.87 4.94
N ARG B 121 -2.59 22.90 4.10
CA ARG B 121 -3.36 23.15 2.89
C ARG B 121 -4.48 22.13 2.81
N GLY B 122 -5.54 22.30 3.60
CA GLY B 122 -6.65 21.37 3.56
C GLY B 122 -7.90 22.01 2.99
N HIS B 123 -8.99 21.27 3.08
CA HIS B 123 -10.27 21.75 2.57
C HIS B 123 -11.41 21.32 3.47
N GLY B 124 -12.46 22.13 3.50
CA GLY B 124 -13.66 21.73 4.21
C GLY B 124 -13.53 21.73 5.71
N GLY B 125 -12.59 22.50 6.23
CA GLY B 125 -12.35 22.55 7.65
C GLY B 125 -11.31 23.60 7.93
N LYS B 126 -10.92 23.69 9.20
CA LYS B 126 -9.94 24.68 9.60
C LYS B 126 -9.36 24.24 10.93
N ILE B 127 -8.15 24.72 11.21
CA ILE B 127 -7.50 24.40 12.46
C ILE B 127 -8.17 25.20 13.56
N LYS B 128 -8.66 24.52 14.59
CA LYS B 128 -9.31 25.28 15.65
C LYS B 128 -8.34 25.63 16.76
N SER B 129 -7.44 24.73 17.10
CA SER B 129 -6.47 25.01 18.17
C SER B 129 -5.23 24.16 17.96
N GLY B 130 -4.28 24.35 18.87
CA GLY B 130 -3.00 23.67 18.78
C GLY B 130 -2.02 24.39 17.88
N GLN B 131 -0.81 23.83 17.82
CA GLN B 131 0.28 24.41 17.06
C GLN B 131 0.98 23.34 16.24
N ILE B 132 1.56 23.77 15.12
CA ILE B 132 2.45 22.92 14.33
C ILE B 132 3.74 23.70 14.16
N TRP B 133 4.86 23.06 14.51
CA TRP B 133 6.16 23.69 14.44
C TRP B 133 7.04 22.92 13.48
N ILE B 134 7.77 23.65 12.64
CA ILE B 134 8.70 23.08 11.67
C ILE B 134 10.04 23.75 11.89
N ASN B 135 11.06 22.95 12.17
CA ASN B 135 12.44 23.37 12.43
C ASN B 135 12.51 24.41 13.54
N GLY B 136 11.67 24.24 14.56
CA GLY B 136 11.68 25.17 15.66
C GLY B 136 10.85 26.42 15.43
N GLN B 137 10.30 26.61 14.24
CA GLN B 137 9.50 27.78 13.94
C GLN B 137 8.05 27.37 13.70
N PRO B 138 7.08 28.24 13.99
CA PRO B 138 5.68 27.94 13.65
C PRO B 138 5.49 27.72 12.16
N SER B 139 4.68 26.71 11.82
CA SER B 139 4.41 26.37 10.43
C SER B 139 3.76 27.52 9.68
N SER B 140 4.14 27.65 8.42
CA SER B 140 3.69 28.71 7.54
C SER B 140 3.82 28.19 6.10
N PRO B 141 3.10 28.78 5.15
CA PRO B 141 3.33 28.42 3.73
C PRO B 141 4.77 28.51 3.24
N GLN B 142 5.58 29.42 3.79
CA GLN B 142 6.95 29.55 3.33
C GLN B 142 7.82 28.40 3.84
N LEU B 143 7.67 28.01 5.12
CA LEU B 143 8.42 26.86 5.63
C LEU B 143 8.01 25.56 4.95
N VAL B 144 6.73 25.43 4.61
CA VAL B 144 6.29 24.22 3.91
C VAL B 144 6.92 24.18 2.51
N ARG B 145 6.86 25.31 1.79
CA ARG B 145 7.48 25.39 0.47
C ARG B 145 8.99 25.16 0.52
N LYS B 146 9.67 25.64 1.56
CA LYS B 146 11.11 25.45 1.64
C LYS B 146 11.55 24.14 2.28
N CYS B 147 10.65 23.36 2.87
CA CYS B 147 11.13 22.17 3.57
C CYS B 147 10.42 20.87 3.17
N VAL B 148 9.14 20.93 2.88
CA VAL B 148 8.31 19.74 2.75
C VAL B 148 8.19 19.34 1.28
N ALA B 149 8.64 18.12 0.98
CA ALA B 149 8.53 17.50 -0.33
C ALA B 149 7.33 16.56 -0.34
N HIS B 150 6.16 17.12 -0.57
CA HIS B 150 4.95 16.30 -0.59
C HIS B 150 4.89 15.52 -1.90
N VAL B 151 4.64 14.22 -1.80
CA VAL B 151 4.46 13.33 -2.94
C VAL B 151 3.01 12.86 -2.88
N ARG B 152 2.24 13.18 -3.90
CA ARG B 152 0.80 12.94 -3.85
C ARG B 152 0.44 11.55 -4.33
N GLN B 153 -0.76 11.11 -3.92
CA GLN B 153 -1.27 9.80 -4.31
C GLN B 153 -1.53 9.73 -5.81
N HIS B 154 -2.01 10.82 -6.39
CA HIS B 154 -2.32 10.82 -7.82
C HIS B 154 -1.71 12.06 -8.43
N ASN B 155 -0.80 11.85 -9.37
CA ASN B 155 -0.22 12.89 -10.19
C ASN B 155 0.22 12.20 -11.47
N GLN B 156 0.66 12.99 -12.43
CA GLN B 156 1.11 12.42 -13.69
C GLN B 156 2.35 13.13 -14.16
N LEU B 157 3.17 12.35 -14.84
CA LEU B 157 4.36 12.76 -15.55
C LEU B 157 3.99 12.73 -17.02
N LEU B 158 4.63 13.60 -17.82
CA LEU B 158 4.27 13.69 -19.23
C LEU B 158 4.63 12.40 -19.95
N PRO B 159 3.70 11.83 -20.70
CA PRO B 159 3.90 10.54 -21.38
C PRO B 159 5.12 10.35 -22.27
N ASN B 160 5.67 11.37 -22.90
CA ASN B 160 6.68 11.08 -23.90
C ASN B 160 7.99 11.78 -23.63
N LEU B 161 8.37 11.83 -22.37
CA LEU B 161 9.69 12.25 -21.97
C LEU B 161 10.39 11.05 -21.37
N THR B 162 11.72 11.12 -21.31
CA THR B 162 12.46 10.07 -20.64
C THR B 162 12.69 10.50 -19.20
N VAL B 163 13.21 9.57 -18.39
CA VAL B 163 13.51 9.86 -16.99
C VAL B 163 14.55 10.97 -16.88
N ARG B 164 15.61 10.87 -17.68
CA ARG B 164 16.63 11.91 -17.72
C ARG B 164 16.04 13.24 -18.14
N GLU B 165 15.17 13.24 -19.15
CA GLU B 165 14.56 14.48 -19.60
C GLU B 165 13.57 15.03 -18.57
N THR B 166 12.75 14.17 -17.95
CA THR B 166 11.79 14.61 -16.94
C THR B 166 12.50 15.26 -15.76
N LEU B 167 13.52 14.57 -15.24
CA LEU B 167 14.30 15.09 -14.14
C LEU B 167 15.10 16.32 -14.55
N ALA B 168 15.62 16.35 -15.79
CA ALA B 168 16.37 17.50 -16.26
C ALA B 168 15.52 18.76 -16.35
N PHE B 169 14.27 18.64 -16.84
CA PHE B 169 13.39 19.81 -16.89
C PHE B 169 13.01 20.28 -15.49
N ILE B 170 12.70 19.34 -14.59
CA ILE B 170 12.37 19.73 -13.22
C ILE B 170 13.58 20.36 -12.54
N ALA B 171 14.77 19.79 -12.75
CA ALA B 171 16.02 20.33 -12.22
C ALA B 171 16.29 21.74 -12.71
N GLN B 172 16.02 22.01 -13.99
CA GLN B 172 16.14 23.38 -14.50
C GLN B 172 15.15 24.32 -13.81
N MET B 173 13.98 23.83 -13.45
CA MET B 173 13.02 24.71 -12.77
C MET B 173 13.14 24.74 -11.24
N ARG B 174 13.97 23.90 -10.61
CA ARG B 174 14.08 23.91 -9.15
C ARG B 174 15.44 24.32 -8.64
N LEU B 175 16.50 24.03 -9.36
CA LEU B 175 17.82 24.33 -8.84
C LEU B 175 18.15 25.78 -9.10
N PRO B 176 18.96 26.40 -8.25
CA PRO B 176 19.34 27.81 -8.43
C PRO B 176 19.97 28.10 -9.79
N ARG B 177 19.70 29.31 -10.30
CA ARG B 177 20.24 29.73 -11.59
C ARG B 177 21.77 29.85 -11.59
N THR B 178 22.41 29.80 -10.43
CA THR B 178 23.86 29.90 -10.33
C THR B 178 24.53 28.55 -10.52
N PHE B 179 23.75 27.48 -10.65
CA PHE B 179 24.35 26.19 -10.94
C PHE B 179 24.75 26.16 -12.40
N SER B 180 25.88 25.55 -12.68
CA SER B 180 26.24 25.27 -14.05
C SER B 180 25.44 24.06 -14.54
N GLN B 181 25.47 23.83 -15.85
CA GLN B 181 24.81 22.66 -16.41
C GLN B 181 25.45 21.36 -15.95
N ALA B 182 26.77 21.37 -15.74
CA ALA B 182 27.46 20.21 -15.21
C ALA B 182 26.98 19.84 -13.82
N GLN B 183 26.75 20.84 -12.97
CA GLN B 183 26.22 20.59 -11.63
C GLN B 183 24.79 20.05 -11.67
N ARG B 184 23.95 20.58 -12.55
CA ARG B 184 22.59 20.05 -12.67
C ARG B 184 22.58 18.62 -13.18
N ASP B 185 23.45 18.30 -14.15
CA ASP B 185 23.56 16.93 -14.63
C ASP B 185 24.06 16.01 -13.52
N LYS B 186 24.99 16.52 -12.71
CA LYS B 186 25.49 15.80 -11.54
C LYS B 186 24.36 15.48 -10.57
N ARG B 187 23.53 16.48 -10.26
CA ARG B 187 22.40 16.29 -9.35
C ARG B 187 21.39 15.29 -9.87
N VAL B 188 21.08 15.35 -11.16
CA VAL B 188 20.16 14.40 -11.77
C VAL B 188 20.71 12.98 -11.69
N GLU B 189 22.00 12.82 -11.98
CA GLU B 189 22.62 11.49 -11.89
C GLU B 189 22.65 10.97 -10.45
N ASP B 190 22.86 11.86 -9.48
CA ASP B 190 22.84 11.45 -8.08
C ASP B 190 21.46 10.94 -7.68
N VAL B 191 20.41 11.64 -8.13
CA VAL B 191 19.04 11.22 -7.84
C VAL B 191 18.72 9.91 -8.53
N ILE B 192 19.14 9.73 -9.79
CA ILE B 192 18.95 8.47 -10.50
C ILE B 192 19.67 7.33 -9.79
N ALA B 193 20.91 7.57 -9.35
CA ALA B 193 21.67 6.56 -8.62
C ALA B 193 21.02 6.18 -7.30
N GLU B 194 20.52 7.17 -6.56
CA GLU B 194 19.89 6.91 -5.27
C GLU B 194 18.63 6.07 -5.39
N LEU B 195 17.83 6.31 -6.42
CA LEU B 195 16.57 5.59 -6.60
C LEU B 195 16.71 4.31 -7.40
N ARG B 196 17.95 3.89 -7.69
CA ARG B 196 18.28 2.68 -8.45
C ARG B 196 17.63 2.68 -9.83
N LEU B 197 17.69 3.82 -10.50
CA LEU B 197 17.13 4.00 -11.84
C LEU B 197 18.14 4.07 -12.97
N ARG B 198 19.43 3.73 -12.74
CA ARG B 198 20.41 3.77 -13.83
C ARG B 198 20.06 2.81 -14.95
N GLN B 199 19.63 1.61 -14.58
CA GLN B 199 19.05 0.71 -15.56
C GLN B 199 17.67 1.29 -15.83
N CYS B 200 17.28 1.41 -17.11
CA CYS B 200 16.00 1.95 -17.56
C CYS B 200 15.92 3.49 -17.39
N ALA B 201 17.05 4.16 -17.18
CA ALA B 201 17.10 5.62 -17.12
C ALA B 201 16.67 6.27 -18.44
N ASP B 202 16.92 5.60 -19.57
CA ASP B 202 16.65 6.16 -20.88
C ASP B 202 15.32 5.72 -21.49
N THR B 203 14.40 5.17 -20.72
CA THR B 203 13.13 4.75 -21.29
C THR B 203 12.05 5.80 -21.02
N ARG B 204 10.86 5.55 -21.57
CA ARG B 204 9.73 6.47 -21.51
C ARG B 204 9.00 6.32 -20.18
N VAL B 205 8.58 7.45 -19.63
CA VAL B 205 7.92 7.54 -18.33
C VAL B 205 6.41 7.40 -18.54
N GLY B 206 6.02 7.12 -19.78
CA GLY B 206 4.62 7.18 -20.16
C GLY B 206 3.66 6.30 -19.38
N ASN B 207 2.48 6.88 -19.15
CA ASN B 207 1.31 6.31 -18.53
C ASN B 207 0.23 6.10 -19.59
N MET B 208 -0.05 7.16 -20.37
CA MET B 208 -0.98 7.11 -21.49
C MET B 208 -0.37 6.31 -22.64
N TYR B 209 0.96 6.21 -22.63
CA TYR B 209 1.84 5.54 -23.57
C TYR B 209 2.11 4.11 -23.13
N VAL B 210 1.40 3.64 -22.09
CA VAL B 210 1.50 2.40 -21.31
C VAL B 210 2.80 1.60 -21.46
N ARG B 211 3.22 1.29 -22.69
CA ARG B 211 4.50 0.64 -22.92
C ARG B 211 5.63 1.52 -22.39
N GLY B 212 6.50 0.94 -21.59
CA GLY B 212 7.58 1.69 -20.99
C GLY B 212 7.93 1.09 -19.63
N LEU B 213 8.38 1.96 -18.74
CA LEU B 213 8.76 1.53 -17.39
C LEU B 213 7.55 1.21 -16.51
N SER B 214 7.80 0.37 -15.51
CA SER B 214 6.79 -0.20 -14.64
C SER B 214 6.23 0.84 -13.68
N GLY B 215 5.11 0.46 -13.04
CA GLY B 215 4.47 1.33 -12.05
C GLY B 215 5.36 1.67 -10.87
N GLY B 216 6.16 0.70 -10.42
CA GLY B 216 7.12 0.97 -9.36
C GLY B 216 8.13 2.03 -9.76
N GLU B 217 8.68 1.87 -10.95
CA GLU B 217 9.62 2.85 -11.48
C GLU B 217 8.96 4.22 -11.69
N ARG B 218 7.67 4.25 -12.08
CA ARG B 218 6.96 5.53 -12.16
C ARG B 218 6.87 6.19 -10.80
N ARG B 219 6.59 5.38 -9.77
CA ARG B 219 6.52 5.90 -8.41
C ARG B 219 7.87 6.45 -7.97
N ARG B 220 8.95 5.76 -8.33
CA ARG B 220 10.29 6.24 -8.01
C ARG B 220 10.60 7.55 -8.72
N VAL B 221 10.21 7.69 -10.00
CA VAL B 221 10.42 8.94 -10.71
C VAL B 221 9.62 10.07 -10.05
N SER B 222 8.38 9.76 -9.64
CA SER B 222 7.54 10.70 -8.90
C SER B 222 8.17 11.14 -7.60
N ILE B 223 8.95 10.26 -6.96
CA ILE B 223 9.70 10.66 -5.77
C ILE B 223 10.90 11.52 -6.18
N GLY B 224 11.61 11.11 -7.22
CA GLY B 224 12.80 11.81 -7.69
C GLY B 224 12.57 13.26 -8.07
N VAL B 225 11.43 13.57 -8.69
CA VAL B 225 11.12 14.95 -9.07
C VAL B 225 10.97 15.87 -7.86
N GLN B 226 10.83 15.30 -6.66
CA GLN B 226 10.81 16.01 -5.39
C GLN B 226 12.17 15.98 -4.73
N LEU B 227 12.89 14.86 -4.85
CA LEU B 227 14.25 14.76 -4.30
C LEU B 227 15.26 15.69 -4.95
N LEU B 228 15.03 16.08 -6.21
CA LEU B 228 16.01 16.91 -6.94
C LEU B 228 16.43 18.19 -6.22
N TRP B 229 15.54 18.83 -5.50
CA TRP B 229 15.90 20.09 -4.86
C TRP B 229 16.47 19.89 -3.46
N ASN B 230 16.75 18.63 -3.09
CA ASN B 230 17.34 18.14 -1.85
C ASN B 230 16.52 18.47 -0.62
N PRO B 231 15.30 17.95 -0.49
CA PRO B 231 14.45 18.28 0.67
C PRO B 231 14.97 17.70 1.96
N GLY B 232 14.51 18.29 3.05
CA GLY B 232 14.86 17.77 4.35
C GLY B 232 13.78 16.89 4.93
N ILE B 233 12.52 17.21 4.63
CA ILE B 233 11.34 16.47 5.09
C ILE B 233 10.62 15.97 3.85
N LEU B 234 10.46 14.67 3.74
CA LEU B 234 9.75 14.04 2.63
C LEU B 234 8.45 13.45 3.15
N ILE B 235 7.33 13.81 2.54
CA ILE B 235 6.01 13.37 2.96
C ILE B 235 5.32 12.69 1.80
N LEU B 236 4.90 11.44 1.98
CA LEU B 236 4.26 10.67 0.93
C LEU B 236 2.86 10.26 1.33
N ASP B 237 1.94 10.34 0.38
CA ASP B 237 0.56 9.96 0.61
C ASP B 237 0.29 8.72 -0.21
N GLU B 238 0.01 7.60 0.46
CA GLU B 238 -0.27 6.32 -0.17
C GLU B 238 0.77 5.81 -1.18
N PRO B 239 2.08 5.77 -0.80
CA PRO B 239 3.11 5.35 -1.78
C PRO B 239 2.91 3.97 -2.39
N THR B 240 2.39 3.02 -1.64
CA THR B 240 2.20 1.68 -2.19
C THR B 240 0.74 1.53 -2.58
N SER B 241 0.40 2.11 -3.72
CA SER B 241 -0.97 2.11 -4.21
C SER B 241 -0.94 1.70 -5.68
N GLY B 242 -1.48 0.53 -5.98
CA GLY B 242 -1.44 0.00 -7.31
C GLY B 242 -0.26 -0.90 -7.56
N LEU B 243 0.67 -0.97 -6.62
CA LEU B 243 1.86 -1.80 -6.71
C LEU B 243 1.62 -3.21 -6.21
N ASP B 244 2.45 -4.13 -6.69
CA ASP B 244 2.38 -5.52 -6.28
C ASP B 244 3.02 -5.66 -4.90
N SER B 245 3.02 -6.87 -4.35
CA SER B 245 3.54 -7.09 -3.01
C SER B 245 5.05 -6.83 -2.93
N PHE B 246 5.79 -7.42 -3.87
CA PHE B 246 7.25 -7.30 -3.90
C PHE B 246 7.66 -5.88 -4.20
N THR B 247 6.96 -5.23 -5.12
CA THR B 247 7.25 -3.86 -5.50
C THR B 247 7.01 -2.92 -4.33
N ALA B 248 5.89 -3.10 -3.62
CA ALA B 248 5.59 -2.28 -2.45
C ALA B 248 6.63 -2.49 -1.35
N HIS B 249 7.06 -3.73 -1.16
CA HIS B 249 8.09 -4.03 -0.15
C HIS B 249 9.39 -3.32 -0.46
N ASN B 250 9.86 -3.43 -1.72
CA ASN B 250 11.09 -2.78 -2.14
C ASN B 250 10.99 -1.27 -2.08
N LEU B 251 9.81 -0.73 -2.38
CA LEU B 251 9.60 0.71 -2.29
C LEU B 251 9.69 1.21 -0.85
N VAL B 252 9.10 0.46 0.09
CA VAL B 252 9.18 0.84 1.50
C VAL B 252 10.63 0.77 1.99
N LYS B 253 11.38 -0.25 1.58
CA LYS B 253 12.82 -0.27 1.90
C LYS B 253 13.56 0.92 1.31
N THR B 254 13.18 1.35 0.10
CA THR B 254 13.76 2.56 -0.50
C THR B 254 13.48 3.78 0.36
N LEU B 255 12.24 3.89 0.84
CA LEU B 255 11.88 4.99 1.73
C LEU B 255 12.66 4.94 3.03
N SER B 256 12.92 3.73 3.53
CA SER B 256 13.77 3.56 4.70
C SER B 256 15.18 4.07 4.47
N ARG B 257 15.78 3.75 3.31
CA ARG B 257 17.09 4.30 2.97
C ARG B 257 17.08 5.81 2.86
N LEU B 258 16.02 6.39 2.31
CA LEU B 258 15.91 7.85 2.26
C LEU B 258 15.87 8.44 3.66
N ALA B 259 15.14 7.78 4.58
CA ALA B 259 15.13 8.20 5.97
C ALA B 259 16.51 8.07 6.60
N LYS B 260 17.22 6.99 6.27
CA LYS B 260 18.57 6.72 6.76
C LYS B 260 19.55 7.83 6.41
N GLY B 261 19.40 8.41 5.22
CA GLY B 261 20.25 9.49 4.78
C GLY B 261 19.95 10.87 5.30
N ASN B 262 19.83 11.03 6.62
CA ASN B 262 19.58 12.31 7.30
C ASN B 262 18.30 13.01 6.82
N ARG B 263 17.21 12.25 6.67
CA ARG B 263 15.93 12.83 6.32
C ARG B 263 14.83 12.33 7.23
N LEU B 264 13.79 13.13 7.34
CA LEU B 264 12.55 12.77 8.01
C LEU B 264 11.54 12.36 6.95
N VAL B 265 11.00 11.15 7.07
CA VAL B 265 10.04 10.63 6.09
C VAL B 265 8.74 10.32 6.80
N LEU B 266 7.65 10.89 6.30
CA LEU B 266 6.30 10.64 6.82
C LEU B 266 5.49 9.95 5.75
N ILE B 267 4.83 8.86 6.10
CA ILE B 267 4.08 8.05 5.15
C ILE B 267 2.66 7.89 5.64
N SER B 268 1.69 8.23 4.79
CA SER B 268 0.30 7.91 5.08
C SER B 268 0.00 6.60 4.40
N LEU B 269 -0.31 5.57 5.17
CA LEU B 269 -0.52 4.26 4.57
C LEU B 269 -1.67 3.54 5.26
N HIS B 270 -2.79 3.45 4.55
CA HIS B 270 -3.99 2.77 5.03
C HIS B 270 -3.88 1.28 4.79
N GLN B 271 -4.16 0.48 5.82
CA GLN B 271 -4.14 -0.99 5.79
C GLN B 271 -2.82 -1.61 5.34
N PRO B 272 -1.70 -1.35 6.02
CA PRO B 272 -0.44 -1.96 5.56
C PRO B 272 -0.42 -3.47 5.73
N ARG B 273 0.31 -4.12 4.84
CA ARG B 273 0.49 -5.56 4.90
C ARG B 273 1.42 -5.92 6.05
N SER B 274 1.38 -7.21 6.42
CA SER B 274 2.25 -7.77 7.46
C SER B 274 3.73 -7.44 7.23
N ASP B 275 4.22 -7.71 6.02
CA ASP B 275 5.63 -7.52 5.70
C ASP B 275 5.99 -6.05 5.56
N ILE B 276 5.03 -5.18 5.39
CA ILE B 276 5.28 -3.76 5.32
C ILE B 276 5.27 -3.18 6.72
N PHE B 277 4.33 -3.65 7.53
CA PHE B 277 4.27 -3.26 8.94
C PHE B 277 5.58 -3.58 9.65
N ARG B 278 6.17 -4.75 9.38
CA ARG B 278 7.48 -5.07 9.96
C ARG B 278 8.61 -4.14 9.55
N LEU B 279 8.46 -3.38 8.48
CA LEU B 279 9.51 -2.47 8.04
C LEU B 279 9.41 -1.09 8.67
N PHE B 280 8.38 -0.84 9.48
CA PHE B 280 8.17 0.49 10.02
C PHE B 280 9.05 0.79 11.22
N ASP B 281 9.52 2.03 11.29
CA ASP B 281 10.27 2.49 12.46
C ASP B 281 9.30 2.97 13.53
N LEU B 282 8.58 4.06 13.26
CA LEU B 282 7.52 4.57 14.12
C LEU B 282 6.17 4.39 13.44
N VAL B 283 5.13 4.21 14.23
CA VAL B 283 3.77 4.13 13.70
C VAL B 283 2.84 4.97 14.56
N LEU B 284 1.95 5.71 13.91
CA LEU B 284 0.87 6.45 14.53
C LEU B 284 -0.42 5.75 14.17
N LEU B 285 -1.08 5.17 15.17
CA LEU B 285 -2.31 4.43 14.97
C LEU B 285 -3.49 5.32 15.29
N MET B 286 -4.38 5.54 14.33
CA MET B 286 -5.56 6.36 14.56
C MET B 286 -6.81 5.56 14.23
N THR B 287 -7.89 5.85 14.96
CA THR B 287 -9.19 5.25 14.70
C THR B 287 -10.09 6.16 13.86
N SER B 288 -9.92 7.46 14.05
CA SER B 288 -10.56 8.63 13.47
C SER B 288 -9.52 9.69 13.76
N GLY B 289 -9.93 10.95 13.86
CA GLY B 289 -9.01 11.98 14.33
C GLY B 289 -8.39 11.74 15.69
N THR B 290 -8.96 10.81 16.46
CA THR B 290 -8.47 10.44 17.78
C THR B 290 -7.30 9.46 17.67
N PRO B 291 -6.12 9.77 18.22
CA PRO B 291 -5.01 8.82 18.20
C PRO B 291 -5.18 7.72 19.25
N ILE B 292 -4.57 6.58 19.00
CA ILE B 292 -4.59 5.44 19.92
C ILE B 292 -3.21 5.13 20.46
N TYR B 293 -2.22 5.08 19.58
CA TYR B 293 -0.88 4.66 19.97
C TYR B 293 0.14 5.39 19.10
N LEU B 294 1.21 5.86 19.72
CA LEU B 294 2.31 6.48 18.99
C LEU B 294 3.63 5.98 19.56
N GLY B 295 4.45 5.36 18.74
CA GLY B 295 5.72 4.85 19.19
C GLY B 295 6.23 3.79 18.23
N ALA B 296 7.25 3.08 18.68
CA ALA B 296 7.91 2.04 17.88
C ALA B 296 6.93 0.99 17.41
N ALA B 297 7.00 0.64 16.12
CA ALA B 297 6.08 -0.33 15.57
C ALA B 297 6.27 -1.71 16.18
N GLN B 298 7.52 -2.13 16.39
CA GLN B 298 7.76 -3.50 16.85
C GLN B 298 7.36 -3.72 18.30
N HIS B 299 7.00 -2.67 19.03
CA HIS B 299 6.58 -2.79 20.41
C HIS B 299 5.09 -2.52 20.56
N MET B 300 4.37 -2.32 19.44
CA MET B 300 2.96 -1.94 19.50
C MET B 300 2.11 -3.00 20.18
N VAL B 301 2.39 -4.26 19.88
CA VAL B 301 1.64 -5.38 20.45
C VAL B 301 1.83 -5.41 21.96
N GLN B 302 3.07 -5.19 22.44
CA GLN B 302 3.31 -5.21 23.88
C GLN B 302 2.51 -4.13 24.58
N TYR B 303 2.43 -2.95 23.96
CA TYR B 303 1.65 -1.84 24.51
C TYR B 303 0.22 -2.25 24.73
N PHE B 304 -0.38 -2.88 23.73
CA PHE B 304 -1.77 -3.26 23.89
C PHE B 304 -1.90 -4.42 24.84
N THR B 305 -0.97 -5.38 24.80
CA THR B 305 -1.06 -6.54 25.66
C THR B 305 -0.96 -6.13 27.13
N ALA B 306 -0.10 -5.18 27.43
CA ALA B 306 0.05 -4.70 28.79
C ALA B 306 -1.09 -3.78 29.22
N ILE B 307 -2.08 -3.49 28.37
CA ILE B 307 -3.21 -2.71 28.84
C ILE B 307 -4.52 -3.49 28.73
N GLY B 308 -4.43 -4.80 28.49
CA GLY B 308 -5.59 -5.65 28.50
C GLY B 308 -6.19 -6.07 27.18
N TYR B 309 -5.54 -5.82 26.05
CA TYR B 309 -6.09 -6.21 24.76
C TYR B 309 -5.07 -7.06 24.01
N PRO B 310 -5.02 -8.36 24.25
CA PRO B 310 -4.10 -9.22 23.52
C PRO B 310 -4.41 -9.29 22.03
N CYS B 311 -3.47 -9.85 21.29
CA CYS B 311 -3.54 -10.06 19.87
C CYS B 311 -3.07 -11.49 19.63
N PRO B 312 -3.72 -12.23 18.76
CA PRO B 312 -3.26 -13.59 18.50
C PRO B 312 -1.97 -13.62 17.68
N ARG B 313 -1.27 -14.73 17.81
CA ARG B 313 -0.11 -14.97 16.98
C ARG B 313 -0.67 -15.25 15.59
N TYR B 314 0.13 -14.98 14.56
CA TYR B 314 -0.25 -15.14 13.15
C TYR B 314 -1.43 -14.25 12.79
N SER B 315 -1.46 -13.05 13.35
CA SER B 315 -2.44 -12.02 13.03
C SER B 315 -1.68 -10.72 12.82
N ASN B 316 -1.96 -10.01 11.73
CA ASN B 316 -1.28 -8.76 11.46
C ASN B 316 -1.69 -7.79 12.57
N PRO B 317 -0.73 -7.13 13.22
CA PRO B 317 -1.10 -6.17 14.27
C PRO B 317 -1.86 -4.96 13.76
N ALA B 318 -1.48 -4.42 12.60
CA ALA B 318 -2.13 -3.22 12.08
C ALA B 318 -3.59 -3.44 11.78
N ASP B 319 -3.91 -4.55 11.12
CA ASP B 319 -5.30 -4.85 10.77
C ASP B 319 -6.14 -5.15 12.00
N PHE B 320 -5.63 -5.98 12.91
CA PHE B 320 -6.39 -6.36 14.10
C PHE B 320 -6.65 -5.16 15.00
N TYR B 321 -5.63 -4.33 15.25
CA TYR B 321 -5.86 -3.18 16.11
C TYR B 321 -6.76 -2.15 15.44
N VAL B 322 -6.62 -1.95 14.12
CA VAL B 322 -7.48 -0.99 13.43
C VAL B 322 -8.94 -1.45 13.49
N ASP B 323 -9.20 -2.74 13.25
CA ASP B 323 -10.57 -3.23 13.34
C ASP B 323 -11.09 -3.18 14.77
N LEU B 324 -10.21 -3.44 15.75
CA LEU B 324 -10.61 -3.38 17.15
C LEU B 324 -11.05 -1.98 17.54
N THR B 325 -10.33 -0.96 17.09
CA THR B 325 -10.72 0.39 17.45
C THR B 325 -11.64 1.07 16.43
N SER B 326 -12.00 0.40 15.33
CA SER B 326 -12.86 1.00 14.29
C SER B 326 -14.24 1.31 14.85
N ILE B 327 -14.81 2.45 14.44
CA ILE B 327 -16.10 2.93 14.95
C ILE B 327 -17.27 2.76 13.97
N ASP B 328 -17.88 1.58 13.99
CA ASP B 328 -19.02 1.26 13.13
C ASP B 328 -20.22 2.17 13.38
N ARG B 329 -20.88 2.57 12.29
CA ARG B 329 -22.01 3.48 12.35
C ARG B 329 -23.30 2.82 11.90
N ARG B 330 -23.35 1.49 11.89
CA ARG B 330 -24.56 0.76 11.48
C ARG B 330 -25.72 0.96 12.43
N SER B 331 -25.47 1.30 13.70
CA SER B 331 -26.54 1.52 14.66
C SER B 331 -26.06 2.54 15.68
N ARG B 332 -27.01 3.13 16.40
CA ARG B 332 -26.63 4.10 17.42
C ARG B 332 -26.00 3.44 18.63
N GLU B 333 -26.45 2.22 18.96
CA GLU B 333 -25.90 1.52 20.11
C GLU B 333 -24.44 1.15 19.90
N GLN B 334 -24.12 0.65 18.71
CA GLN B 334 -22.74 0.27 18.40
C GLN B 334 -21.84 1.48 18.27
N GLU B 335 -22.31 2.53 17.59
CA GLU B 335 -21.53 3.76 17.46
C GLU B 335 -21.24 4.39 18.81
N LEU B 336 -22.23 4.42 19.70
CA LEU B 336 -22.03 4.95 21.04
C LEU B 336 -21.00 4.14 21.82
N ALA B 337 -21.16 2.81 21.83
CA ALA B 337 -20.26 1.92 22.57
C ALA B 337 -18.83 2.01 22.04
N THR B 338 -18.68 2.10 20.73
CA THR B 338 -17.35 2.13 20.15
C THR B 338 -16.67 3.48 20.32
N ARG B 339 -17.42 4.58 20.24
CA ARG B 339 -16.83 5.88 20.54
C ARG B 339 -16.35 5.94 21.98
N GLU B 340 -17.12 5.35 22.91
CA GLU B 340 -16.68 5.30 24.30
C GLU B 340 -15.40 4.49 24.46
N LYS B 341 -15.31 3.36 23.75
CA LYS B 341 -14.10 2.53 23.77
C LYS B 341 -12.88 3.28 23.25
N ALA B 342 -13.04 3.95 22.10
CA ALA B 342 -11.96 4.72 21.50
C ALA B 342 -11.50 5.85 22.40
N GLN B 343 -12.44 6.55 23.05
CA GLN B 343 -12.05 7.63 23.94
C GLN B 343 -11.32 7.11 25.16
N SER B 344 -11.73 5.94 25.67
CA SER B 344 -11.03 5.32 26.79
C SER B 344 -9.58 4.99 26.42
N LEU B 345 -9.37 4.39 25.25
CA LEU B 345 -8.02 4.06 24.80
C LEU B 345 -7.17 5.30 24.59
N ALA B 346 -7.75 6.37 24.05
CA ALA B 346 -7.00 7.61 23.84
C ALA B 346 -6.56 8.24 25.15
N ALA B 347 -7.48 8.30 26.13
CA ALA B 347 -7.14 8.85 27.44
C ALA B 347 -6.09 8.00 28.13
N LEU B 348 -6.19 6.68 27.96
CA LEU B 348 -5.23 5.76 28.53
C LEU B 348 -3.84 5.98 27.95
N PHE B 349 -3.75 6.16 26.62
CA PHE B 349 -2.46 6.48 25.99
C PHE B 349 -1.90 7.80 26.49
N LEU B 350 -2.73 8.86 26.55
CA LEU B 350 -2.26 10.17 27.01
C LEU B 350 -1.72 10.08 28.43
N GLU B 351 -2.35 9.25 29.28
CA GLU B 351 -1.82 9.03 30.61
C GLU B 351 -0.49 8.26 30.58
N LYS B 352 -0.39 7.24 29.72
CA LYS B 352 0.83 6.42 29.63
C LYS B 352 2.06 7.20 29.23
N VAL B 353 1.94 8.21 28.37
CA VAL B 353 3.09 8.96 27.89
C VAL B 353 3.12 10.37 28.48
N ARG B 354 2.35 10.61 29.54
CA ARG B 354 2.28 11.93 30.18
C ARG B 354 3.66 12.41 30.60
N ASP B 355 4.49 11.52 31.17
CA ASP B 355 5.80 11.90 31.65
C ASP B 355 6.91 11.52 30.68
N LEU B 356 6.57 11.08 29.48
CA LEU B 356 7.58 10.65 28.52
C LEU B 356 7.70 11.68 27.39
N ASP B 357 8.93 12.07 27.11
CA ASP B 357 9.25 13.05 26.06
C ASP B 357 8.80 12.60 24.68
N ASP B 358 8.26 13.56 23.91
CA ASP B 358 7.83 13.45 22.51
C ASP B 358 6.69 12.48 22.26
N PHE B 359 6.05 11.96 23.31
CA PHE B 359 4.88 11.09 23.24
C PHE B 359 5.14 9.79 22.46
N LEU B 360 6.38 9.33 22.42
CA LEU B 360 6.76 8.14 21.66
C LEU B 360 6.99 7.00 22.64
N TRP B 361 6.16 5.96 22.53
CA TRP B 361 6.29 4.79 23.39
C TRP B 361 7.63 4.11 23.16
N LYS B 362 8.34 3.85 24.26
CA LYS B 362 9.70 3.30 24.34
C LYS B 362 10.67 3.71 23.23
N THR B 390 20.41 32.09 -2.29
CA THR B 390 20.12 31.20 -3.41
C THR B 390 19.09 31.82 -4.35
N LYS B 391 19.57 32.29 -5.51
CA LYS B 391 18.68 32.94 -6.48
C LYS B 391 18.00 31.87 -7.30
N MET B 392 16.74 32.08 -7.60
CA MET B 392 15.94 31.14 -8.37
C MET B 392 15.75 31.60 -9.80
N PRO B 393 15.44 30.66 -10.73
CA PRO B 393 15.19 31.05 -12.13
C PRO B 393 14.06 32.06 -12.29
N GLY B 394 14.27 33.00 -13.20
CA GLY B 394 13.29 34.04 -13.45
C GLY B 394 12.20 33.59 -14.41
N ALA B 395 11.30 34.53 -14.71
CA ALA B 395 10.13 34.23 -15.53
C ALA B 395 10.49 33.78 -16.94
N VAL B 396 11.52 34.37 -17.54
CA VAL B 396 11.91 34.02 -18.89
C VAL B 396 12.48 32.61 -18.96
N GLN B 397 13.32 32.25 -17.99
CA GLN B 397 13.89 30.90 -17.94
C GLN B 397 12.81 29.85 -17.69
N GLN B 398 11.85 30.18 -16.84
CA GLN B 398 10.72 29.27 -16.58
C GLN B 398 9.88 29.10 -17.82
N PHE B 399 9.61 30.20 -18.53
CA PHE B 399 8.89 30.15 -19.80
C PHE B 399 9.61 29.28 -20.82
N THR B 400 10.92 29.49 -20.98
CA THR B 400 11.73 28.72 -21.92
C THR B 400 11.69 27.23 -21.59
N THR B 401 11.80 26.88 -20.31
CA THR B 401 11.75 25.48 -19.91
C THR B 401 10.37 24.88 -20.18
N LEU B 402 9.29 25.61 -19.84
CA LEU B 402 7.94 25.11 -20.07
C LEU B 402 7.64 24.94 -21.55
N ILE B 403 8.09 25.89 -22.39
CA ILE B 403 7.83 25.80 -23.82
C ILE B 403 8.62 24.64 -24.44
N ARG B 404 9.86 24.41 -24.00
CA ARG B 404 10.63 23.28 -24.51
C ARG B 404 10.03 21.96 -24.08
N ARG B 405 9.58 21.86 -22.83
CA ARG B 405 8.97 20.62 -22.35
C ARG B 405 7.66 20.32 -23.07
N GLN B 406 6.81 21.34 -23.22
CA GLN B 406 5.53 21.17 -23.89
C GLN B 406 5.70 20.75 -25.34
N ILE B 407 6.60 21.43 -26.07
CA ILE B 407 6.82 21.10 -27.48
C ILE B 407 7.44 19.71 -27.61
N SER B 408 8.43 19.40 -26.75
CA SER B 408 9.08 18.09 -26.76
C SER B 408 8.10 16.97 -26.51
N ASN B 409 7.19 17.13 -25.54
CA ASN B 409 6.21 16.09 -25.28
C ASN B 409 5.19 15.95 -26.40
N ASP B 410 4.48 17.04 -26.76
CA ASP B 410 3.40 16.88 -27.74
C ASP B 410 3.90 16.51 -29.14
N PHE B 411 5.07 16.98 -29.57
CA PHE B 411 5.48 16.62 -30.93
C PHE B 411 6.07 15.22 -31.02
N ARG B 412 6.15 14.50 -29.92
CA ARG B 412 6.47 13.08 -29.96
C ARG B 412 5.22 12.24 -29.94
N ASP B 413 4.08 12.88 -29.65
CA ASP B 413 2.80 12.19 -29.56
C ASP B 413 2.19 12.19 -30.96
N LEU B 414 2.73 11.31 -31.80
CA LEU B 414 2.32 11.20 -33.20
C LEU B 414 0.88 10.74 -33.44
N PRO B 415 0.33 9.70 -32.75
CA PRO B 415 -1.09 9.36 -32.98
C PRO B 415 -2.09 10.51 -32.87
N THR B 416 -1.95 11.39 -31.87
CA THR B 416 -2.86 12.53 -31.76
C THR B 416 -2.70 13.48 -32.94
N LEU B 417 -1.45 13.76 -33.33
CA LEU B 417 -1.19 14.64 -34.47
C LEU B 417 -1.79 14.09 -35.75
N LEU B 418 -1.66 12.77 -35.95
CA LEU B 418 -2.25 12.14 -37.12
C LEU B 418 -3.78 12.20 -37.10
N ILE B 419 -4.37 11.98 -35.92
CA ILE B 419 -5.83 12.06 -35.79
C ILE B 419 -6.32 13.47 -36.08
N HIS B 420 -5.69 14.49 -35.50
CA HIS B 420 -6.10 15.87 -35.72
C HIS B 420 -5.94 16.28 -37.18
N GLY B 421 -4.81 15.88 -37.79
CA GLY B 421 -4.61 16.13 -39.20
C GLY B 421 -5.64 15.47 -40.09
N ALA B 422 -5.88 14.17 -39.86
CA ALA B 422 -6.85 13.42 -40.64
C ALA B 422 -8.25 14.00 -40.52
N GLU B 423 -8.64 14.44 -39.33
CA GLU B 423 -9.96 15.05 -39.17
C GLU B 423 -10.07 16.36 -39.91
N ALA B 424 -9.04 17.22 -39.81
CA ALA B 424 -9.05 18.49 -40.55
C ALA B 424 -9.06 18.28 -42.06
N CYS B 425 -8.27 17.32 -42.56
CA CYS B 425 -8.21 17.08 -44.00
C CYS B 425 -9.52 16.51 -44.52
N LEU B 426 -10.11 15.51 -43.81
CA LEU B 426 -11.37 14.94 -44.27
C LEU B 426 -12.48 15.97 -44.25
N MET B 427 -12.52 16.83 -43.23
CA MET B 427 -13.55 17.87 -43.20
C MET B 427 -13.38 18.89 -44.32
N SER B 428 -12.15 19.33 -44.58
CA SER B 428 -11.91 20.30 -45.63
C SER B 428 -12.18 19.72 -47.01
N MET B 429 -11.91 18.42 -47.20
CA MET B 429 -12.23 17.79 -48.48
C MET B 429 -13.73 17.65 -48.68
N THR B 430 -14.49 17.30 -47.63
CA THR B 430 -15.95 17.22 -47.79
C THR B 430 -16.55 18.59 -48.11
N ILE B 431 -16.10 19.64 -47.43
CA ILE B 431 -16.61 20.98 -47.73
C ILE B 431 -16.23 21.39 -49.15
N GLY B 432 -14.97 21.15 -49.53
CA GLY B 432 -14.52 21.44 -50.88
C GLY B 432 -15.30 20.72 -51.96
N PHE B 433 -15.46 19.40 -51.82
CA PHE B 433 -16.21 18.63 -52.82
C PHE B 433 -17.68 19.03 -52.89
N LEU B 434 -18.32 19.30 -51.76
CA LEU B 434 -19.71 19.74 -51.77
C LEU B 434 -19.89 21.04 -52.55
N TYR B 435 -18.97 21.99 -52.37
CA TYR B 435 -19.00 23.28 -53.04
C TYR B 435 -18.02 23.34 -54.21
N PHE B 436 -17.71 22.18 -54.80
CA PHE B 436 -16.77 22.05 -55.92
C PHE B 436 -17.10 23.00 -57.07
N GLY B 437 -16.11 23.77 -57.49
CA GLY B 437 -16.32 24.78 -58.50
C GLY B 437 -15.48 24.73 -59.76
N HIS B 438 -14.79 23.62 -60.04
CA HIS B 438 -13.94 23.56 -61.23
C HIS B 438 -14.60 22.82 -62.38
N GLY B 439 -14.87 21.53 -62.21
CA GLY B 439 -15.49 20.73 -63.25
C GLY B 439 -17.00 20.76 -63.17
N SER B 440 -17.58 21.95 -63.17
CA SER B 440 -19.01 22.09 -62.92
C SER B 440 -19.48 23.43 -63.46
N ILE B 441 -20.65 23.84 -63.00
CA ILE B 441 -21.24 25.13 -63.30
C ILE B 441 -20.85 26.04 -62.15
N GLN B 442 -20.38 27.24 -62.47
CA GLN B 442 -19.87 28.21 -61.50
C GLN B 442 -20.84 28.45 -60.35
N LEU B 443 -20.28 28.53 -59.15
CA LEU B 443 -21.07 28.67 -57.94
C LEU B 443 -21.88 29.95 -57.94
N SER B 444 -23.11 29.85 -57.46
CA SER B 444 -23.97 31.01 -57.31
C SER B 444 -23.45 31.90 -56.19
N PHE B 445 -23.94 33.14 -56.16
CA PHE B 445 -23.56 34.07 -55.10
C PHE B 445 -23.94 33.53 -53.73
N MET B 446 -25.19 33.09 -53.58
CA MET B 446 -25.66 32.60 -52.29
C MET B 446 -24.96 31.33 -51.86
N ASP B 447 -24.59 30.45 -52.81
CA ASP B 447 -23.81 29.27 -52.46
C ASP B 447 -22.41 29.65 -51.97
N THR B 448 -21.80 30.65 -52.61
CA THR B 448 -20.49 31.12 -52.17
C THR B 448 -20.57 31.73 -50.77
N ALA B 449 -21.59 32.54 -50.50
CA ALA B 449 -21.76 33.11 -49.17
C ALA B 449 -21.98 32.03 -48.12
N ALA B 450 -22.78 31.01 -48.45
CA ALA B 450 -22.98 29.88 -47.55
C ALA B 450 -21.68 29.12 -47.32
N LEU B 451 -20.87 28.99 -48.37
CA LEU B 451 -19.55 28.36 -48.26
C LEU B 451 -18.65 29.10 -47.29
N LEU B 452 -18.55 30.42 -47.44
CA LEU B 452 -17.67 31.21 -46.59
C LEU B 452 -18.13 31.17 -45.12
N PHE B 453 -19.44 31.22 -44.90
CA PHE B 453 -19.97 31.07 -43.55
C PHE B 453 -19.65 29.69 -42.98
N MET B 454 -19.88 28.64 -43.76
CA MET B 454 -19.55 27.28 -43.32
C MET B 454 -18.06 27.08 -43.07
N ILE B 455 -17.19 27.72 -43.85
CA ILE B 455 -15.75 27.63 -43.58
C ILE B 455 -15.45 28.20 -42.20
N GLY B 456 -16.01 29.36 -41.88
CA GLY B 456 -15.81 29.84 -40.52
C GLY B 456 -16.49 29.05 -39.39
N ALA B 457 -17.82 28.93 -39.47
CA ALA B 457 -18.63 28.32 -38.42
C ALA B 457 -18.36 26.84 -38.16
N LEU B 458 -18.00 26.06 -39.17
CA LEU B 458 -17.91 24.62 -38.92
C LEU B 458 -16.59 24.18 -38.29
N ILE B 459 -15.65 25.08 -38.08
CA ILE B 459 -14.38 24.66 -37.47
C ILE B 459 -14.43 24.51 -35.94
N PRO B 460 -14.99 25.44 -35.10
CA PRO B 460 -14.92 25.24 -33.63
C PRO B 460 -15.35 23.90 -33.06
N PHE B 461 -16.24 23.17 -33.74
CA PHE B 461 -16.73 21.86 -33.31
C PHE B 461 -15.64 20.91 -32.80
N ASN B 462 -14.50 20.81 -33.49
CA ASN B 462 -13.45 19.91 -33.05
C ASN B 462 -12.44 20.62 -32.16
N VAL B 463 -12.20 21.90 -32.45
CA VAL B 463 -11.23 22.72 -31.73
C VAL B 463 -11.60 22.86 -30.26
N ILE B 464 -12.88 23.13 -29.99
CA ILE B 464 -13.36 23.31 -28.62
C ILE B 464 -13.21 22.02 -27.82
N LEU B 465 -13.64 20.89 -28.40
CA LEU B 465 -13.56 19.61 -27.68
C LEU B 465 -12.12 19.22 -27.39
N ASP B 466 -11.20 19.43 -28.34
CA ASP B 466 -9.84 18.97 -28.05
C ASP B 466 -9.09 19.90 -27.11
N VAL B 467 -9.32 21.22 -27.20
CA VAL B 467 -8.68 22.14 -26.27
C VAL B 467 -9.18 21.91 -24.85
N ILE B 468 -10.50 21.73 -24.67
CA ILE B 468 -11.04 21.48 -23.33
C ILE B 468 -10.57 20.13 -22.80
N SER B 469 -10.60 19.08 -23.62
CA SER B 469 -10.14 17.76 -23.22
C SER B 469 -8.68 17.78 -22.76
N LYS B 470 -7.81 18.45 -23.54
CA LYS B 470 -6.40 18.53 -23.20
C LYS B 470 -6.18 19.34 -21.94
N CYS B 471 -6.88 20.47 -21.77
CA CYS B 471 -6.73 21.28 -20.56
C CYS B 471 -7.15 20.52 -19.31
N TYR B 472 -8.27 19.80 -19.37
CA TYR B 472 -8.72 19.02 -18.22
C TYR B 472 -7.75 17.88 -17.90
N SER B 473 -7.17 17.25 -18.91
CA SER B 473 -6.20 16.20 -18.61
C SER B 473 -4.92 16.71 -17.92
N GLU B 474 -4.61 18.00 -18.05
CA GLU B 474 -3.41 18.60 -17.48
C GLU B 474 -3.61 19.32 -16.15
N ARG B 475 -4.82 19.36 -15.59
CA ARG B 475 -5.05 20.14 -14.35
C ARG B 475 -4.28 19.61 -13.14
N ALA B 476 -4.09 18.29 -13.05
CA ALA B 476 -3.37 17.72 -11.92
C ALA B 476 -1.94 18.24 -11.85
N MET B 477 -1.27 18.29 -12.99
CA MET B 477 0.11 18.76 -13.06
C MET B 477 0.18 20.24 -12.76
N LEU B 478 -0.68 21.03 -13.39
CA LEU B 478 -0.67 22.47 -13.21
C LEU B 478 -0.99 22.84 -11.78
N TYR B 479 -1.99 22.19 -11.19
CA TYR B 479 -2.39 22.47 -9.82
C TYR B 479 -1.26 22.19 -8.84
N TYR B 480 -0.66 20.99 -8.91
CA TYR B 480 0.36 20.68 -7.92
C TYR B 480 1.66 21.45 -8.19
N GLU B 481 1.99 21.72 -9.45
CA GLU B 481 3.17 22.51 -9.77
C GLU B 481 3.03 23.97 -9.33
N LEU B 482 1.85 24.57 -9.49
CA LEU B 482 1.67 25.94 -9.00
C LEU B 482 1.62 25.96 -7.48
N GLU B 483 1.02 24.94 -6.87
CA GLU B 483 0.93 24.84 -5.42
C GLU B 483 2.32 24.72 -4.80
N ASP B 484 3.21 23.93 -5.42
CA ASP B 484 4.57 23.79 -4.94
C ASP B 484 5.36 25.06 -5.17
N GLY B 485 5.03 25.78 -6.24
CA GLY B 485 5.63 27.07 -6.51
C GLY B 485 6.88 27.05 -7.34
N LEU B 486 7.02 26.10 -8.26
CA LEU B 486 8.21 26.15 -9.09
C LEU B 486 8.06 27.11 -10.27
N TYR B 487 6.86 27.63 -10.51
CA TYR B 487 6.61 28.64 -11.53
C TYR B 487 5.32 29.36 -11.20
N THR B 488 5.12 30.49 -11.85
CA THR B 488 3.94 31.30 -11.66
C THR B 488 3.05 31.17 -12.89
N THR B 489 1.87 31.78 -12.82
CA THR B 489 0.89 31.68 -13.89
C THR B 489 1.30 32.41 -15.16
N GLY B 490 2.20 33.39 -15.07
CA GLY B 490 2.68 34.12 -16.23
C GLY B 490 3.40 33.27 -17.26
N PRO B 491 4.54 32.69 -16.89
CA PRO B 491 5.23 31.75 -17.78
C PRO B 491 4.39 30.60 -18.28
N TYR B 492 3.50 30.05 -17.46
CA TYR B 492 2.64 28.97 -17.91
C TYR B 492 1.66 29.46 -18.97
N PHE B 493 1.02 30.61 -18.70
CA PHE B 493 0.11 31.26 -19.63
C PHE B 493 0.73 31.46 -21.00
N PHE B 494 1.92 32.06 -21.04
CA PHE B 494 2.59 32.31 -22.32
C PHE B 494 3.04 31.03 -22.99
N ALA B 495 3.60 30.09 -22.24
CA ALA B 495 4.03 28.82 -22.81
C ALA B 495 2.86 28.03 -23.35
N LYS B 496 1.74 28.04 -22.65
CA LYS B 496 0.54 27.32 -23.06
C LYS B 496 -0.01 27.88 -24.37
N ILE B 497 -0.09 29.21 -24.47
CA ILE B 497 -0.60 29.83 -25.70
C ILE B 497 0.37 29.60 -26.86
N LEU B 498 1.64 29.94 -26.68
CA LEU B 498 2.64 29.84 -27.76
C LEU B 498 2.92 28.40 -28.19
N GLY B 499 2.85 27.43 -27.29
CA GLY B 499 3.16 26.05 -27.64
C GLY B 499 2.20 25.38 -28.59
N GLU B 500 1.02 25.93 -28.81
CA GLU B 500 0.13 25.28 -29.75
C GLU B 500 0.27 25.84 -31.16
N LEU B 501 1.03 26.92 -31.34
CA LEU B 501 1.18 27.53 -32.66
C LEU B 501 1.86 26.65 -33.70
N PRO B 502 2.94 25.88 -33.40
CA PRO B 502 3.42 24.95 -34.43
C PRO B 502 2.42 23.86 -34.82
N GLU B 503 1.43 23.56 -34.00
CA GLU B 503 0.41 22.60 -34.40
C GLU B 503 -0.77 23.32 -35.04
N HIS B 504 -1.09 24.50 -34.48
CA HIS B 504 -2.17 25.33 -34.97
C HIS B 504 -1.96 25.74 -36.42
N CYS B 505 -0.76 26.24 -36.76
CA CYS B 505 -0.45 26.67 -38.11
C CYS B 505 -0.57 25.52 -39.13
N ALA B 506 -0.07 24.34 -38.77
CA ALA B 506 -0.21 23.18 -39.65
C ALA B 506 -1.66 22.79 -39.82
N TYR B 507 -2.43 22.84 -38.72
CA TYR B 507 -3.86 22.57 -38.75
C TYR B 507 -4.57 23.53 -39.70
N ILE B 508 -4.24 24.83 -39.60
CA ILE B 508 -4.83 25.85 -40.47
C ILE B 508 -4.48 25.60 -41.93
N ILE B 509 -3.23 25.21 -42.22
CA ILE B 509 -2.85 24.92 -43.60
C ILE B 509 -3.67 23.75 -44.16
N ILE B 510 -3.77 22.67 -43.39
CA ILE B 510 -4.51 21.48 -43.82
C ILE B 510 -6.00 21.78 -43.97
N TYR B 511 -6.59 22.52 -43.03
CA TYR B 511 -8.00 22.85 -43.16
C TYR B 511 -8.26 23.87 -44.27
N GLY B 512 -7.47 24.94 -44.33
CA GLY B 512 -7.71 26.03 -45.23
C GLY B 512 -7.47 25.74 -46.70
N MET B 513 -6.28 25.25 -47.07
CA MET B 513 -5.91 25.21 -48.49
C MET B 513 -6.78 24.32 -49.39
N PRO B 514 -7.13 23.07 -49.05
CA PRO B 514 -7.99 22.29 -49.96
C PRO B 514 -9.37 22.87 -50.24
N THR B 515 -9.95 23.68 -49.36
CA THR B 515 -11.25 24.23 -49.68
C THR B 515 -11.12 25.38 -50.66
N TYR B 516 -10.15 26.26 -50.41
CA TYR B 516 -9.86 27.37 -51.32
C TYR B 516 -9.49 26.86 -52.71
N TRP B 517 -8.78 25.73 -52.79
CA TRP B 517 -8.44 25.21 -54.11
C TRP B 517 -9.58 24.41 -54.75
N LEU B 518 -10.25 23.52 -54.00
CA LEU B 518 -11.33 22.71 -54.59
C LEU B 518 -12.52 23.56 -55.00
N ALA B 519 -12.93 24.50 -54.17
CA ALA B 519 -13.94 25.45 -54.60
C ALA B 519 -13.20 26.60 -55.26
N ASN B 520 -13.59 26.96 -56.47
CA ASN B 520 -12.78 27.89 -57.25
C ASN B 520 -12.98 29.32 -56.75
N LEU B 521 -12.28 29.63 -55.66
CA LEU B 521 -12.37 30.98 -55.13
C LEU B 521 -11.37 31.85 -55.88
N ARG B 522 -11.50 33.17 -55.68
CA ARG B 522 -10.80 34.27 -56.34
C ARG B 522 -9.31 34.02 -56.52
N PRO B 523 -8.82 34.11 -57.76
CA PRO B 523 -7.41 33.80 -58.02
C PRO B 523 -6.44 34.88 -57.56
N GLY B 524 -5.20 34.48 -57.44
CA GLY B 524 -4.09 35.34 -57.10
C GLY B 524 -3.58 35.11 -55.68
N LEU B 525 -2.37 35.60 -55.43
CA LEU B 525 -1.71 35.35 -54.16
C LEU B 525 -2.34 36.16 -53.04
N GLN B 526 -2.63 37.44 -53.29
CA GLN B 526 -3.18 38.32 -52.24
C GLN B 526 -4.53 37.86 -51.69
N PRO B 527 -5.55 37.50 -52.49
CA PRO B 527 -6.75 36.87 -51.90
C PRO B 527 -6.50 35.64 -51.05
N PHE B 528 -5.68 34.71 -51.56
CA PHE B 528 -5.34 33.47 -50.86
C PHE B 528 -4.71 33.75 -49.51
N LEU B 529 -3.71 34.62 -49.47
CA LEU B 529 -3.04 34.95 -48.22
C LEU B 529 -3.96 35.65 -47.24
N LEU B 530 -4.81 36.57 -47.72
CA LEU B 530 -5.74 37.24 -46.82
C LEU B 530 -6.76 36.26 -46.23
N HIS B 531 -7.24 35.33 -47.05
CA HIS B 531 -8.14 34.27 -46.60
C HIS B 531 -7.50 33.42 -45.52
N PHE B 532 -6.28 32.95 -45.79
CA PHE B 532 -5.52 32.12 -44.86
C PHE B 532 -5.30 32.84 -43.52
N LEU B 533 -4.84 34.09 -43.58
CA LEU B 533 -4.59 34.86 -42.36
C LEU B 533 -5.86 35.06 -41.54
N LEU B 534 -6.99 35.38 -42.19
CA LEU B 534 -8.24 35.58 -41.45
C LEU B 534 -8.73 34.30 -40.79
N VAL B 535 -8.65 33.17 -41.51
CA VAL B 535 -9.05 31.89 -40.93
C VAL B 535 -8.15 31.54 -39.75
N TRP B 536 -6.84 31.78 -39.89
CA TRP B 536 -5.88 31.52 -38.83
C TRP B 536 -6.21 32.30 -37.57
N LEU B 537 -6.46 33.61 -37.70
CA LEU B 537 -6.79 34.42 -36.54
C LEU B 537 -8.11 34.01 -35.89
N VAL B 538 -9.12 33.67 -36.69
CA VAL B 538 -10.41 33.26 -36.14
C VAL B 538 -10.29 31.97 -35.34
N VAL B 539 -9.57 30.98 -35.88
CA VAL B 539 -9.39 29.72 -35.15
C VAL B 539 -8.56 29.94 -33.88
N PHE B 540 -7.54 30.80 -33.96
CA PHE B 540 -6.79 31.18 -32.76
C PHE B 540 -7.68 31.77 -31.68
N CYS B 541 -8.57 32.70 -32.06
CA CYS B 541 -9.53 33.28 -31.13
C CYS B 541 -10.43 32.21 -30.51
N CYS B 542 -10.89 31.25 -31.33
CA CYS B 542 -11.68 30.13 -30.84
C CYS B 542 -10.92 29.31 -29.80
N ARG B 543 -9.64 29.01 -30.07
CA ARG B 543 -8.82 28.27 -29.11
C ARG B 543 -8.65 29.02 -27.81
N ILE B 544 -8.43 30.33 -27.87
CA ILE B 544 -8.29 31.11 -26.64
C ILE B 544 -9.59 31.13 -25.85
N MET B 545 -10.74 31.26 -26.55
CA MET B 545 -12.05 31.18 -25.88
C MET B 545 -12.23 29.86 -25.15
N ALA B 546 -12.00 28.73 -25.85
CA ALA B 546 -12.16 27.41 -25.24
C ALA B 546 -11.17 27.20 -24.10
N LEU B 547 -9.97 27.74 -24.24
CA LEU B 547 -8.93 27.66 -23.23
C LEU B 547 -9.34 28.41 -21.97
N ALA B 548 -9.88 29.63 -22.15
CA ALA B 548 -10.37 30.42 -21.02
C ALA B 548 -11.56 29.76 -20.35
N ALA B 549 -12.45 29.14 -21.13
CA ALA B 549 -13.62 28.47 -20.57
C ALA B 549 -13.23 27.25 -19.75
N ALA B 550 -12.34 26.41 -20.29
CA ALA B 550 -11.91 25.20 -19.61
C ALA B 550 -11.23 25.50 -18.28
N ALA B 551 -10.48 26.61 -18.22
CA ALA B 551 -9.80 27.00 -16.99
C ALA B 551 -10.71 27.72 -16.00
N LEU B 552 -11.95 28.04 -16.37
CA LEU B 552 -12.84 28.84 -15.55
C LEU B 552 -13.90 27.99 -14.85
N LEU B 553 -14.38 26.95 -15.49
CA LEU B 553 -15.46 26.19 -14.90
C LEU B 553 -14.89 24.98 -14.17
N PRO B 554 -15.51 24.59 -13.05
CA PRO B 554 -14.94 23.50 -12.24
C PRO B 554 -14.89 22.12 -12.86
N THR B 555 -15.69 21.80 -13.86
CA THR B 555 -15.64 20.47 -14.42
C THR B 555 -15.65 20.53 -15.95
N PHE B 556 -15.31 19.38 -16.54
CA PHE B 556 -15.29 19.22 -17.99
C PHE B 556 -16.63 19.56 -18.63
N HIS B 557 -17.72 18.97 -18.12
CA HIS B 557 -19.02 19.14 -18.75
C HIS B 557 -19.58 20.54 -18.62
N MET B 558 -19.38 21.20 -17.47
CA MET B 558 -19.84 22.59 -17.36
C MET B 558 -19.07 23.52 -18.29
N ALA B 559 -17.75 23.33 -18.41
CA ALA B 559 -16.96 24.13 -19.33
C ALA B 559 -17.36 23.86 -20.78
N SER B 560 -17.63 22.60 -21.11
CA SER B 560 -18.08 22.24 -22.45
C SER B 560 -19.43 22.88 -22.77
N PHE B 561 -20.37 22.83 -21.82
CA PHE B 561 -21.67 23.48 -21.97
C PHE B 561 -21.52 24.97 -22.20
N PHE B 562 -20.73 25.65 -21.36
CA PHE B 562 -20.48 27.09 -21.50
C PHE B 562 -19.91 27.43 -22.88
N SER B 563 -18.91 26.65 -23.33
CA SER B 563 -18.31 26.88 -24.64
C SER B 563 -19.30 26.66 -25.77
N ASN B 564 -20.13 25.63 -25.69
CA ASN B 564 -21.15 25.42 -26.72
C ASN B 564 -22.21 26.49 -26.70
N ALA B 565 -22.57 27.02 -25.52
CA ALA B 565 -23.53 28.11 -25.45
C ALA B 565 -22.99 29.36 -26.13
N LEU B 566 -21.72 29.71 -25.88
CA LEU B 566 -21.11 30.85 -26.58
C LEU B 566 -20.97 30.60 -28.06
N TYR B 567 -20.57 29.39 -28.45
CA TYR B 567 -20.43 29.04 -29.86
C TYR B 567 -21.76 29.13 -30.61
N ASN B 568 -22.82 28.54 -30.06
CA ASN B 568 -24.13 28.60 -30.71
C ASN B 568 -24.67 30.02 -30.75
N SER B 569 -24.41 30.81 -29.70
CA SER B 569 -24.84 32.21 -29.69
C SER B 569 -24.12 33.00 -30.78
N PHE B 570 -22.80 32.85 -30.89
CA PHE B 570 -22.02 33.52 -31.92
C PHE B 570 -22.44 33.07 -33.31
N TYR B 571 -22.72 31.77 -33.46
CA TYR B 571 -23.18 31.20 -34.72
C TYR B 571 -24.48 31.84 -35.19
N LEU B 572 -25.49 31.88 -34.32
CA LEU B 572 -26.76 32.51 -34.68
C LEU B 572 -26.59 34.00 -34.91
N ALA B 573 -25.73 34.65 -34.14
CA ALA B 573 -25.49 36.07 -34.28
C ALA B 573 -24.53 36.41 -35.41
N GLY B 574 -24.05 35.40 -36.15
CA GLY B 574 -23.09 35.58 -37.23
C GLY B 574 -23.57 36.44 -38.39
N GLY B 575 -24.87 36.65 -38.52
CA GLY B 575 -25.40 37.49 -39.56
C GLY B 575 -25.73 36.82 -40.87
N PHE B 576 -25.42 35.53 -41.00
CA PHE B 576 -25.83 34.83 -42.22
C PHE B 576 -27.19 34.19 -42.06
N MET B 577 -27.40 33.46 -40.96
CA MET B 577 -28.66 32.76 -40.75
C MET B 577 -29.81 33.72 -40.50
N ILE B 578 -29.54 34.85 -39.83
CA ILE B 578 -30.54 35.86 -39.57
C ILE B 578 -29.97 37.22 -39.94
N ASN B 579 -30.85 38.16 -40.26
CA ASN B 579 -30.45 39.51 -40.66
C ASN B 579 -29.88 40.30 -39.49
N LEU B 580 -28.77 41.01 -39.74
CA LEU B 580 -28.16 41.79 -38.66
C LEU B 580 -28.92 43.06 -38.32
N SER B 581 -29.65 43.64 -39.28
CA SER B 581 -30.33 44.88 -38.97
C SER B 581 -31.69 44.63 -38.33
N SER B 582 -32.27 43.46 -38.60
CA SER B 582 -33.54 43.05 -38.01
C SER B 582 -33.30 42.33 -36.68
N LEU B 583 -32.59 42.99 -35.77
CA LEU B 583 -32.30 42.39 -34.47
C LEU B 583 -32.67 43.29 -33.32
N TRP B 584 -33.12 42.63 -32.26
CA TRP B 584 -33.30 43.21 -30.95
C TRP B 584 -31.92 43.54 -30.37
N THR B 585 -31.88 44.59 -29.54
CA THR B 585 -30.68 45.17 -28.94
C THR B 585 -29.62 44.18 -28.44
N VAL B 586 -30.03 43.16 -27.69
CA VAL B 586 -29.08 42.21 -27.10
C VAL B 586 -28.47 41.29 -28.17
N PRO B 587 -29.22 40.64 -29.09
CA PRO B 587 -28.55 39.99 -30.24
C PRO B 587 -27.63 40.90 -31.05
N ALA B 588 -27.95 42.19 -31.21
CA ALA B 588 -27.05 43.10 -31.89
C ALA B 588 -25.73 43.22 -31.12
N TRP B 589 -25.82 43.36 -29.80
CA TRP B 589 -24.61 43.43 -28.97
C TRP B 589 -23.82 42.13 -29.03
N ILE B 590 -24.50 40.99 -29.10
CA ILE B 590 -23.82 39.71 -29.24
C ILE B 590 -23.11 39.64 -30.59
N SER B 591 -23.79 40.06 -31.67
CA SER B 591 -23.20 40.07 -33.00
C SER B 591 -21.94 40.93 -33.07
N LYS B 592 -21.93 42.06 -32.36
CA LYS B 592 -20.77 42.94 -32.35
C LYS B 592 -19.49 42.28 -31.82
N VAL B 593 -19.59 41.24 -30.99
CA VAL B 593 -18.43 40.56 -30.45
C VAL B 593 -18.34 39.11 -30.90
N SER B 594 -19.11 38.74 -31.92
CA SER B 594 -19.13 37.38 -32.45
C SER B 594 -18.01 37.18 -33.45
N PHE B 595 -17.04 36.32 -33.15
CA PHE B 595 -15.93 36.12 -34.10
C PHE B 595 -16.38 35.42 -35.39
N LEU B 596 -17.49 34.67 -35.37
CA LEU B 596 -17.93 34.06 -36.62
C LEU B 596 -18.61 35.06 -37.54
N ARG B 597 -19.18 36.13 -36.97
CA ARG B 597 -19.72 37.21 -37.79
C ARG B 597 -18.63 37.93 -38.53
N TRP B 598 -17.56 38.29 -37.82
CA TRP B 598 -16.45 38.99 -38.43
C TRP B 598 -15.72 38.11 -39.41
N CYS B 599 -15.59 36.81 -39.11
CA CYS B 599 -15.03 35.87 -40.06
C CYS B 599 -15.81 35.85 -41.38
N PHE B 600 -17.14 35.74 -41.27
CA PHE B 600 -18.00 35.73 -42.47
C PHE B 600 -17.88 37.03 -43.26
N GLU B 601 -18.03 38.18 -42.58
CA GLU B 601 -17.93 39.48 -43.23
C GLU B 601 -16.57 39.70 -43.89
N GLY B 602 -15.49 39.31 -43.21
CA GLY B 602 -14.16 39.42 -43.79
C GLY B 602 -13.99 38.58 -45.05
N LEU B 603 -14.39 37.31 -44.99
CA LEU B 603 -14.26 36.45 -46.17
C LEU B 603 -15.09 36.98 -47.34
N MET B 604 -16.29 37.50 -47.03
CA MET B 604 -17.10 38.14 -48.06
C MET B 604 -16.41 39.38 -48.63
N LYS B 605 -15.71 40.15 -47.80
CA LYS B 605 -15.03 41.32 -48.35
C LYS B 605 -13.72 40.99 -49.00
N ILE B 606 -13.33 39.72 -49.02
CA ILE B 606 -12.17 39.29 -49.76
C ILE B 606 -12.59 38.71 -51.10
N GLN B 607 -13.62 37.88 -51.10
CA GLN B 607 -14.07 37.27 -52.35
C GLN B 607 -14.79 38.28 -53.25
N PHE B 608 -15.45 39.29 -52.68
CA PHE B 608 -16.23 40.23 -53.46
C PHE B 608 -15.79 41.68 -53.27
N SER B 609 -14.51 41.91 -52.96
CA SER B 609 -13.98 43.24 -52.68
C SER B 609 -14.16 44.25 -53.81
N ARG B 610 -13.51 44.02 -54.94
CA ARG B 610 -13.61 44.90 -56.09
C ARG B 610 -13.78 44.08 -57.36
N ARG B 611 -13.98 42.78 -57.24
CA ARG B 611 -14.14 41.90 -58.39
C ARG B 611 -15.56 42.01 -58.93
N THR B 612 -15.69 41.95 -60.25
CA THR B 612 -16.99 41.92 -60.87
C THR B 612 -17.43 40.46 -60.91
N TYR B 613 -18.63 40.20 -60.44
CA TYR B 613 -19.13 38.83 -60.33
C TYR B 613 -20.24 38.64 -61.36
N LYS B 614 -20.17 37.55 -62.12
CA LYS B 614 -21.17 37.26 -63.13
C LYS B 614 -22.38 36.60 -62.50
N MET B 615 -23.51 37.30 -62.52
CA MET B 615 -24.73 36.80 -61.90
C MET B 615 -25.73 36.34 -62.95
N ALA B 623 -23.17 42.55 -65.74
CA ALA B 623 -22.45 42.23 -64.50
C ALA B 623 -22.92 43.12 -63.36
N VAL B 624 -22.61 42.71 -62.13
CA VAL B 624 -23.06 43.42 -60.93
C VAL B 624 -21.85 43.82 -60.10
N SER B 625 -21.76 45.12 -59.78
CA SER B 625 -20.70 45.65 -58.93
C SER B 625 -20.70 44.98 -57.57
N GLY B 626 -19.53 44.50 -57.15
CA GLY B 626 -19.38 43.86 -55.84
C GLY B 626 -19.67 44.78 -54.66
N ASP B 627 -19.31 46.07 -54.78
CA ASP B 627 -19.46 47.02 -53.67
C ASP B 627 -20.92 47.23 -53.29
N LYS B 628 -21.82 47.29 -54.26
CA LYS B 628 -23.23 47.47 -53.91
C LYS B 628 -23.80 46.18 -53.35
N ILE B 629 -23.36 45.03 -53.88
CA ILE B 629 -23.81 43.73 -53.40
C ILE B 629 -23.46 43.57 -51.92
N LEU B 630 -22.23 43.94 -51.56
CA LEU B 630 -21.83 43.93 -50.17
C LEU B 630 -22.64 44.94 -49.35
N SER B 631 -22.94 46.10 -49.96
CA SER B 631 -23.76 47.11 -49.29
C SER B 631 -25.17 46.62 -48.96
N VAL B 632 -25.80 45.90 -49.91
CA VAL B 632 -27.16 45.38 -49.72
C VAL B 632 -27.24 44.45 -48.51
N MET B 633 -26.25 43.60 -48.33
CA MET B 633 -26.24 42.70 -47.18
C MET B 633 -25.77 43.38 -45.90
N GLU B 634 -25.50 44.70 -45.95
CA GLU B 634 -24.99 45.54 -44.86
C GLU B 634 -23.56 45.16 -44.48
N LEU B 635 -22.73 44.93 -45.49
CA LEU B 635 -21.31 44.64 -45.32
C LEU B 635 -20.43 45.66 -46.02
N ASP B 636 -20.84 46.93 -46.08
CA ASP B 636 -19.96 47.91 -46.71
C ASP B 636 -19.00 48.57 -45.72
N SER B 637 -19.44 48.79 -44.48
CA SER B 637 -18.64 49.50 -43.51
C SER B 637 -17.60 48.57 -42.88
N TYR B 638 -16.71 49.17 -42.07
CA TYR B 638 -15.63 48.50 -41.34
C TYR B 638 -14.66 47.87 -42.32
N PRO B 639 -13.73 48.66 -42.92
CA PRO B 639 -12.76 48.12 -43.88
C PRO B 639 -12.00 46.91 -43.36
N LEU B 640 -11.62 46.02 -44.29
CA LEU B 640 -11.02 44.71 -44.03
C LEU B 640 -9.92 44.69 -42.96
N TYR B 641 -9.07 45.72 -42.93
CA TYR B 641 -8.04 45.81 -41.89
C TYR B 641 -8.66 45.96 -40.51
N ALA B 642 -9.79 46.67 -40.41
CA ALA B 642 -10.48 46.78 -39.13
C ALA B 642 -11.06 45.46 -38.70
N ILE B 643 -11.49 44.64 -39.66
CA ILE B 643 -12.00 43.30 -39.35
C ILE B 643 -10.89 42.45 -38.74
N TYR B 644 -9.69 42.52 -39.33
CA TYR B 644 -8.52 41.84 -38.74
C TYR B 644 -8.21 42.34 -37.33
N LEU B 645 -8.25 43.67 -37.13
CA LEU B 645 -8.00 44.24 -35.81
C LEU B 645 -9.05 43.83 -34.79
N ILE B 646 -10.32 43.76 -35.19
CA ILE B 646 -11.40 43.33 -34.30
C ILE B 646 -11.21 41.88 -33.87
N VAL B 647 -10.86 40.99 -34.80
CA VAL B 647 -10.61 39.59 -34.44
C VAL B 647 -9.42 39.50 -33.46
N ILE B 648 -8.37 40.30 -33.70
CA ILE B 648 -7.25 40.36 -32.76
C ILE B 648 -7.70 40.83 -31.38
N GLY B 649 -8.53 41.88 -31.35
CA GLY B 649 -9.07 42.39 -30.09
C GLY B 649 -9.91 41.37 -29.33
N LEU B 650 -10.73 40.60 -30.03
CA LEU B 650 -11.54 39.56 -29.38
C LEU B 650 -10.67 38.47 -28.80
N SER B 651 -9.62 38.07 -29.52
CA SER B 651 -8.66 37.11 -28.98
C SER B 651 -7.97 37.67 -27.74
N GLY B 652 -7.55 38.94 -27.79
CA GLY B 652 -6.96 39.58 -26.62
C GLY B 652 -7.89 39.64 -25.41
N GLY B 653 -9.18 39.88 -25.66
CA GLY B 653 -10.17 39.82 -24.58
C GLY B 653 -10.24 38.46 -23.92
N PHE B 654 -10.32 37.41 -24.74
CA PHE B 654 -10.33 36.06 -24.17
C PHE B 654 -9.00 35.71 -23.49
N MET B 655 -7.88 36.27 -23.97
CA MET B 655 -6.60 36.09 -23.28
C MET B 655 -6.64 36.69 -21.89
N VAL B 656 -7.22 37.88 -21.74
CA VAL B 656 -7.33 38.53 -20.43
C VAL B 656 -8.19 37.67 -19.50
N LEU B 657 -9.32 37.18 -20.01
CA LEU B 657 -10.18 36.29 -19.25
C LEU B 657 -9.45 35.03 -18.79
N TYR B 658 -8.70 34.39 -19.70
CA TYR B 658 -7.93 33.19 -19.37
C TYR B 658 -6.87 33.46 -18.29
N TYR B 659 -6.09 34.54 -18.45
CA TYR B 659 -5.09 34.90 -17.45
C TYR B 659 -5.69 35.12 -16.07
N VAL B 660 -6.77 35.91 -15.99
CA VAL B 660 -7.43 36.18 -14.71
C VAL B 660 -7.96 34.88 -14.12
N SER B 661 -8.53 34.04 -14.99
CA SER B 661 -9.09 32.74 -14.62
C SER B 661 -8.04 31.89 -13.91
N LEU B 662 -6.91 31.65 -14.58
CA LEU B 662 -5.87 30.79 -14.04
C LEU B 662 -5.27 31.34 -12.75
N ARG B 663 -4.95 32.64 -12.73
CA ARG B 663 -4.31 33.18 -11.54
C ARG B 663 -5.25 33.25 -10.33
N PHE B 664 -6.43 33.84 -10.51
CA PHE B 664 -7.37 34.01 -9.41
C PHE B 664 -8.06 32.73 -8.95
N ILE B 665 -8.45 31.85 -9.86
CA ILE B 665 -9.22 30.65 -9.51
C ILE B 665 -8.34 29.43 -9.62
N LYS B 666 -8.29 28.65 -8.53
CA LYS B 666 -7.51 27.42 -8.47
C LYS B 666 -8.02 26.37 -9.43
N GLN B 667 -7.08 25.68 -10.09
CA GLN B 667 -7.40 24.63 -11.05
C GLN B 667 -7.43 23.27 -10.38
N LYS B 668 -8.39 23.08 -9.48
CA LYS B 668 -8.55 21.82 -8.74
C LYS B 668 -8.71 20.61 -9.67
N PRO B 669 -7.92 19.55 -9.48
CA PRO B 669 -8.07 18.34 -10.30
C PRO B 669 -9.43 17.68 -10.11
N SER B 670 -9.88 17.02 -11.19
CA SER B 670 -11.13 16.25 -11.32
C SER B 670 -12.33 16.60 -10.44
N ASP C 1 -7.75 -30.85 23.41
CA ASP C 1 -7.91 -31.29 24.78
C ASP C 1 -6.76 -30.73 25.58
N VAL C 2 -7.02 -29.69 26.37
CA VAL C 2 -6.02 -29.03 27.18
C VAL C 2 -6.42 -29.17 28.65
N GLN C 3 -5.51 -29.66 29.47
CA GLN C 3 -5.76 -29.87 30.88
C GLN C 3 -5.12 -28.76 31.70
N LEU C 4 -5.90 -28.18 32.60
CA LEU C 4 -5.43 -27.15 33.52
C LEU C 4 -5.67 -27.72 34.90
N GLN C 5 -4.60 -27.88 35.68
CA GLN C 5 -4.71 -28.51 37.00
C GLN C 5 -4.04 -27.60 38.02
N GLU C 6 -4.83 -27.02 38.91
CA GLU C 6 -4.28 -26.14 39.93
C GLU C 6 -3.75 -26.97 41.10
N SER C 7 -2.77 -26.41 41.78
CA SER C 7 -2.21 -27.02 42.97
C SER C 7 -1.58 -25.93 43.81
N GLY C 8 -1.32 -26.27 45.07
CA GLY C 8 -0.68 -25.34 45.95
C GLY C 8 -1.07 -25.56 47.40
N PRO C 9 -0.61 -24.67 48.27
CA PRO C 9 -0.93 -24.77 49.69
C PRO C 9 -2.43 -24.68 49.97
N GLY C 10 -2.86 -25.40 51.00
CA GLY C 10 -4.23 -25.43 51.42
C GLY C 10 -4.47 -24.36 52.47
N LEU C 11 -4.26 -24.68 53.73
CA LEU C 11 -4.42 -23.71 54.80
C LEU C 11 -3.09 -23.04 55.08
N VAL C 12 -3.06 -21.72 54.96
CA VAL C 12 -1.90 -20.90 55.31
C VAL C 12 -2.40 -19.76 56.19
N LYS C 13 -1.48 -19.19 56.92
CA LYS C 13 -1.80 -18.06 57.77
C LYS C 13 -1.52 -16.74 57.07
N PRO C 14 -2.13 -15.64 57.50
CA PRO C 14 -1.78 -14.33 56.96
C PRO C 14 -0.36 -13.88 57.31
N SER C 15 0.08 -12.88 56.54
CA SER C 15 1.44 -12.31 56.57
C SER C 15 2.51 -13.38 56.30
N GLN C 16 2.26 -14.20 55.27
CA GLN C 16 3.19 -15.22 54.82
C GLN C 16 3.36 -15.07 53.32
N SER C 17 4.18 -15.93 52.72
CA SER C 17 4.17 -16.02 51.26
C SER C 17 3.14 -17.06 50.87
N LEU C 18 2.75 -17.06 49.60
CA LEU C 18 1.78 -18.05 49.11
C LEU C 18 1.83 -18.12 47.59
N SER C 19 2.20 -19.27 47.06
CA SER C 19 2.38 -19.50 45.62
C SER C 19 1.51 -20.65 45.14
N LEU C 20 0.50 -20.33 44.34
CA LEU C 20 -0.39 -21.31 43.73
C LEU C 20 0.08 -21.53 42.30
N THR C 21 -0.02 -22.77 41.81
CA THR C 21 0.47 -23.08 40.49
C THR C 21 -0.63 -23.73 39.66
N CYS C 22 -0.53 -23.55 38.35
CA CYS C 22 -1.43 -24.17 37.38
C CYS C 22 -0.60 -24.97 36.39
N THR C 23 -0.62 -26.30 36.49
CA THR C 23 0.12 -27.11 35.54
C THR C 23 -0.76 -27.30 34.31
N ILE C 24 -0.20 -27.02 33.14
CA ILE C 24 -0.96 -27.00 31.90
C ILE C 24 -0.37 -28.07 31.01
N THR C 25 -1.20 -29.01 30.56
CA THR C 25 -0.74 -30.07 29.68
C THR C 25 -1.63 -30.15 28.46
N GLY C 26 -1.07 -30.67 27.38
CA GLY C 26 -1.78 -30.81 26.14
C GLY C 26 -1.59 -29.66 25.19
N TYR C 27 -1.00 -28.55 25.64
CA TYR C 27 -0.77 -27.38 24.81
C TYR C 27 0.28 -26.52 25.48
N SER C 28 1.33 -26.18 24.74
CA SER C 28 2.41 -25.35 25.26
C SER C 28 1.94 -23.93 25.49
N ILE C 29 2.45 -23.30 26.55
CA ILE C 29 2.04 -21.94 26.86
C ILE C 29 2.99 -20.94 26.23
N THR C 30 3.70 -21.38 25.20
CA THR C 30 4.57 -20.53 24.40
C THR C 30 3.99 -20.30 23.01
N SER C 31 2.86 -20.92 22.71
CA SER C 31 2.13 -20.73 21.48
C SER C 31 1.03 -19.76 21.86
N ASP C 32 -0.01 -19.58 21.02
CA ASP C 32 -1.07 -18.61 21.33
C ASP C 32 -1.80 -18.87 22.65
N TYR C 33 -2.39 -17.76 23.17
CA TYR C 33 -3.50 -17.56 24.12
C TYR C 33 -3.02 -16.72 25.30
N ALA C 34 -3.92 -16.07 26.03
CA ALA C 34 -3.51 -15.13 27.07
C ALA C 34 -3.24 -15.71 28.46
N TRP C 35 -3.69 -16.93 28.80
CA TRP C 35 -3.30 -17.61 30.05
C TRP C 35 -3.46 -16.88 31.40
N ASN C 36 -4.64 -16.89 32.00
CA ASN C 36 -4.91 -16.03 33.17
C ASN C 36 -5.46 -16.76 34.39
N TRP C 37 -5.68 -15.98 35.46
CA TRP C 37 -6.20 -16.45 36.74
C TRP C 37 -7.51 -15.77 37.10
N ILE C 38 -8.48 -16.54 37.61
CA ILE C 38 -9.78 -16.04 38.03
C ILE C 38 -10.06 -16.54 39.45
N ARG C 39 -10.59 -15.64 40.29
CA ARG C 39 -10.92 -15.89 41.67
C ARG C 39 -12.43 -15.86 41.88
N GLN C 40 -12.92 -16.73 42.77
CA GLN C 40 -14.34 -16.75 43.13
C GLN C 40 -14.46 -16.70 44.65
N PHE C 41 -15.19 -15.72 45.14
CA PHE C 41 -15.39 -15.46 46.55
C PHE C 41 -16.51 -16.35 47.07
N PRO C 42 -16.49 -16.72 48.38
CA PRO C 42 -17.59 -17.56 48.88
C PRO C 42 -18.90 -16.80 49.04
N GLY C 43 -19.48 -16.46 47.89
CA GLY C 43 -20.69 -15.69 47.75
C GLY C 43 -21.08 -15.83 46.29
N ASN C 44 -20.36 -16.72 45.61
CA ASN C 44 -20.52 -17.07 44.20
C ASN C 44 -20.35 -15.84 43.29
N LYS C 45 -19.29 -15.08 43.56
CA LYS C 45 -18.95 -13.90 42.77
C LYS C 45 -17.58 -14.12 42.15
N LEU C 46 -17.52 -14.07 40.81
CA LEU C 46 -16.27 -14.26 40.09
C LEU C 46 -15.52 -12.95 39.97
N GLU C 47 -14.20 -13.01 40.08
CA GLU C 47 -13.35 -11.84 39.93
C GLU C 47 -12.12 -12.21 39.13
N TRP C 48 -11.83 -11.42 38.10
CA TRP C 48 -10.67 -11.66 37.26
C TRP C 48 -9.43 -11.01 37.87
N MET C 49 -8.33 -11.76 37.94
CA MET C 49 -7.11 -11.24 38.56
C MET C 49 -6.02 -10.80 37.58
N GLY C 50 -5.72 -11.54 36.53
CA GLY C 50 -4.64 -11.12 35.66
C GLY C 50 -4.15 -12.16 34.70
N TYR C 51 -3.40 -11.75 33.68
CA TYR C 51 -2.89 -12.67 32.66
C TYR C 51 -1.41 -12.47 32.39
N ILE C 52 -0.80 -13.54 31.88
CA ILE C 52 0.55 -13.53 31.34
C ILE C 52 0.48 -14.04 29.91
N SER C 53 0.64 -13.13 28.97
CA SER C 53 0.59 -13.50 27.56
C SER C 53 1.77 -14.39 27.24
N TYR C 54 1.61 -15.20 26.18
CA TYR C 54 2.68 -16.06 25.65
C TYR C 54 3.99 -15.33 25.39
N SER C 55 3.95 -14.04 25.12
CA SER C 55 5.14 -13.25 24.92
C SER C 55 5.84 -12.93 26.22
N GLY C 56 5.20 -13.23 27.36
CA GLY C 56 5.71 -12.87 28.65
C GLY C 56 5.14 -11.59 29.21
N THR C 57 4.33 -10.87 28.44
CA THR C 57 3.75 -9.62 28.91
C THR C 57 2.59 -9.92 29.83
N THR C 58 2.57 -9.27 30.99
CA THR C 58 1.54 -9.50 31.99
C THR C 58 0.68 -8.26 32.14
N TYR C 59 -0.53 -8.48 32.65
CA TYR C 59 -1.46 -7.42 32.94
C TYR C 59 -2.28 -7.83 34.15
N TYR C 60 -2.45 -6.91 35.08
CA TYR C 60 -3.21 -7.16 36.29
C TYR C 60 -4.28 -6.10 36.34
N ASN C 61 -5.44 -6.45 36.89
CA ASN C 61 -6.44 -5.39 36.89
C ASN C 61 -6.19 -4.38 38.00
N PRO C 62 -6.61 -3.12 37.78
CA PRO C 62 -6.69 -2.16 38.87
C PRO C 62 -7.64 -2.62 39.98
N SER C 63 -7.48 -1.97 41.14
CA SER C 63 -8.16 -2.24 42.40
C SER C 63 -7.76 -3.60 42.97
N LEU C 64 -6.53 -3.99 42.65
CA LEU C 64 -5.73 -5.06 43.23
C LEU C 64 -4.27 -4.63 43.26
N LYS C 65 -4.06 -3.32 43.43
CA LYS C 65 -2.81 -2.58 43.27
C LYS C 65 -1.56 -3.16 43.93
N SER C 66 -0.60 -3.56 43.07
CA SER C 66 0.70 -4.15 43.44
C SER C 66 0.60 -5.24 44.50
N ARG C 67 -0.47 -6.03 44.42
CA ARG C 67 -0.74 -7.09 45.38
C ARG C 67 -0.15 -8.42 44.95
N PHE C 68 -0.01 -8.65 43.64
CA PHE C 68 0.43 -9.95 43.15
C PHE C 68 1.13 -9.81 41.82
N SER C 69 1.75 -10.92 41.43
CA SER C 69 2.43 -11.03 40.16
C SER C 69 2.23 -12.44 39.62
N ILE C 70 2.34 -12.57 38.32
CA ILE C 70 2.21 -13.87 37.67
C ILE C 70 3.51 -14.19 36.95
N THR C 71 4.05 -15.37 37.19
CA THR C 71 5.28 -15.79 36.53
C THR C 71 5.03 -17.14 35.88
N ARG C 72 6.02 -17.67 35.18
CA ARG C 72 5.93 -18.96 34.51
C ARG C 72 7.34 -19.45 34.20
N ASP C 73 7.48 -20.76 34.03
CA ASP C 73 8.74 -21.37 33.62
C ASP C 73 8.47 -21.96 32.23
N THR C 74 9.29 -21.57 31.26
CA THR C 74 9.12 -22.00 29.87
C THR C 74 9.01 -23.50 29.58
N SER C 75 10.10 -24.24 29.75
CA SER C 75 10.15 -25.66 29.38
C SER C 75 9.18 -26.53 30.18
N ARG C 76 9.15 -26.34 31.49
CA ARG C 76 8.27 -27.12 32.36
C ARG C 76 6.79 -26.80 32.08
N ASN C 77 6.51 -25.54 31.72
CA ASN C 77 5.25 -24.82 31.41
C ASN C 77 4.34 -24.59 32.61
N GLN C 78 4.89 -24.47 33.81
CA GLN C 78 4.01 -24.21 34.92
C GLN C 78 3.54 -22.76 34.85
N PHE C 79 2.39 -22.50 35.43
CA PHE C 79 1.80 -21.17 35.51
C PHE C 79 1.78 -20.83 37.00
N PHE C 80 2.31 -19.67 37.39
CA PHE C 80 2.41 -19.28 38.80
C PHE C 80 1.72 -17.98 39.23
N LEU C 81 1.41 -17.89 40.52
CA LEU C 81 0.81 -16.71 41.12
C LEU C 81 1.30 -16.52 42.55
N GLN C 82 1.81 -15.33 42.88
CA GLN C 82 2.37 -15.07 44.22
C GLN C 82 1.83 -13.75 44.75
N PHE C 83 0.77 -13.79 45.55
CA PHE C 83 0.20 -12.57 46.14
C PHE C 83 0.78 -12.28 47.51
N ASN C 84 1.63 -11.24 47.59
CA ASN C 84 2.22 -10.89 48.87
C ASN C 84 1.13 -10.43 49.83
N SER C 85 0.18 -9.61 49.35
CA SER C 85 -0.93 -9.11 50.15
C SER C 85 -1.87 -10.24 50.57
N VAL C 86 -1.37 -11.23 51.30
CA VAL C 86 -2.09 -12.41 51.77
C VAL C 86 -3.11 -12.18 52.92
N THR C 87 -3.84 -11.09 52.81
CA THR C 87 -4.84 -10.70 53.81
C THR C 87 -5.99 -11.71 53.80
N THR C 88 -6.66 -11.82 54.95
CA THR C 88 -7.77 -12.77 55.13
C THR C 88 -8.92 -12.61 54.14
N GLU C 89 -9.05 -11.46 53.46
CA GLU C 89 -10.10 -11.31 52.47
C GLU C 89 -9.91 -12.21 51.25
N ASP C 90 -8.74 -12.81 51.05
CA ASP C 90 -8.42 -13.55 49.85
C ASP C 90 -8.85 -15.02 49.92
N THR C 91 -9.53 -15.43 50.98
CA THR C 91 -10.08 -16.78 51.04
C THR C 91 -11.16 -17.00 49.98
N GLY C 92 -11.06 -18.13 49.30
CA GLY C 92 -12.03 -18.46 48.26
C GLY C 92 -11.44 -19.52 47.36
N THR C 93 -12.08 -19.72 46.22
CA THR C 93 -11.61 -20.72 45.28
C THR C 93 -10.92 -20.03 44.11
N TYR C 94 -9.76 -20.53 43.75
CA TYR C 94 -8.98 -19.97 42.66
C TYR C 94 -8.92 -20.99 41.53
N PHE C 95 -8.92 -20.49 40.29
CA PHE C 95 -8.73 -21.37 39.15
C PHE C 95 -8.19 -20.60 37.97
N CYS C 96 -7.41 -21.30 37.16
CA CYS C 96 -6.78 -20.73 35.98
C CYS C 96 -7.64 -21.00 34.77
N ALA C 97 -7.43 -20.21 33.73
CA ALA C 97 -8.23 -20.31 32.52
C ALA C 97 -7.44 -19.82 31.34
N ARG C 98 -7.87 -20.25 30.16
CA ARG C 98 -7.25 -19.86 28.90
C ARG C 98 -8.15 -18.89 28.16
N MET C 99 -7.60 -17.73 27.80
CA MET C 99 -8.34 -16.73 27.06
C MET C 99 -8.10 -16.90 25.57
N ILE C 100 -9.15 -16.78 24.78
CA ILE C 100 -9.01 -16.74 23.33
C ILE C 100 -8.83 -15.30 22.94
N THR C 101 -7.76 -15.01 22.21
CA THR C 101 -7.34 -13.64 21.99
C THR C 101 -7.93 -13.00 20.73
N THR C 102 -8.80 -13.68 20.00
CA THR C 102 -9.46 -13.01 18.88
C THR C 102 -10.56 -12.12 19.44
N VAL C 103 -11.59 -12.75 20.01
CA VAL C 103 -12.59 -12.09 20.81
C VAL C 103 -12.40 -12.64 22.21
N TYR C 104 -12.21 -11.76 23.18
CA TYR C 104 -11.72 -12.18 24.48
C TYR C 104 -12.78 -12.95 25.25
N TYR C 105 -12.56 -14.25 25.43
CA TYR C 105 -13.46 -15.11 26.19
C TYR C 105 -12.64 -16.25 26.75
N PHE C 106 -13.19 -16.95 27.71
CA PHE C 106 -12.47 -18.02 28.39
C PHE C 106 -13.08 -19.33 27.95
N ASP C 107 -12.34 -20.11 27.18
CA ASP C 107 -12.93 -21.37 26.75
C ASP C 107 -12.60 -22.49 27.72
N TYR C 108 -11.32 -22.71 28.02
CA TYR C 108 -10.93 -23.75 28.95
C TYR C 108 -10.70 -23.17 30.33
N TRP C 109 -11.17 -23.90 31.34
CA TRP C 109 -11.07 -23.56 32.75
C TRP C 109 -10.48 -24.76 33.46
N GLY C 110 -9.81 -24.50 34.56
CA GLY C 110 -9.28 -25.60 35.36
C GLY C 110 -10.33 -26.17 36.28
N GLN C 111 -9.87 -26.84 37.32
CA GLN C 111 -10.76 -27.47 38.28
C GLN C 111 -10.88 -26.64 39.54
N GLY C 112 -9.82 -25.93 39.90
CA GLY C 112 -9.80 -25.02 41.02
C GLY C 112 -9.29 -25.62 42.31
N THR C 113 -8.92 -24.72 43.21
CA THR C 113 -8.42 -25.06 44.52
C THR C 113 -9.07 -24.13 45.53
N THR C 114 -9.24 -24.62 46.75
CA THR C 114 -9.84 -23.83 47.80
C THR C 114 -8.73 -23.33 48.69
N LEU C 115 -8.63 -22.01 48.81
CA LEU C 115 -7.64 -21.36 49.65
C LEU C 115 -8.34 -20.79 50.87
N THR C 116 -7.92 -21.22 52.05
CA THR C 116 -8.43 -20.69 53.31
C THR C 116 -7.28 -20.00 54.03
N VAL C 117 -7.47 -18.73 54.36
CA VAL C 117 -6.45 -17.94 55.03
C VAL C 117 -6.99 -17.38 56.34
N SER C 118 -6.36 -17.78 57.46
CA SER C 118 -6.68 -17.34 58.80
C SER C 118 -5.56 -17.84 59.70
N SER C 119 -5.52 -17.30 60.91
CA SER C 119 -4.54 -17.75 61.91
C SER C 119 -4.98 -18.98 62.67
N ALA C 120 -6.17 -19.52 62.38
CA ALA C 120 -6.72 -20.65 63.09
C ALA C 120 -5.83 -21.88 62.96
N LYS C 121 -5.80 -22.68 64.01
CA LYS C 121 -4.96 -23.87 64.08
C LYS C 121 -5.70 -25.12 63.58
N THR C 122 -4.93 -26.02 62.96
CA THR C 122 -5.43 -27.32 62.55
C THR C 122 -5.84 -28.13 63.77
N THR C 123 -7.07 -28.65 63.72
CA THR C 123 -7.66 -29.41 64.81
C THR C 123 -8.29 -30.69 64.26
N PRO C 124 -8.06 -31.84 64.88
CA PRO C 124 -8.67 -33.07 64.38
C PRO C 124 -10.17 -33.07 64.65
N PRO C 125 -10.95 -33.78 63.86
CA PRO C 125 -12.40 -33.79 64.05
C PRO C 125 -12.89 -34.62 65.22
N SER C 126 -14.00 -34.17 65.81
CA SER C 126 -14.79 -35.02 66.68
C SER C 126 -15.94 -35.59 65.86
N VAL C 127 -16.22 -36.87 66.05
CA VAL C 127 -17.27 -37.56 65.32
C VAL C 127 -18.26 -38.18 66.29
N TYR C 128 -19.53 -37.82 66.15
CA TYR C 128 -20.58 -38.36 66.99
C TYR C 128 -21.64 -39.01 66.10
N PRO C 129 -21.89 -40.31 66.23
CA PRO C 129 -22.97 -40.92 65.44
C PRO C 129 -24.32 -40.46 65.97
N LEU C 130 -25.32 -40.45 65.09
CA LEU C 130 -26.66 -40.07 65.50
C LEU C 130 -27.65 -41.13 65.05
N ALA C 131 -28.52 -41.49 65.99
CA ALA C 131 -29.58 -42.48 65.83
C ALA C 131 -30.61 -42.22 66.91
N PRO C 132 -31.88 -42.66 66.72
CA PRO C 132 -32.91 -42.51 67.76
C PRO C 132 -32.59 -43.06 69.17
N THR C 143 -34.25 -42.90 60.82
CA THR C 143 -33.24 -42.30 59.97
C THR C 143 -31.95 -42.21 60.76
N LEU C 144 -30.81 -42.55 60.15
CA LEU C 144 -29.55 -42.58 60.89
C LEU C 144 -28.51 -41.69 60.22
N GLY C 145 -27.44 -41.37 60.96
CA GLY C 145 -26.37 -40.61 60.34
C GLY C 145 -25.24 -40.25 61.27
N CYS C 146 -24.61 -39.10 61.05
CA CYS C 146 -23.49 -38.73 61.91
C CYS C 146 -23.24 -37.23 61.82
N LEU C 147 -22.65 -36.70 62.88
CA LEU C 147 -22.23 -35.31 62.98
C LEU C 147 -20.74 -35.29 63.22
N VAL C 148 -20.03 -34.40 62.53
CA VAL C 148 -18.59 -34.23 62.70
C VAL C 148 -18.37 -32.75 63.01
N LYS C 149 -17.74 -32.44 64.15
CA LYS C 149 -17.64 -31.05 64.56
C LYS C 149 -16.39 -30.80 65.39
N GLY C 150 -16.14 -29.51 65.61
CA GLY C 150 -15.06 -29.07 66.47
C GLY C 150 -13.69 -29.10 65.84
N TYR C 151 -13.61 -28.80 64.56
CA TYR C 151 -12.34 -28.89 63.84
C TYR C 151 -12.27 -27.81 62.76
N PHE C 152 -11.05 -27.66 62.23
CA PHE C 152 -10.72 -26.69 61.18
C PHE C 152 -9.39 -27.13 60.58
N PRO C 153 -9.14 -26.85 59.28
CA PRO C 153 -9.88 -26.35 58.09
C PRO C 153 -10.71 -27.38 57.33
N GLU C 154 -11.41 -26.90 56.30
CA GLU C 154 -12.12 -27.75 55.36
C GLU C 154 -11.12 -28.30 54.35
N PRO C 155 -11.53 -29.24 53.46
CA PRO C 155 -12.69 -30.13 53.25
C PRO C 155 -12.63 -31.40 54.07
N VAL C 156 -13.78 -32.02 54.32
CA VAL C 156 -13.85 -33.38 54.85
C VAL C 156 -14.69 -34.25 53.94
N THR C 157 -14.10 -35.34 53.48
CA THR C 157 -14.86 -36.29 52.67
C THR C 157 -15.66 -37.18 53.62
N VAL C 158 -16.97 -37.27 53.40
CA VAL C 158 -17.83 -38.08 54.25
C VAL C 158 -18.58 -39.08 53.38
N THR C 159 -18.40 -40.36 53.69
CA THR C 159 -19.01 -41.48 52.99
C THR C 159 -19.44 -42.50 54.04
N TRP C 160 -19.76 -43.69 53.59
CA TRP C 160 -20.24 -44.76 54.46
C TRP C 160 -19.48 -46.01 54.03
N ASN C 161 -19.37 -46.98 54.94
CA ASN C 161 -18.63 -48.21 54.66
C ASN C 161 -19.16 -48.93 53.43
N SER C 162 -18.25 -49.25 52.51
CA SER C 162 -18.48 -49.94 51.24
C SER C 162 -19.55 -49.29 50.36
N GLY C 163 -19.88 -48.00 50.56
CA GLY C 163 -20.85 -47.38 49.68
C GLY C 163 -22.29 -47.80 49.87
N SER C 164 -22.61 -48.40 51.03
CA SER C 164 -23.97 -48.88 51.33
C SER C 164 -25.04 -47.81 51.12
N LEU C 165 -24.95 -46.71 51.86
CA LEU C 165 -25.93 -45.63 51.75
C LEU C 165 -25.51 -44.61 50.68
N SER C 166 -25.49 -45.10 49.44
CA SER C 166 -25.11 -44.29 48.29
C SER C 166 -26.27 -43.42 47.80
N SER C 167 -27.47 -43.64 48.31
CA SER C 167 -28.66 -42.91 47.89
C SER C 167 -29.54 -42.69 49.10
N GLY C 168 -30.41 -41.69 49.00
CA GLY C 168 -31.26 -41.35 50.12
C GLY C 168 -30.53 -40.59 51.21
N VAL C 169 -29.36 -40.03 50.89
CA VAL C 169 -28.47 -39.39 51.86
C VAL C 169 -28.40 -37.90 51.57
N HIS C 170 -28.46 -37.10 52.65
CA HIS C 170 -28.33 -35.66 52.55
C HIS C 170 -27.21 -35.22 53.46
N THR C 171 -26.22 -34.53 52.88
CA THR C 171 -25.09 -33.99 53.62
C THR C 171 -25.20 -32.48 53.59
N PHE C 172 -25.17 -31.88 54.74
CA PHE C 172 -25.42 -30.46 54.90
C PHE C 172 -24.12 -29.68 54.95
N PRO C 173 -24.04 -28.58 54.19
CA PRO C 173 -22.85 -27.72 54.22
C PRO C 173 -22.52 -27.26 55.64
N ALA C 174 -21.22 -27.25 55.93
CA ALA C 174 -20.75 -26.96 57.29
C ALA C 174 -21.03 -25.52 57.71
N VAL C 175 -21.24 -25.33 59.01
CA VAL C 175 -21.40 -24.01 59.61
C VAL C 175 -20.21 -23.74 60.53
N LEU C 176 -19.51 -22.64 60.25
CA LEU C 176 -18.33 -22.21 60.99
C LEU C 176 -18.68 -21.20 62.08
N GLN C 177 -18.25 -21.47 63.30
CA GLN C 177 -18.41 -20.54 64.42
C GLN C 177 -17.14 -20.58 65.27
N SER C 178 -16.65 -19.40 65.64
CA SER C 178 -15.47 -19.20 66.51
C SER C 178 -14.25 -20.02 66.06
N ASP C 179 -14.03 -20.03 64.75
CA ASP C 179 -12.98 -20.70 63.96
C ASP C 179 -13.07 -22.23 63.96
N LEU C 180 -14.17 -22.81 64.44
CA LEU C 180 -14.36 -24.26 64.37
C LEU C 180 -15.69 -24.54 63.70
N TYR C 181 -15.81 -25.64 62.99
CA TYR C 181 -17.06 -25.87 62.29
C TYR C 181 -17.71 -27.20 62.59
N THR C 182 -19.02 -27.23 62.35
CA THR C 182 -19.86 -28.41 62.50
C THR C 182 -20.47 -28.76 61.14
N LEU C 183 -20.19 -29.97 60.67
CA LEU C 183 -20.81 -30.56 59.49
C LEU C 183 -21.69 -31.72 59.94
N SER C 184 -22.80 -31.93 59.24
CA SER C 184 -23.73 -33.01 59.61
C SER C 184 -24.28 -33.71 58.38
N SER C 185 -24.47 -35.02 58.48
CA SER C 185 -25.00 -35.81 57.37
C SER C 185 -26.01 -36.81 57.91
N SER C 186 -27.10 -37.00 57.18
CA SER C 186 -28.20 -37.86 57.61
C SER C 186 -28.81 -38.57 56.42
N VAL C 187 -29.06 -39.87 56.59
CA VAL C 187 -29.60 -40.72 55.54
C VAL C 187 -30.75 -41.55 56.12
N THR C 188 -31.86 -41.60 55.39
CA THR C 188 -33.01 -42.36 55.84
C THR C 188 -32.96 -43.76 55.25
N VAL C 189 -33.02 -44.76 56.11
CA VAL C 189 -33.13 -46.16 55.70
C VAL C 189 -34.38 -46.74 56.34
N PRO C 190 -35.30 -47.30 55.55
CA PRO C 190 -36.52 -47.89 56.12
C PRO C 190 -36.21 -49.00 57.12
N SER C 191 -37.08 -49.12 58.13
CA SER C 191 -37.00 -50.13 59.19
C SER C 191 -37.07 -51.58 58.71
N SER C 192 -37.35 -51.83 57.42
CA SER C 192 -37.46 -53.19 56.90
C SER C 192 -36.12 -53.92 56.81
N THR C 193 -34.99 -53.22 56.89
CA THR C 193 -33.69 -53.89 56.83
C THR C 193 -32.78 -53.60 58.01
N TRP C 194 -33.00 -52.53 58.76
CA TRP C 194 -32.28 -52.03 59.92
C TRP C 194 -32.93 -52.60 61.19
N PRO C 195 -32.17 -52.93 62.27
CA PRO C 195 -30.73 -52.95 62.56
C PRO C 195 -29.89 -54.20 62.28
N SER C 196 -29.94 -54.81 61.10
CA SER C 196 -29.05 -55.94 60.84
C SER C 196 -27.93 -55.64 59.85
N GLU C 197 -28.24 -54.99 58.72
CA GLU C 197 -27.21 -54.66 57.71
C GLU C 197 -26.42 -53.45 58.18
N THR C 198 -25.38 -53.75 58.98
CA THR C 198 -24.56 -52.75 59.66
C THR C 198 -23.93 -51.72 58.71
N VAL C 199 -24.08 -50.44 59.08
CA VAL C 199 -23.53 -49.32 58.34
C VAL C 199 -22.70 -48.49 59.32
N THR C 200 -21.75 -47.72 58.78
CA THR C 200 -20.88 -46.85 59.56
C THR C 200 -20.72 -45.52 58.84
N CYS C 201 -20.31 -44.51 59.61
CA CYS C 201 -19.98 -43.18 59.10
C CYS C 201 -18.47 -43.08 58.92
N ASN C 202 -18.02 -42.91 57.67
CA ASN C 202 -16.61 -42.81 57.32
C ASN C 202 -16.25 -41.35 57.02
N VAL C 203 -15.40 -40.77 57.85
CA VAL C 203 -15.04 -39.35 57.78
C VAL C 203 -13.54 -39.26 57.56
N ALA C 204 -13.12 -38.43 56.60
CA ALA C 204 -11.69 -38.24 56.35
C ALA C 204 -11.37 -36.76 56.21
N HIS C 205 -10.37 -36.32 56.98
CA HIS C 205 -9.94 -34.93 57.10
C HIS C 205 -8.51 -34.81 56.58
N PRO C 206 -8.34 -34.45 55.30
CA PRO C 206 -6.99 -34.31 54.70
C PRO C 206 -6.03 -33.38 55.41
N ALA C 207 -6.54 -32.29 56.02
CA ALA C 207 -5.71 -31.30 56.72
C ALA C 207 -4.87 -31.92 57.81
N SER C 208 -5.40 -32.95 58.48
CA SER C 208 -4.70 -33.66 59.52
C SER C 208 -4.50 -35.11 59.11
N SER C 209 -5.05 -35.50 57.96
CA SER C 209 -5.06 -36.85 57.41
C SER C 209 -5.64 -37.84 58.41
N THR C 210 -6.73 -37.43 59.07
CA THR C 210 -7.40 -38.29 60.04
C THR C 210 -8.59 -38.97 59.38
N LYS C 211 -8.67 -40.28 59.52
CA LYS C 211 -9.78 -41.03 58.94
C LYS C 211 -10.38 -41.86 60.06
N VAL C 212 -11.69 -41.69 60.28
CA VAL C 212 -12.40 -42.33 61.38
C VAL C 212 -13.61 -43.03 60.78
N ASP C 213 -13.93 -44.22 61.29
CA ASP C 213 -15.08 -44.99 60.82
C ASP C 213 -15.85 -45.46 62.04
N LYS C 214 -17.00 -44.83 62.29
CA LYS C 214 -17.79 -45.08 63.49
C LYS C 214 -19.10 -45.78 63.16
N LYS C 215 -19.34 -46.94 63.78
CA LYS C 215 -20.60 -47.63 63.61
C LYS C 215 -21.71 -46.88 64.35
N ILE C 216 -22.91 -46.88 63.77
CA ILE C 216 -24.08 -46.21 64.33
C ILE C 216 -25.01 -47.25 64.92
N VAL C 217 -25.40 -47.07 66.19
CA VAL C 217 -26.27 -48.02 66.88
C VAL C 217 -27.49 -47.28 67.42
N PRO C 218 -28.71 -47.72 67.10
CA PRO C 218 -29.90 -47.08 67.69
C PRO C 218 -30.09 -47.55 69.11
N ARG C 219 -30.73 -46.69 69.92
CA ARG C 219 -31.07 -47.03 71.29
C ARG C 219 -32.50 -46.57 71.57
N ASP C 220 -33.16 -47.31 72.46
CA ASP C 220 -34.52 -47.00 72.94
C ASP C 220 -34.68 -45.55 73.42
N GLN D 1 -13.98 0.55 33.04
CA GLN D 1 -14.57 -0.15 34.18
C GLN D 1 -16.08 -0.23 34.00
N ILE D 2 -16.58 -1.40 33.64
CA ILE D 2 -18.01 -1.60 33.41
C ILE D 2 -18.53 -2.62 34.39
N VAL D 3 -19.56 -2.24 35.14
CA VAL D 3 -20.22 -3.10 36.10
C VAL D 3 -21.39 -3.78 35.41
N LEU D 4 -21.52 -5.08 35.59
CA LEU D 4 -22.62 -5.83 35.01
C LEU D 4 -23.55 -6.28 36.14
N THR D 5 -24.84 -6.10 35.93
CA THR D 5 -25.84 -6.55 36.88
C THR D 5 -26.73 -7.55 36.15
N GLN D 6 -27.36 -8.43 36.91
CA GLN D 6 -28.19 -9.45 36.30
C GLN D 6 -29.49 -9.58 37.06
N SER D 7 -30.53 -10.00 36.33
CA SER D 7 -31.83 -10.15 36.95
C SER D 7 -32.67 -11.18 36.21
N PRO D 8 -33.50 -11.98 36.92
CA PRO D 8 -33.66 -12.14 38.38
C PRO D 8 -32.47 -12.81 39.06
N THR D 9 -32.15 -12.43 40.31
CA THR D 9 -31.06 -13.06 41.04
C THR D 9 -31.32 -14.55 41.28
N ILE D 10 -32.46 -14.87 41.87
CA ILE D 10 -32.90 -16.25 42.08
C ILE D 10 -34.30 -16.35 41.49
N MET D 11 -34.51 -17.36 40.65
CA MET D 11 -35.76 -17.57 39.96
C MET D 11 -36.05 -19.06 39.91
N SER D 12 -37.33 -19.39 39.76
CA SER D 12 -37.69 -20.79 39.57
C SER D 12 -38.71 -20.89 38.46
N ALA D 13 -38.72 -22.04 37.79
CA ALA D 13 -39.70 -22.34 36.75
C ALA D 13 -39.78 -23.85 36.59
N SER D 14 -40.94 -24.30 36.12
CA SER D 14 -41.15 -25.71 35.83
C SER D 14 -40.55 -26.07 34.48
N LEU D 15 -40.45 -27.38 34.23
CA LEU D 15 -39.90 -27.87 32.97
C LEU D 15 -40.82 -27.53 31.80
N GLY D 16 -40.22 -27.14 30.68
CA GLY D 16 -40.96 -26.81 29.49
C GLY D 16 -41.25 -25.33 29.30
N GLU D 17 -41.04 -24.50 30.32
CA GLU D 17 -41.33 -23.08 30.20
C GLU D 17 -40.19 -22.33 29.52
N ARG D 18 -40.54 -21.22 28.88
CA ARG D 18 -39.55 -20.32 28.31
C ARG D 18 -39.04 -19.36 29.39
N VAL D 19 -37.73 -19.29 29.56
CA VAL D 19 -37.13 -18.50 30.63
C VAL D 19 -36.07 -17.56 30.06
N THR D 20 -36.11 -16.30 30.50
CA THR D 20 -35.14 -15.30 30.09
C THR D 20 -34.38 -14.76 31.28
N MET D 21 -33.14 -14.35 31.03
CA MET D 21 -32.21 -13.76 31.99
C MET D 21 -31.66 -12.48 31.38
N THR D 22 -31.58 -11.42 32.17
CA THR D 22 -31.15 -10.13 31.65
C THR D 22 -29.85 -9.68 32.29
N CYS D 23 -28.92 -9.23 31.46
CA CYS D 23 -27.65 -8.64 31.89
C CYS D 23 -27.61 -7.19 31.43
N THR D 24 -27.34 -6.29 32.37
CA THR D 24 -27.28 -4.85 32.14
C THR D 24 -25.87 -4.37 32.40
N ALA D 25 -25.32 -3.59 31.48
CA ALA D 25 -24.00 -3.00 31.61
C ALA D 25 -24.10 -1.64 32.28
N SER D 26 -23.09 -1.27 33.07
CA SER D 26 -23.14 0.04 33.68
C SER D 26 -22.87 1.19 32.72
N SER D 27 -22.46 0.92 31.49
CA SER D 27 -22.22 2.00 30.55
C SER D 27 -22.88 1.69 29.22
N SER D 28 -22.20 0.90 28.41
CA SER D 28 -22.64 0.34 27.13
C SER D 28 -21.63 -0.73 26.77
N ALA D 29 -21.99 -1.60 25.84
CA ALA D 29 -21.01 -2.58 25.38
C ALA D 29 -21.28 -2.93 23.94
N SER D 30 -20.21 -3.32 23.25
CA SER D 30 -20.30 -3.82 21.89
C SER D 30 -20.70 -5.29 21.93
N SER D 31 -21.57 -5.67 21.01
CA SER D 31 -22.16 -7.00 20.99
C SER D 31 -21.13 -8.12 20.84
N SER D 32 -20.00 -7.86 20.18
CA SER D 32 -19.04 -8.92 19.94
C SER D 32 -18.33 -9.43 21.19
N TYR D 33 -18.30 -8.66 22.29
CA TYR D 33 -17.48 -9.02 23.44
C TYR D 33 -18.28 -9.51 24.65
N LEU D 34 -19.55 -9.86 24.47
CA LEU D 34 -20.37 -10.35 25.58
C LEU D 34 -20.41 -11.87 25.55
N HIS D 35 -20.12 -12.51 26.69
CA HIS D 35 -20.13 -13.96 26.79
C HIS D 35 -20.94 -14.38 28.00
N TRP D 36 -21.52 -15.56 27.93
CA TRP D 36 -22.27 -16.17 29.02
C TRP D 36 -21.59 -17.47 29.40
N TYR D 37 -21.54 -17.73 30.71
CA TYR D 37 -20.92 -18.91 31.28
C TYR D 37 -21.90 -19.63 32.18
N GLN D 38 -21.83 -20.95 32.20
CA GLN D 38 -22.69 -21.79 33.03
C GLN D 38 -21.86 -22.48 34.10
N GLN D 39 -22.28 -22.38 35.35
CA GLN D 39 -21.60 -23.05 36.44
C GLN D 39 -22.61 -23.85 37.24
N LYS D 40 -22.21 -25.07 37.59
CA LYS D 40 -22.98 -25.94 38.45
C LYS D 40 -22.18 -26.13 39.72
N PRO D 41 -22.85 -26.35 40.87
CA PRO D 41 -22.12 -26.62 42.11
C PRO D 41 -21.22 -27.84 41.98
N GLY D 42 -20.00 -27.70 42.48
CA GLY D 42 -19.02 -28.75 42.40
C GLY D 42 -17.88 -28.51 41.44
N SER D 43 -18.04 -27.63 40.45
CA SER D 43 -17.00 -27.44 39.46
C SER D 43 -16.96 -26.01 38.93
N SER D 44 -15.97 -25.78 38.07
CA SER D 44 -15.68 -24.48 37.47
C SER D 44 -16.71 -24.09 36.42
N PRO D 45 -16.81 -22.80 36.09
CA PRO D 45 -17.69 -22.39 34.99
C PRO D 45 -17.23 -22.95 33.66
N LYS D 46 -18.19 -23.12 32.76
CA LYS D 46 -17.92 -23.55 31.40
C LYS D 46 -18.45 -22.49 30.45
N LEU D 47 -17.76 -22.30 29.33
CA LEU D 47 -18.22 -21.35 28.33
C LEU D 47 -19.55 -21.81 27.77
N TRP D 48 -20.54 -20.93 27.78
CA TRP D 48 -21.84 -21.30 27.25
C TRP D 48 -22.12 -20.62 25.92
N ILE D 49 -22.12 -19.29 25.86
CA ILE D 49 -22.35 -18.57 24.61
C ILE D 49 -21.32 -17.47 24.49
N TYR D 50 -20.71 -17.33 23.32
CA TYR D 50 -19.76 -16.26 23.10
C TYR D 50 -20.26 -15.33 22.01
N SER D 51 -19.84 -14.08 22.08
CA SER D 51 -20.21 -13.00 21.16
C SER D 51 -21.72 -12.88 20.94
N THR D 52 -22.44 -12.93 22.06
CA THR D 52 -23.89 -12.79 22.29
C THR D 52 -24.77 -13.87 21.69
N SER D 53 -24.46 -14.35 20.50
CA SER D 53 -25.34 -15.29 19.82
C SER D 53 -24.68 -16.53 19.27
N ASN D 54 -23.39 -16.72 19.46
CA ASN D 54 -22.71 -17.89 18.94
C ASN D 54 -22.63 -18.94 20.03
N LEU D 55 -23.20 -20.11 19.76
CA LEU D 55 -23.26 -21.16 20.77
C LEU D 55 -21.93 -21.89 20.85
N ALA D 56 -21.47 -22.14 22.07
CA ALA D 56 -20.28 -22.96 22.28
C ALA D 56 -20.56 -24.40 21.91
N SER D 57 -19.52 -25.09 21.45
CA SER D 57 -19.61 -26.52 21.17
C SER D 57 -20.05 -27.29 22.40
N GLY D 58 -21.02 -28.19 22.22
CA GLY D 58 -21.53 -29.02 23.29
C GLY D 58 -22.79 -28.53 23.96
N VAL D 59 -23.22 -27.29 23.73
CA VAL D 59 -24.47 -26.83 24.33
C VAL D 59 -25.64 -27.35 23.49
N PRO D 60 -26.61 -28.01 24.12
CA PRO D 60 -27.62 -28.76 23.34
C PRO D 60 -28.67 -27.95 22.60
N ALA D 61 -28.23 -27.03 21.74
CA ALA D 61 -28.98 -26.24 20.75
C ALA D 61 -30.43 -25.89 21.08
N ARG D 62 -30.65 -25.37 22.28
CA ARG D 62 -31.95 -24.83 22.67
C ARG D 62 -31.78 -23.50 23.39
N PHE D 63 -30.55 -23.02 23.51
CA PHE D 63 -30.19 -21.79 24.19
C PHE D 63 -29.94 -20.74 23.13
N SER D 64 -30.24 -19.50 23.47
CA SER D 64 -29.94 -18.41 22.56
C SER D 64 -29.73 -17.16 23.37
N GLY D 65 -29.31 -16.10 22.70
CA GLY D 65 -29.12 -14.85 23.38
C GLY D 65 -29.07 -13.75 22.36
N SER D 66 -29.22 -12.53 22.83
CA SER D 66 -29.26 -11.37 21.96
C SER D 66 -29.08 -10.14 22.81
N GLY D 67 -28.88 -9.02 22.14
CA GLY D 67 -28.83 -7.76 22.82
C GLY D 67 -27.90 -6.82 22.10
N SER D 68 -27.87 -5.60 22.62
CA SER D 68 -27.02 -4.55 22.07
C SER D 68 -27.01 -3.45 23.11
N GLY D 69 -26.09 -2.52 22.93
CA GLY D 69 -26.04 -1.33 23.77
C GLY D 69 -25.81 -1.68 25.21
N THR D 70 -26.81 -1.39 26.02
CA THR D 70 -26.75 -1.60 27.45
C THR D 70 -27.62 -2.77 27.91
N SER D 71 -28.27 -3.48 26.98
CA SER D 71 -29.23 -4.52 27.33
C SER D 71 -28.95 -5.83 26.61
N TYR D 72 -28.63 -6.88 27.36
CA TYR D 72 -28.39 -8.18 26.77
C TYR D 72 -29.21 -9.23 27.50
N SER D 73 -29.62 -10.28 26.81
CA SER D 73 -30.40 -11.32 27.46
C SER D 73 -30.09 -12.71 26.91
N LEU D 74 -30.31 -13.70 27.78
CA LEU D 74 -30.16 -15.13 27.49
C LEU D 74 -31.53 -15.81 27.61
N THR D 75 -31.91 -16.60 26.60
CA THR D 75 -33.21 -17.25 26.61
C THR D 75 -33.11 -18.76 26.41
N ILE D 76 -33.89 -19.49 27.21
CA ILE D 76 -34.08 -20.93 27.08
C ILE D 76 -35.51 -21.17 26.62
N SER D 77 -35.67 -21.75 25.44
CA SER D 77 -37.00 -21.97 24.86
C SER D 77 -37.85 -22.97 25.64
N ASN D 78 -37.22 -23.98 26.27
CA ASN D 78 -37.95 -25.01 27.00
C ASN D 78 -37.03 -25.69 28.00
N MET D 79 -37.20 -25.39 29.28
CA MET D 79 -36.34 -25.87 30.35
C MET D 79 -36.38 -27.39 30.54
N GLU D 80 -35.20 -27.97 30.76
CA GLU D 80 -35.02 -29.36 31.18
C GLU D 80 -34.34 -29.40 32.54
N ALA D 81 -34.18 -30.61 33.06
CA ALA D 81 -33.57 -30.85 34.36
C ALA D 81 -32.12 -30.40 34.45
N GLU D 82 -31.37 -30.42 33.35
CA GLU D 82 -29.95 -30.09 33.41
C GLU D 82 -29.67 -28.60 33.38
N ASP D 83 -30.69 -27.75 33.31
CA ASP D 83 -30.51 -26.32 33.24
C ASP D 83 -30.49 -25.65 34.62
N ALA D 84 -30.49 -26.42 35.70
CA ALA D 84 -30.48 -25.87 37.05
C ALA D 84 -29.06 -25.46 37.43
N ALA D 85 -28.64 -24.32 36.89
CA ALA D 85 -27.27 -23.86 37.05
C ALA D 85 -27.26 -22.34 37.13
N THR D 86 -26.11 -21.79 37.52
CA THR D 86 -25.91 -20.35 37.62
C THR D 86 -25.29 -19.82 36.34
N TYR D 87 -25.89 -18.79 35.75
CA TYR D 87 -25.43 -18.21 34.49
C TYR D 87 -24.81 -16.83 34.68
N TYR D 88 -23.52 -16.72 34.36
CA TYR D 88 -22.74 -15.51 34.53
C TYR D 88 -22.57 -14.75 33.22
N CYS D 89 -22.71 -13.44 33.31
CA CYS D 89 -22.53 -12.50 32.21
C CYS D 89 -21.11 -11.93 32.27
N HIS D 90 -20.38 -11.98 31.16
CA HIS D 90 -19.01 -11.51 31.10
C HIS D 90 -18.79 -10.57 29.92
N GLN D 91 -17.99 -9.54 30.11
CA GLN D 91 -17.69 -8.59 29.04
C GLN D 91 -16.20 -8.30 28.98
N HIS D 92 -15.72 -7.98 27.78
CA HIS D 92 -14.38 -7.44 27.57
C HIS D 92 -14.46 -6.32 26.54
N HIS D 93 -15.42 -5.42 26.72
CA HIS D 93 -15.48 -4.25 25.88
C HIS D 93 -14.39 -3.27 26.29
N ARG D 94 -14.25 -3.04 27.59
CA ARG D 94 -13.19 -2.20 28.11
C ARG D 94 -12.52 -3.00 29.22
N SER D 95 -11.20 -3.04 29.20
CA SER D 95 -10.47 -3.78 30.20
C SER D 95 -10.56 -3.06 31.54
N PRO D 96 -10.48 -3.79 32.65
CA PRO D 96 -10.42 -5.24 32.84
C PRO D 96 -11.73 -5.94 32.56
N PRO D 97 -11.68 -7.21 32.19
CA PRO D 97 -12.92 -7.96 32.05
C PRO D 97 -13.59 -8.14 33.39
N THR D 98 -14.92 -8.13 33.37
CA THR D 98 -15.71 -8.24 34.58
C THR D 98 -16.82 -9.26 34.37
N PHE D 99 -17.32 -9.75 35.50
CA PHE D 99 -18.41 -10.70 35.55
C PHE D 99 -19.57 -10.11 36.32
N GLY D 100 -20.78 -10.55 36.00
CA GLY D 100 -21.94 -10.18 36.76
C GLY D 100 -22.08 -11.09 37.97
N ALA D 101 -23.17 -10.90 38.70
CA ALA D 101 -23.39 -11.69 39.90
C ALA D 101 -23.94 -13.08 39.59
N GLY D 102 -24.47 -13.27 38.40
CA GLY D 102 -25.09 -14.54 38.04
C GLY D 102 -26.55 -14.60 38.43
N THR D 103 -27.31 -15.36 37.66
CA THR D 103 -28.70 -15.64 37.96
C THR D 103 -28.81 -17.13 38.21
N LYS D 104 -29.57 -17.51 39.21
CA LYS D 104 -29.71 -18.91 39.55
C LYS D 104 -31.15 -19.33 39.30
N LEU D 105 -31.36 -20.28 38.39
CA LEU D 105 -32.68 -20.83 38.14
C LEU D 105 -32.79 -22.18 38.82
N GLU D 106 -33.98 -22.45 39.36
CA GLU D 106 -34.28 -23.69 40.04
C GLU D 106 -35.50 -24.31 39.40
N LEU D 107 -35.71 -25.61 39.62
CA LEU D 107 -36.84 -26.30 39.04
C LEU D 107 -38.00 -26.33 40.02
N LYS D 108 -39.21 -26.14 39.50
CA LYS D 108 -40.41 -26.27 40.30
C LYS D 108 -40.79 -27.73 40.51
N ARG D 109 -41.37 -28.00 41.66
CA ARG D 109 -41.82 -29.33 42.05
C ARG D 109 -43.12 -29.15 42.81
N ALA D 110 -43.93 -30.22 42.86
CA ALA D 110 -45.08 -30.21 43.75
C ALA D 110 -44.61 -30.09 45.20
N ASP D 111 -45.41 -29.40 46.01
CA ASP D 111 -45.13 -29.19 47.42
C ASP D 111 -45.07 -30.52 48.17
N ALA D 112 -44.21 -30.56 49.19
CA ALA D 112 -44.07 -31.77 50.01
C ALA D 112 -43.68 -31.37 51.43
N ALA D 113 -44.25 -32.05 52.41
CA ALA D 113 -43.88 -31.79 53.80
C ALA D 113 -42.59 -32.50 54.17
N PRO D 114 -41.79 -31.92 55.05
CA PRO D 114 -40.55 -32.56 55.47
C PRO D 114 -40.76 -33.70 56.47
N THR D 115 -39.83 -34.64 56.45
CA THR D 115 -39.71 -35.61 57.53
C THR D 115 -38.80 -35.00 58.59
N VAL D 116 -39.31 -34.88 59.81
CA VAL D 116 -38.63 -34.16 60.88
C VAL D 116 -38.22 -35.18 61.93
N SER D 117 -36.97 -35.09 62.39
CA SER D 117 -36.47 -36.04 63.37
C SER D 117 -35.48 -35.36 64.31
N ILE D 118 -35.66 -35.57 65.61
CA ILE D 118 -34.82 -34.94 66.64
C ILE D 118 -33.95 -36.02 67.27
N PHE D 119 -32.65 -35.79 67.28
CA PHE D 119 -31.71 -36.76 67.79
C PHE D 119 -31.01 -36.29 69.05
N PRO D 120 -30.82 -37.25 69.99
CA PRO D 120 -30.08 -37.00 71.24
C PRO D 120 -28.60 -36.89 71.00
N PRO D 121 -27.87 -36.29 71.93
CA PRO D 121 -26.41 -36.39 71.89
C PRO D 121 -25.92 -37.82 72.05
N SER D 122 -24.74 -38.06 71.50
CA SER D 122 -24.06 -39.34 71.61
C SER D 122 -23.37 -39.46 72.97
N SER D 123 -23.10 -40.71 73.35
CA SER D 123 -22.37 -41.02 74.58
C SER D 123 -20.99 -40.34 74.60
N GLU D 124 -20.32 -40.28 73.43
CA GLU D 124 -19.03 -39.61 73.32
C GLU D 124 -19.10 -38.09 73.52
N GLN D 125 -20.30 -37.51 73.56
CA GLN D 125 -20.51 -36.11 73.94
C GLN D 125 -20.77 -36.01 75.43
N LEU D 126 -21.59 -36.94 75.92
CA LEU D 126 -21.97 -36.97 77.33
C LEU D 126 -20.74 -37.17 78.21
N THR D 127 -19.78 -37.97 77.74
CA THR D 127 -18.54 -38.21 78.47
C THR D 127 -17.57 -37.02 78.35
N SER D 128 -17.85 -36.05 77.46
CA SER D 128 -16.93 -34.93 77.29
C SER D 128 -17.42 -33.59 77.87
N GLY D 129 -18.57 -33.55 78.53
CA GLY D 129 -18.99 -32.31 79.16
C GLY D 129 -19.85 -31.36 78.35
N GLY D 130 -20.37 -31.76 77.20
CA GLY D 130 -21.19 -30.87 76.41
C GLY D 130 -22.22 -31.67 75.66
N ALA D 131 -23.12 -30.96 74.96
CA ALA D 131 -24.18 -31.68 74.25
C ALA D 131 -24.68 -30.84 73.09
N SER D 132 -25.24 -31.54 72.11
CA SER D 132 -25.94 -30.89 71.02
C SER D 132 -27.12 -31.77 70.64
N VAL D 133 -28.23 -31.12 70.29
CA VAL D 133 -29.48 -31.77 69.92
C VAL D 133 -29.70 -31.44 68.45
N VAL D 134 -29.90 -32.47 67.62
CA VAL D 134 -29.95 -32.20 66.19
C VAL D 134 -31.33 -32.52 65.63
N CYS D 135 -31.90 -31.56 64.91
CA CYS D 135 -33.23 -31.65 64.36
C CYS D 135 -33.10 -31.58 62.84
N PHE D 136 -33.47 -32.65 62.16
CA PHE D 136 -33.38 -32.71 60.71
C PHE D 136 -34.76 -32.51 60.11
N LEU D 137 -34.81 -31.79 58.99
CA LEU D 137 -36.06 -31.50 58.30
C LEU D 137 -35.80 -31.83 56.84
N ASN D 138 -36.14 -33.04 56.41
CA ASN D 138 -35.72 -33.53 55.11
C ASN D 138 -36.81 -33.48 54.06
N ASN D 139 -36.36 -33.38 52.80
CA ASN D 139 -37.14 -33.56 51.58
C ASN D 139 -38.40 -32.70 51.50
N PHE D 140 -38.24 -31.40 51.69
CA PHE D 140 -39.38 -30.52 51.61
C PHE D 140 -39.24 -29.61 50.39
N TYR D 141 -40.31 -28.84 50.14
CA TYR D 141 -40.40 -27.86 49.08
C TYR D 141 -41.57 -26.97 49.41
N PRO D 142 -41.46 -25.66 49.22
CA PRO D 142 -40.32 -24.80 48.88
C PRO D 142 -39.37 -24.66 50.06
N LYS D 143 -38.16 -24.16 49.82
CA LYS D 143 -37.16 -23.90 50.85
C LYS D 143 -37.61 -22.93 51.96
N ASP D 144 -38.75 -22.26 51.81
CA ASP D 144 -39.26 -21.27 52.77
C ASP D 144 -39.81 -22.01 53.97
N ILE D 145 -38.92 -22.31 54.92
CA ILE D 145 -39.25 -23.10 56.11
C ILE D 145 -38.86 -22.31 57.35
N ASN D 146 -39.65 -22.45 58.43
CA ASN D 146 -39.40 -21.76 59.68
C ASN D 146 -39.36 -22.77 60.82
N VAL D 147 -38.23 -22.88 61.52
CA VAL D 147 -38.12 -23.85 62.60
C VAL D 147 -37.89 -23.16 63.94
N LYS D 148 -38.70 -23.52 64.94
CA LYS D 148 -38.53 -23.00 66.29
C LYS D 148 -38.04 -24.10 67.22
N TRP D 149 -37.24 -23.70 68.21
CA TRP D 149 -36.76 -24.58 69.27
C TRP D 149 -37.36 -24.19 70.62
N LYS D 150 -37.77 -25.18 71.42
CA LYS D 150 -38.20 -24.88 72.78
C LYS D 150 -37.74 -25.95 73.75
N ILE D 151 -37.36 -25.51 74.95
CA ILE D 151 -37.02 -26.38 76.08
C ILE D 151 -37.96 -26.07 77.23
N ASP D 152 -38.80 -27.05 77.60
CA ASP D 152 -39.89 -26.92 78.58
C ASP D 152 -40.80 -25.73 78.27
N GLY D 153 -41.05 -25.51 76.98
CA GLY D 153 -41.87 -24.42 76.51
C GLY D 153 -41.16 -23.08 76.40
N SER D 154 -39.89 -22.99 76.80
CA SER D 154 -39.15 -21.75 76.75
C SER D 154 -38.24 -21.77 75.51
N GLU D 155 -38.50 -20.85 74.59
CA GLU D 155 -37.73 -20.75 73.36
C GLU D 155 -36.26 -20.42 73.64
N ARG D 156 -35.37 -21.13 72.97
CA ARG D 156 -33.93 -20.89 73.06
C ARG D 156 -33.42 -20.73 71.63
N GLN D 157 -33.15 -19.48 71.24
CA GLN D 157 -32.65 -19.18 69.91
C GLN D 157 -31.13 -19.02 69.87
N ASN D 158 -30.52 -18.57 70.97
CA ASN D 158 -29.09 -18.36 71.01
C ASN D 158 -28.36 -19.69 71.11
N GLY D 159 -27.27 -19.82 70.37
CA GLY D 159 -26.45 -21.01 70.40
C GLY D 159 -26.93 -22.09 69.46
N VAL D 160 -27.98 -21.83 68.69
CA VAL D 160 -28.56 -22.78 67.76
C VAL D 160 -28.13 -22.39 66.35
N LEU D 161 -27.51 -23.32 65.64
CA LEU D 161 -27.05 -23.12 64.28
C LEU D 161 -27.90 -23.97 63.35
N ASN D 162 -27.99 -23.55 62.09
CA ASN D 162 -28.72 -24.35 61.13
C ASN D 162 -28.05 -24.20 59.78
N SER D 163 -28.48 -25.06 58.84
CA SER D 163 -27.96 -25.03 57.49
C SER D 163 -28.94 -25.77 56.61
N TRP D 164 -28.72 -25.66 55.31
CA TRP D 164 -29.54 -26.34 54.34
C TRP D 164 -28.73 -26.46 53.07
N THR D 165 -29.17 -27.38 52.23
CA THR D 165 -28.52 -27.67 50.97
C THR D 165 -29.17 -26.90 49.83
N ASP D 166 -28.56 -27.01 48.66
CA ASP D 166 -29.15 -26.50 47.45
C ASP D 166 -30.17 -27.53 46.94
N GLN D 167 -30.81 -27.25 45.81
CA GLN D 167 -31.80 -28.18 45.28
C GLN D 167 -31.12 -29.47 44.89
N ASP D 168 -31.58 -30.57 45.47
CA ASP D 168 -30.99 -31.88 45.22
C ASP D 168 -31.24 -32.37 43.80
N SER D 169 -30.17 -32.88 43.20
CA SER D 169 -30.14 -33.43 41.85
C SER D 169 -30.96 -34.70 41.71
N LYS D 170 -31.44 -35.28 42.82
CA LYS D 170 -32.12 -36.56 42.85
C LYS D 170 -33.64 -36.49 42.91
N ASP D 171 -34.23 -35.58 43.70
CA ASP D 171 -35.68 -35.52 43.77
C ASP D 171 -36.27 -34.10 43.73
N SER D 172 -35.46 -33.08 43.44
CA SER D 172 -35.83 -31.66 43.31
C SER D 172 -36.34 -31.03 44.61
N THR D 173 -36.23 -31.71 45.74
CA THR D 173 -36.63 -31.23 47.05
C THR D 173 -35.50 -30.44 47.74
N TYR D 174 -35.82 -29.88 48.89
CA TYR D 174 -34.82 -29.22 49.71
C TYR D 174 -34.80 -29.93 51.07
N SER D 175 -33.65 -29.90 51.73
CA SER D 175 -33.52 -30.46 53.06
C SER D 175 -32.72 -29.49 53.93
N MET D 176 -32.96 -29.54 55.24
CA MET D 176 -32.16 -28.72 56.15
C MET D 176 -31.87 -29.48 57.44
N SER D 177 -30.99 -28.88 58.25
CA SER D 177 -30.65 -29.41 59.57
C SER D 177 -30.45 -28.25 60.55
N SER D 178 -30.66 -28.53 61.83
CA SER D 178 -30.46 -27.57 62.90
C SER D 178 -29.81 -28.23 64.11
N THR D 179 -28.71 -27.67 64.58
CA THR D 179 -28.00 -28.22 65.73
C THR D 179 -27.98 -27.18 66.84
N ALA D 180 -28.50 -27.57 68.01
CA ALA D 180 -28.53 -26.71 69.18
C ALA D 180 -27.43 -27.19 70.13
N THR D 181 -26.46 -26.32 70.40
CA THR D 181 -25.36 -26.67 71.28
C THR D 181 -25.67 -26.14 72.67
N LEU D 182 -25.72 -27.04 73.64
CA LEU D 182 -26.02 -26.70 75.02
C LEU D 182 -24.96 -27.31 75.94
N THR D 183 -24.74 -26.65 77.06
CA THR D 183 -23.92 -27.20 78.13
C THR D 183 -24.59 -28.45 78.71
N LYS D 184 -23.77 -29.46 79.00
CA LYS D 184 -24.24 -30.70 79.63
C LYS D 184 -25.08 -30.43 80.88
N ASP D 185 -24.64 -29.47 81.71
CA ASP D 185 -25.36 -29.10 82.93
C ASP D 185 -26.76 -28.56 82.61
N GLU D 186 -26.91 -27.95 81.44
CA GLU D 186 -28.21 -27.50 80.96
C GLU D 186 -28.98 -28.67 80.36
N TYR D 187 -28.27 -29.51 79.58
CA TYR D 187 -28.88 -30.65 78.90
C TYR D 187 -29.56 -31.63 79.86
N GLU D 188 -28.84 -32.09 80.87
CA GLU D 188 -29.43 -33.11 81.74
C GLU D 188 -30.45 -32.54 82.74
N ARG D 189 -30.68 -31.23 82.72
CA ARG D 189 -31.60 -30.60 83.66
C ARG D 189 -33.02 -30.53 83.09
N HIS D 190 -33.21 -30.92 81.83
CA HIS D 190 -34.53 -30.83 81.22
C HIS D 190 -34.80 -32.10 80.42
N ASN D 191 -36.03 -32.58 80.49
CA ASN D 191 -36.47 -33.78 79.80
C ASN D 191 -37.45 -33.53 78.65
N SER D 192 -37.51 -32.33 78.09
CA SER D 192 -38.45 -32.09 77.00
C SER D 192 -37.85 -31.11 76.00
N TYR D 193 -37.50 -31.63 74.82
CA TYR D 193 -36.92 -30.83 73.75
C TYR D 193 -37.88 -30.81 72.57
N THR D 194 -38.06 -29.66 71.92
CA THR D 194 -39.00 -29.72 70.79
C THR D 194 -38.63 -28.79 69.64
N CYS D 195 -39.11 -29.19 68.45
CA CYS D 195 -39.00 -28.44 67.20
C CYS D 195 -40.41 -28.17 66.69
N GLU D 196 -40.68 -26.93 66.32
CA GLU D 196 -41.94 -26.50 65.73
C GLU D 196 -41.66 -26.05 64.30
N ALA D 197 -41.90 -26.93 63.34
CA ALA D 197 -41.63 -26.69 61.91
C ALA D 197 -42.87 -26.14 61.20
N THR D 198 -42.86 -24.84 60.90
CA THR D 198 -43.93 -24.16 60.20
C THR D 198 -43.50 -23.88 58.76
N HIS D 199 -44.35 -24.25 57.80
CA HIS D 199 -44.05 -24.06 56.39
C HIS D 199 -45.34 -23.93 55.58
N LYS D 200 -45.19 -23.57 54.30
CA LYS D 200 -46.31 -23.21 53.44
C LYS D 200 -47.01 -24.38 52.73
N THR D 201 -46.67 -25.63 53.01
CA THR D 201 -47.39 -26.72 52.38
C THR D 201 -48.39 -27.33 53.33
N SER D 202 -48.54 -26.75 54.52
CA SER D 202 -49.49 -27.18 55.52
C SER D 202 -50.23 -25.96 56.00
N THR D 203 -51.04 -26.12 57.05
CA THR D 203 -51.81 -25.04 57.62
C THR D 203 -51.53 -24.86 59.09
N SER D 204 -50.78 -25.78 59.69
CA SER D 204 -50.40 -25.82 61.09
C SER D 204 -49.01 -26.41 61.12
N PRO D 205 -48.16 -26.01 62.07
CA PRO D 205 -46.81 -26.58 62.10
C PRO D 205 -46.79 -28.02 62.53
N ILE D 206 -45.83 -28.77 62.02
CA ILE D 206 -45.55 -30.11 62.52
C ILE D 206 -44.62 -29.98 63.73
N VAL D 207 -45.05 -30.52 64.85
CA VAL D 207 -44.34 -30.34 66.11
C VAL D 207 -43.81 -31.68 66.55
N LYS D 208 -42.50 -31.77 66.73
CA LYS D 208 -41.87 -33.01 67.15
C LYS D 208 -41.13 -32.75 68.45
N SER D 209 -40.95 -33.80 69.24
CA SER D 209 -40.29 -33.64 70.51
C SER D 209 -39.43 -34.85 70.83
N PHE D 210 -38.46 -34.63 71.70
CA PHE D 210 -37.62 -35.68 72.25
C PHE D 210 -37.81 -35.51 73.75
N ASN D 211 -38.62 -36.40 74.34
CA ASN D 211 -39.00 -36.30 75.75
C ASN D 211 -38.06 -37.09 76.66
N ARG D 212 -36.79 -36.71 76.65
CA ARG D 212 -35.78 -37.42 77.43
C ARG D 212 -34.56 -36.53 77.64
N ALA D 213 -34.00 -36.59 78.83
CA ALA D 213 -32.75 -35.91 79.12
C ALA D 213 -31.57 -36.78 78.68
N GLN E 1 40.44 26.68 7.60
CA GLN E 1 41.30 25.75 6.91
C GLN E 1 40.88 24.30 7.14
N VAL E 2 40.60 23.59 6.06
CA VAL E 2 40.22 22.19 6.12
C VAL E 2 41.47 21.36 6.36
N HIS E 3 41.41 20.44 7.32
CA HIS E 3 42.60 19.66 7.63
C HIS E 3 42.18 18.33 8.23
N LEU E 4 42.85 17.26 7.80
CA LEU E 4 42.64 15.92 8.36
C LEU E 4 43.92 15.46 9.01
N GLN E 5 43.84 15.05 10.27
CA GLN E 5 45.02 14.64 11.03
C GLN E 5 44.85 13.20 11.48
N GLN E 6 45.74 12.33 11.03
CA GLN E 6 45.68 10.92 11.36
C GLN E 6 46.59 10.56 12.52
N SER E 7 46.38 9.34 13.03
CA SER E 7 47.19 8.79 14.11
C SER E 7 48.61 8.47 13.64
N GLY E 8 49.43 8.00 14.57
CA GLY E 8 50.82 7.70 14.28
C GLY E 8 51.00 6.31 13.72
N ALA E 9 52.26 5.89 13.62
CA ALA E 9 52.55 4.59 13.04
C ALA E 9 52.22 3.49 14.03
N GLU E 10 52.00 2.28 13.50
CA GLU E 10 51.71 1.15 14.36
C GLU E 10 52.45 -0.10 13.89
N LEU E 11 52.77 -0.96 14.86
CA LEU E 11 53.42 -2.23 14.61
C LEU E 11 52.78 -3.23 15.55
N VAL E 12 52.13 -4.26 15.00
CA VAL E 12 51.45 -5.27 15.81
C VAL E 12 51.81 -6.66 15.32
N ARG E 13 51.46 -7.63 16.14
CA ARG E 13 51.65 -9.04 15.86
C ARG E 13 50.48 -9.58 15.03
N PRO E 14 50.72 -10.58 14.20
CA PRO E 14 49.63 -11.24 13.45
C PRO E 14 48.56 -11.83 14.36
N GLY E 15 47.31 -11.70 13.92
CA GLY E 15 46.16 -12.20 14.64
C GLY E 15 45.47 -11.18 15.50
N THR E 16 46.11 -10.05 15.76
CA THR E 16 45.56 -8.99 16.59
C THR E 16 44.77 -8.01 15.74
N SER E 17 44.44 -6.85 16.30
CA SER E 17 43.65 -5.84 15.61
C SER E 17 44.24 -4.48 15.89
N VAL E 18 43.96 -3.53 15.01
CA VAL E 18 44.41 -2.15 15.20
C VAL E 18 43.22 -1.20 15.05
N LYS E 19 43.38 -0.01 15.59
CA LYS E 19 42.38 1.03 15.43
C LYS E 19 43.07 2.35 15.12
N MET E 20 42.74 2.93 13.98
CA MET E 20 43.27 4.19 13.49
C MET E 20 42.22 5.27 13.64
N SER E 21 42.69 6.51 13.68
CA SER E 21 41.82 7.65 13.84
C SER E 21 42.18 8.72 12.83
N CYS E 22 41.20 9.57 12.54
CA CYS E 22 41.35 10.67 11.60
C CYS E 22 40.49 11.81 12.12
N LYS E 23 41.11 12.83 12.69
CA LYS E 23 40.37 13.96 13.22
C LYS E 23 40.22 15.02 12.14
N ALA E 24 38.99 15.44 11.89
CA ALA E 24 38.68 16.43 10.89
C ALA E 24 38.60 17.82 11.51
N ALA E 25 38.99 18.82 10.73
CA ALA E 25 38.84 20.19 11.19
C ALA E 25 38.53 21.09 10.01
N GLY E 26 37.86 22.20 10.30
CA GLY E 26 37.54 23.20 9.31
C GLY E 26 36.25 23.03 8.55
N TYR E 27 35.46 21.99 8.83
CA TYR E 27 34.21 21.80 8.12
C TYR E 27 33.24 21.02 9.01
N THR E 28 31.98 21.00 8.60
CA THR E 28 30.91 20.32 9.36
C THR E 28 30.97 18.81 9.12
N PHE E 29 31.98 18.20 9.76
CA PHE E 29 32.32 16.77 9.65
C PHE E 29 31.15 15.79 9.66
N THR E 30 30.22 16.00 10.59
CA THR E 30 29.09 15.10 10.85
C THR E 30 28.31 14.71 9.60
N TYR E 31 28.09 15.66 8.68
CA TYR E 31 27.19 15.44 7.56
C TYR E 31 27.92 15.22 6.23
N TRP E 32 29.24 15.05 6.25
CA TRP E 32 30.03 14.76 5.07
C TRP E 32 30.39 13.29 5.04
N TRP E 33 30.58 12.76 3.85
CA TRP E 33 31.08 11.42 3.67
C TRP E 33 32.59 11.39 3.70
N ILE E 34 33.17 10.48 4.47
CA ILE E 34 34.62 10.35 4.55
C ILE E 34 35.00 8.94 4.08
N GLY E 35 36.06 8.82 3.29
CA GLY E 35 36.44 7.51 2.83
C GLY E 35 37.79 7.07 3.33
N TRP E 36 38.06 5.77 3.26
CA TRP E 36 39.34 5.21 3.67
C TRP E 36 39.97 4.45 2.51
N LEU E 37 41.28 4.58 2.38
CA LEU E 37 42.06 4.02 1.28
C LEU E 37 43.32 3.32 1.78
N LYS E 38 43.63 2.19 1.16
CA LYS E 38 44.83 1.40 1.47
C LYS E 38 45.86 1.55 0.37
N GLN E 39 47.08 1.95 0.72
CA GLN E 39 48.17 2.00 -0.24
C GLN E 39 49.26 1.03 0.20
N ARG E 40 49.34 -0.09 -0.51
CA ARG E 40 50.28 -1.16 -0.22
C ARG E 40 51.48 -0.98 -1.14
N PRO E 41 52.70 -0.85 -0.62
CA PRO E 41 53.89 -0.66 -1.47
C PRO E 41 54.05 -1.75 -2.52
N GLY E 42 54.26 -1.32 -3.76
CA GLY E 42 54.35 -2.23 -4.87
C GLY E 42 53.09 -2.28 -5.70
N HIS E 43 52.00 -1.71 -5.19
CA HIS E 43 50.70 -1.71 -5.85
C HIS E 43 50.15 -0.28 -5.82
N GLY E 44 48.97 -0.11 -6.38
CA GLY E 44 48.29 1.15 -6.37
C GLY E 44 47.45 1.28 -5.13
N LEU E 45 46.35 2.00 -5.22
CA LEU E 45 45.51 2.23 -4.06
C LEU E 45 44.26 1.36 -4.16
N GLU E 46 43.77 0.94 -3.00
CA GLU E 46 42.55 0.16 -2.91
C GLU E 46 41.55 0.92 -2.05
N TRP E 47 40.31 0.94 -2.52
CA TRP E 47 39.21 1.56 -1.80
C TRP E 47 38.72 0.64 -0.68
N ILE E 48 38.63 1.16 0.54
CA ILE E 48 38.12 0.38 1.66
C ILE E 48 36.64 0.64 1.89
N GLY E 49 36.22 1.89 1.96
CA GLY E 49 34.82 2.15 2.20
C GLY E 49 34.59 3.58 2.58
N ASP E 50 33.30 3.96 2.51
CA ASP E 50 32.86 5.30 2.85
C ASP E 50 31.99 5.26 4.10
N PHE E 51 32.02 6.33 4.87
CA PHE E 51 31.28 6.37 6.11
C PHE E 51 30.57 7.72 6.23
N PHE E 52 29.31 7.65 6.68
CA PHE E 52 28.41 8.79 6.88
C PHE E 52 28.11 8.92 8.36
N PRO E 53 28.84 9.79 9.07
CA PRO E 53 28.76 9.86 10.54
C PRO E 53 27.42 10.15 11.19
N VAL E 54 26.58 11.04 10.66
CA VAL E 54 25.30 11.39 11.30
C VAL E 54 24.39 10.17 11.40
N SER E 55 24.53 9.23 10.47
CA SER E 55 23.72 8.04 10.47
C SER E 55 24.53 6.79 10.75
N GLY E 56 25.85 6.89 10.64
CA GLY E 56 26.68 5.74 10.88
C GLY E 56 26.66 4.77 9.73
N HIS E 57 26.31 5.23 8.54
CA HIS E 57 26.19 4.30 7.42
C HIS E 57 27.54 4.05 6.79
N THR E 58 27.77 2.80 6.39
CA THR E 58 29.01 2.39 5.75
C THR E 58 28.72 1.82 4.38
N ASN E 59 29.40 2.37 3.36
CA ASN E 59 29.39 1.81 2.02
C ASN E 59 30.62 0.93 1.94
N PHE E 60 30.41 -0.37 1.73
CA PHE E 60 31.47 -1.34 1.86
C PHE E 60 32.08 -1.69 0.52
N ASN E 61 33.38 -1.88 0.52
CA ASN E 61 34.06 -2.63 -0.52
C ASN E 61 34.00 -4.08 -0.04
N GLU E 62 33.37 -4.95 -0.83
CA GLU E 62 33.13 -6.34 -0.41
C GLU E 62 34.40 -7.09 -0.04
N LYS E 63 35.53 -6.74 -0.68
CA LYS E 63 36.83 -7.29 -0.31
C LYS E 63 37.17 -7.03 1.15
N PHE E 64 36.78 -5.87 1.68
CA PHE E 64 37.13 -5.45 3.03
C PHE E 64 35.98 -5.51 4.02
N ARG E 65 34.83 -6.09 3.64
CA ARG E 65 33.65 -6.11 4.51
C ARG E 65 33.93 -6.76 5.86
N ASP E 66 34.65 -7.87 5.87
CA ASP E 66 34.89 -8.62 7.09
C ASP E 66 36.19 -8.25 7.78
N LYS E 67 36.89 -7.25 7.29
CA LYS E 67 38.17 -6.86 7.86
C LYS E 67 38.16 -5.50 8.53
N ALA E 68 37.65 -4.47 7.86
CA ALA E 68 37.70 -3.10 8.36
C ALA E 68 36.34 -2.66 8.85
N THR E 69 36.28 -2.27 10.11
CA THR E 69 35.07 -1.72 10.70
C THR E 69 35.25 -0.21 10.80
N LEU E 70 34.33 0.54 10.21
CA LEU E 70 34.42 1.98 10.18
C LEU E 70 33.45 2.54 11.21
N THR E 71 33.85 3.59 11.91
CA THR E 71 32.96 4.25 12.85
C THR E 71 33.40 5.69 13.02
N ALA E 72 32.76 6.41 13.92
CA ALA E 72 33.11 7.80 14.18
C ALA E 72 32.51 8.23 15.50
N ASP E 73 33.08 9.29 16.04
CA ASP E 73 32.56 9.97 17.22
C ASP E 73 32.38 11.42 16.80
N THR E 74 31.12 11.80 16.56
CA THR E 74 30.81 13.14 16.05
C THR E 74 30.98 14.20 17.12
N SER E 75 31.02 13.81 18.39
CA SER E 75 31.21 14.75 19.48
C SER E 75 32.65 15.20 19.59
N SER E 76 33.57 14.52 18.90
CA SER E 76 34.97 14.89 18.89
C SER E 76 35.50 14.99 17.47
N SER E 77 34.59 14.98 16.48
CA SER E 77 34.87 15.03 15.05
C SER E 77 35.96 14.06 14.59
N THR E 78 35.92 12.83 15.09
CA THR E 78 36.97 11.86 14.76
C THR E 78 36.40 10.62 14.11
N ALA E 79 36.94 10.23 12.97
CA ALA E 79 36.57 8.99 12.33
C ALA E 79 37.56 7.92 12.76
N TYR E 80 37.10 6.69 12.85
CA TYR E 80 37.96 5.59 13.21
C TYR E 80 37.80 4.46 12.22
N MET E 81 38.87 3.68 12.09
CA MET E 81 38.85 2.45 11.30
C MET E 81 39.61 1.38 12.05
N GLN E 82 38.96 0.23 12.24
CA GLN E 82 39.54 -0.88 12.97
C GLN E 82 39.78 -2.05 12.01
N LEU E 83 40.99 -2.59 12.05
CA LEU E 83 41.38 -3.71 11.20
C LEU E 83 41.49 -4.95 12.07
N ASN E 84 40.67 -5.95 11.78
CA ASN E 84 40.60 -7.19 12.54
C ASN E 84 41.39 -8.30 11.84
N SER E 85 41.85 -9.27 12.64
CA SER E 85 42.52 -10.51 12.20
C SER E 85 43.67 -10.25 11.22
N LEU E 86 44.60 -9.39 11.65
CA LEU E 86 45.70 -8.94 10.80
C LEU E 86 46.64 -10.07 10.37
N THR E 87 47.10 -9.98 9.12
CA THR E 87 48.07 -10.89 8.54
C THR E 87 49.18 -10.02 7.95
N SER E 88 50.21 -10.63 7.35
CA SER E 88 51.34 -9.86 6.81
C SER E 88 50.98 -9.01 5.61
N GLU E 89 49.92 -9.36 4.88
CA GLU E 89 49.51 -8.62 3.70
C GLU E 89 48.76 -7.35 4.03
N ASP E 90 48.50 -7.07 5.30
CA ASP E 90 47.82 -5.86 5.71
C ASP E 90 48.79 -4.77 6.12
N SER E 91 50.09 -5.01 6.00
CA SER E 91 51.06 -3.95 6.29
C SER E 91 51.04 -2.99 5.12
N ALA E 92 50.66 -1.74 5.37
CA ALA E 92 50.42 -0.77 4.30
C ALA E 92 50.24 0.60 4.94
N ILE E 93 50.15 1.62 4.11
CA ILE E 93 49.86 2.97 4.57
C ILE E 93 48.38 3.25 4.35
N TYR E 94 47.65 3.56 5.42
CA TYR E 94 46.22 3.81 5.31
C TYR E 94 45.92 5.30 5.35
N TYR E 95 45.03 5.76 4.46
CA TYR E 95 44.65 7.15 4.35
C TYR E 95 43.16 7.34 4.62
N CYS E 96 42.81 8.48 5.19
CA CYS E 96 41.44 8.96 5.27
C CYS E 96 41.36 10.17 4.36
N ALA E 97 40.19 10.39 3.77
CA ALA E 97 40.07 11.58 2.94
C ALA E 97 38.60 11.99 2.82
N ARG E 98 38.39 13.26 2.56
CA ARG E 98 37.04 13.77 2.35
C ARG E 98 36.89 14.17 0.90
N LYS E 99 35.64 14.03 0.47
CA LYS E 99 35.10 14.22 -0.86
C LYS E 99 34.77 15.68 -1.14
N GLN E 100 34.72 16.01 -2.43
CA GLN E 100 34.28 17.34 -2.84
C GLN E 100 32.80 17.57 -2.53
N ASP E 101 32.00 16.52 -2.60
CA ASP E 101 30.55 16.56 -2.54
C ASP E 101 30.01 16.25 -1.15
N SER E 102 29.25 17.19 -0.59
CA SER E 102 28.62 16.97 0.70
C SER E 102 27.61 15.82 0.66
N SER E 103 27.08 15.52 -0.52
CA SER E 103 26.13 14.42 -0.75
C SER E 103 26.75 13.03 -0.80
N GLY E 104 28.04 12.87 -1.08
CA GLY E 104 28.63 11.54 -1.05
C GLY E 104 28.84 10.58 -2.22
N PRO E 105 28.24 10.74 -3.43
CA PRO E 105 28.46 9.72 -4.46
C PRO E 105 29.71 9.87 -5.30
N LEU E 106 30.36 11.02 -5.30
CA LEU E 106 31.46 11.28 -6.21
C LEU E 106 32.77 11.32 -5.44
N TYR E 107 33.62 10.33 -5.69
CA TYR E 107 34.84 10.11 -4.93
C TYR E 107 35.99 10.97 -5.44
N ALA E 108 35.76 12.26 -5.48
CA ALA E 108 36.83 13.18 -5.83
C ALA E 108 37.33 13.67 -4.49
N MET E 109 38.41 13.08 -4.02
CA MET E 109 38.85 13.26 -2.65
C MET E 109 39.61 14.56 -2.56
N ASP E 110 38.91 15.65 -2.20
CA ASP E 110 39.55 16.96 -2.22
C ASP E 110 40.63 17.05 -1.15
N TYR E 111 40.35 16.60 0.07
CA TYR E 111 41.41 16.70 1.08
C TYR E 111 41.75 15.36 1.70
N TRP E 112 43.04 15.15 1.94
CA TRP E 112 43.59 13.87 2.38
C TRP E 112 44.33 14.03 3.69
N GLY E 113 44.46 12.92 4.41
CA GLY E 113 45.25 12.89 5.62
C GLY E 113 46.73 12.74 5.36
N GLN E 114 47.44 12.11 6.30
CA GLN E 114 48.88 11.92 6.24
C GLN E 114 49.29 10.50 5.93
N GLY E 115 48.48 9.52 6.31
CA GLY E 115 48.92 8.16 6.18
C GLY E 115 49.39 7.55 7.47
N THR E 116 48.83 6.41 7.82
CA THR E 116 49.16 5.67 9.03
C THR E 116 49.77 4.36 8.61
N SER E 117 51.10 4.25 8.74
CA SER E 117 51.79 3.02 8.41
C SER E 117 51.39 1.95 9.41
N VAL E 118 51.00 0.79 8.92
CA VAL E 118 50.69 -0.36 9.75
C VAL E 118 51.61 -1.48 9.35
N THR E 119 52.39 -1.98 10.30
CA THR E 119 53.29 -3.10 10.09
C THR E 119 52.78 -4.29 10.90
N VAL E 120 52.62 -5.43 10.25
CA VAL E 120 52.22 -6.66 10.92
C VAL E 120 53.38 -7.63 10.83
N SER E 121 53.93 -7.99 11.99
CA SER E 121 55.12 -8.82 12.07
C SER E 121 55.28 -9.39 13.47
N SER E 122 55.68 -10.65 13.56
CA SER E 122 55.94 -11.35 14.80
C SER E 122 57.32 -11.04 15.38
N ALA E 123 58.18 -10.35 14.63
CA ALA E 123 59.54 -10.05 15.06
C ALA E 123 59.59 -9.16 16.29
N LYS E 124 60.63 -9.37 17.09
CA LYS E 124 60.95 -8.61 18.29
C LYS E 124 62.04 -7.59 18.00
N THR E 125 62.12 -6.58 18.87
CA THR E 125 63.15 -5.55 18.79
C THR E 125 64.53 -6.17 18.83
N THR E 126 65.41 -5.74 17.92
CA THR E 126 66.74 -6.31 17.85
C THR E 126 67.71 -5.26 17.33
N PRO E 127 68.92 -5.17 17.89
CA PRO E 127 69.92 -4.27 17.33
C PRO E 127 70.50 -4.87 16.07
N PRO E 128 70.99 -4.04 15.16
CA PRO E 128 71.65 -4.54 13.97
C PRO E 128 73.07 -5.03 14.20
N SER E 129 73.49 -5.96 13.35
CA SER E 129 74.90 -6.28 13.20
C SER E 129 75.46 -5.41 12.08
N VAL E 130 76.65 -4.88 12.28
CA VAL E 130 77.29 -3.99 11.31
C VAL E 130 78.53 -4.65 10.77
N TYR E 131 78.70 -4.60 9.45
CA TYR E 131 79.87 -5.20 8.86
C TYR E 131 80.54 -4.24 7.87
N PRO E 132 81.86 -4.14 7.89
CA PRO E 132 82.56 -3.41 6.83
C PRO E 132 82.72 -4.34 5.62
N LEU E 133 82.87 -3.75 4.45
CA LEU E 133 83.21 -4.52 3.27
C LEU E 133 84.64 -4.24 2.84
N ALA E 134 85.43 -5.30 2.70
CA ALA E 134 86.82 -5.16 2.26
C ALA E 134 86.86 -4.99 0.74
N PRO E 135 87.52 -3.94 0.24
CA PRO E 135 87.61 -3.75 -1.23
C PRO E 135 88.32 -4.86 -1.99
N GLY E 136 89.14 -5.67 -1.32
CA GLY E 136 89.88 -6.71 -2.00
C GLY E 136 91.13 -6.14 -2.67
N SER E 137 91.88 -7.02 -3.32
CA SER E 137 93.07 -6.56 -4.03
C SER E 137 92.68 -5.97 -5.37
N ALA E 138 93.64 -5.25 -5.97
CA ALA E 138 93.47 -4.61 -7.27
C ALA E 138 94.82 -4.20 -7.85
N MET E 144 88.35 4.38 -10.13
CA MET E 144 88.09 4.80 -8.75
C MET E 144 87.83 3.54 -7.94
N VAL E 145 87.80 3.65 -6.61
CA VAL E 145 87.53 2.48 -5.77
C VAL E 145 86.27 2.72 -4.94
N THR E 146 85.37 1.73 -4.98
CA THR E 146 84.14 1.70 -4.20
C THR E 146 84.31 0.78 -2.99
N LEU E 147 84.03 1.30 -1.81
CA LEU E 147 83.97 0.54 -0.56
C LEU E 147 82.56 0.65 0.00
N GLY E 148 82.22 -0.17 1.00
CA GLY E 148 80.87 -0.07 1.51
C GLY E 148 80.68 -0.82 2.82
N CYS E 149 79.43 -0.85 3.28
CA CYS E 149 79.14 -1.51 4.55
C CYS E 149 77.73 -2.07 4.54
N LEU E 150 77.52 -3.04 5.42
CA LEU E 150 76.26 -3.75 5.58
C LEU E 150 75.71 -3.54 6.97
N VAL E 151 74.39 -3.42 7.05
CA VAL E 151 73.64 -3.35 8.29
C VAL E 151 72.59 -4.44 8.19
N LYS E 152 72.68 -5.44 9.05
CA LYS E 152 71.81 -6.59 8.83
C LYS E 152 71.22 -7.06 10.14
N GLY E 153 69.97 -7.53 10.08
CA GLY E 153 69.37 -8.15 11.25
C GLY E 153 68.74 -7.22 12.23
N TYR E 154 68.22 -6.07 11.80
CA TYR E 154 67.60 -5.14 12.71
C TYR E 154 66.08 -5.18 12.55
N PHE E 155 65.40 -4.78 13.61
CA PHE E 155 63.96 -4.65 13.63
C PHE E 155 63.62 -3.79 14.84
N PRO E 156 62.67 -2.86 14.74
CA PRO E 156 61.97 -2.22 13.63
C PRO E 156 62.77 -1.12 12.95
N GLU E 157 62.31 -0.66 11.80
CA GLU E 157 62.91 0.46 11.11
C GLU E 157 62.45 1.74 11.80
N PRO E 158 63.04 2.93 11.48
CA PRO E 158 64.14 3.44 10.65
C PRO E 158 65.53 3.23 11.25
N VAL E 159 66.54 3.16 10.38
CA VAL E 159 67.95 3.18 10.76
C VAL E 159 68.62 4.29 9.99
N THR E 160 69.42 5.11 10.68
CA THR E 160 70.14 6.19 10.01
C THR E 160 71.58 5.76 9.81
N VAL E 161 72.03 5.74 8.57
CA VAL E 161 73.40 5.37 8.23
C VAL E 161 74.01 6.50 7.42
N THR E 162 75.19 6.93 7.85
CA THR E 162 75.96 7.95 7.14
C THR E 162 77.40 7.49 7.01
N TRP E 163 78.21 8.34 6.43
CA TRP E 163 79.63 8.05 6.29
C TRP E 163 80.39 9.25 6.80
N ASN E 164 81.49 8.95 7.52
CA ASN E 164 82.41 9.94 8.09
C ASN E 164 81.66 10.97 8.92
N SER E 165 80.71 10.49 9.73
CA SER E 165 79.80 11.30 10.56
C SER E 165 79.04 12.36 9.75
N GLY E 166 78.68 12.04 8.52
CA GLY E 166 77.89 12.97 7.75
C GLY E 166 78.64 13.88 6.82
N SER E 167 79.98 13.89 6.86
CA SER E 167 80.71 14.84 6.01
C SER E 167 80.84 14.39 4.55
N LEU E 168 80.58 13.12 4.22
CA LEU E 168 80.70 12.63 2.84
C LEU E 168 79.43 12.97 2.05
N SER E 169 79.36 14.23 1.63
CA SER E 169 78.17 14.81 1.00
C SER E 169 77.79 14.18 -0.33
N SER E 170 78.69 13.46 -1.00
CA SER E 170 78.37 12.92 -2.32
C SER E 170 79.12 11.63 -2.56
N GLY E 171 78.69 10.89 -3.60
CA GLY E 171 79.31 9.64 -3.95
C GLY E 171 78.78 8.45 -3.19
N VAL E 172 77.76 8.62 -2.36
CA VAL E 172 77.25 7.57 -1.49
C VAL E 172 75.83 7.17 -1.90
N HIS E 173 75.61 5.86 -2.02
CA HIS E 173 74.31 5.29 -2.30
C HIS E 173 73.87 4.50 -1.07
N THR E 174 72.57 4.55 -0.80
CA THR E 174 71.91 3.80 0.26
C THR E 174 70.84 2.92 -0.36
N PHE E 175 70.80 1.65 0.02
CA PHE E 175 69.84 0.73 -0.57
C PHE E 175 68.73 0.40 0.42
N PRO E 176 67.47 0.67 0.06
CA PRO E 176 66.34 0.41 0.95
C PRO E 176 66.30 -1.02 1.48
N ALA E 177 65.88 -1.14 2.74
CA ALA E 177 65.89 -2.41 3.45
C ALA E 177 64.94 -3.42 2.83
N VAL E 178 65.35 -4.69 2.89
CA VAL E 178 64.54 -5.81 2.43
C VAL E 178 64.23 -6.69 3.64
N LEU E 179 62.98 -7.13 3.75
CA LEU E 179 62.55 -7.98 4.86
C LEU E 179 62.73 -9.44 4.52
N GLN E 180 63.56 -10.15 5.29
CA GLN E 180 63.77 -11.58 5.12
C GLN E 180 63.87 -12.19 6.51
N SER E 181 63.13 -13.29 6.71
CA SER E 181 63.03 -14.02 7.99
C SER E 181 62.68 -13.07 9.14
N ASP E 182 61.77 -12.14 8.86
CA ASP E 182 61.26 -11.07 9.73
C ASP E 182 62.29 -10.01 10.13
N LEU E 183 63.50 -10.01 9.59
CA LEU E 183 64.44 -8.95 9.88
C LEU E 183 64.88 -8.23 8.61
N TYR E 184 65.28 -6.97 8.78
CA TYR E 184 65.64 -6.09 7.68
C TYR E 184 67.12 -6.16 7.31
N THR E 185 67.39 -6.00 6.01
CA THR E 185 68.73 -5.92 5.46
C THR E 185 68.93 -4.59 4.73
N LEU E 186 69.88 -3.79 5.21
CA LEU E 186 70.25 -2.48 4.70
C LEU E 186 71.70 -2.52 4.23
N SER E 187 72.02 -1.80 3.16
CA SER E 187 73.40 -1.72 2.71
C SER E 187 73.70 -0.32 2.19
N SER E 188 74.98 0.02 2.14
CA SER E 188 75.40 1.33 1.68
C SER E 188 76.76 1.21 1.01
N SER E 189 77.03 2.11 0.07
CA SER E 189 78.30 2.08 -0.63
C SER E 189 78.75 3.48 -1.02
N VAL E 190 80.07 3.63 -1.14
CA VAL E 190 80.72 4.90 -1.46
C VAL E 190 81.79 4.68 -2.53
N THR E 191 81.87 5.64 -3.44
CA THR E 191 82.97 5.75 -4.40
C THR E 191 83.90 6.84 -3.88
N VAL E 192 85.19 6.53 -3.78
CA VAL E 192 86.14 7.50 -3.22
C VAL E 192 87.28 7.70 -4.21
N PRO E 193 87.95 8.85 -4.14
CA PRO E 193 89.16 9.06 -4.96
C PRO E 193 90.27 8.08 -4.63
N SER E 194 91.09 7.78 -5.64
CA SER E 194 92.26 6.91 -5.47
C SER E 194 93.33 7.50 -4.56
N SER E 195 93.22 8.78 -4.20
CA SER E 195 94.11 9.44 -3.25
C SER E 195 93.65 9.26 -1.82
N THR E 196 92.38 8.89 -1.63
CA THR E 196 91.80 8.74 -0.30
C THR E 196 91.63 7.28 0.09
N TRP E 197 92.02 6.35 -0.77
CA TRP E 197 91.98 4.92 -0.50
C TRP E 197 92.97 4.22 -1.42
N PRO E 198 93.81 3.30 -0.90
CA PRO E 198 93.98 2.85 0.48
C PRO E 198 94.93 3.70 1.33
N SER E 199 94.59 4.97 1.51
CA SER E 199 95.41 5.89 2.28
C SER E 199 94.56 6.42 3.43
N GLU E 200 93.62 7.32 3.12
CA GLU E 200 92.71 7.82 4.14
C GLU E 200 91.74 6.73 4.59
N THR E 201 91.34 6.82 5.85
CA THR E 201 90.35 5.93 6.44
C THR E 201 88.97 6.55 6.34
N VAL E 202 87.94 5.71 6.46
CA VAL E 202 86.55 6.20 6.45
C VAL E 202 85.75 5.46 7.52
N THR E 203 84.55 5.99 7.84
CA THR E 203 83.71 5.38 8.85
C THR E 203 82.27 5.17 8.39
N CYS E 204 81.71 3.97 8.65
CA CYS E 204 80.27 3.72 8.50
C CYS E 204 79.59 4.02 9.83
N ASN E 205 78.69 5.01 9.85
CA ASN E 205 78.02 5.48 11.06
C ASN E 205 76.57 5.01 11.11
N VAL E 206 76.25 4.06 11.99
CA VAL E 206 74.93 3.44 12.01
C VAL E 206 74.26 3.75 13.35
N ALA E 207 73.09 4.38 13.32
CA ALA E 207 72.31 4.66 14.53
C ALA E 207 70.93 4.01 14.40
N HIS E 208 70.43 3.45 15.51
CA HIS E 208 69.12 2.80 15.53
C HIS E 208 68.37 3.19 16.80
N PRO E 209 67.59 4.28 16.73
CA PRO E 209 66.80 4.72 17.90
C PRO E 209 65.84 3.70 18.49
N ALA E 210 65.19 2.90 17.63
CA ALA E 210 64.19 1.91 18.07
C ALA E 210 64.77 0.90 19.04
N SER E 211 66.03 0.52 18.88
CA SER E 211 66.66 -0.46 19.75
C SER E 211 67.71 0.19 20.64
N SER E 212 67.70 1.53 20.69
CA SER E 212 68.60 2.37 21.49
C SER E 212 70.08 2.05 21.27
N THR E 213 70.51 1.93 20.01
CA THR E 213 71.91 1.62 19.78
C THR E 213 72.54 2.59 18.78
N LYS E 214 73.86 2.47 18.70
CA LYS E 214 74.70 3.26 17.81
C LYS E 214 76.02 2.52 17.65
N VAL E 215 76.40 2.21 16.41
CA VAL E 215 77.66 1.53 16.14
C VAL E 215 78.41 2.38 15.13
N ASP E 216 79.68 2.64 15.42
CA ASP E 216 80.58 3.33 14.52
C ASP E 216 81.60 2.32 14.05
N LYS E 217 81.48 1.86 12.81
CA LYS E 217 82.41 0.87 12.27
C LYS E 217 83.38 1.61 11.38
N LYS E 218 84.56 1.91 11.90
CA LYS E 218 85.55 2.64 11.12
C LYS E 218 86.35 1.63 10.33
N ILE E 219 86.41 1.80 9.02
CA ILE E 219 87.15 0.90 8.14
C ILE E 219 88.40 1.59 7.61
N VAL E 220 89.51 0.87 7.74
CA VAL E 220 90.87 1.30 7.44
C VAL E 220 91.35 0.38 6.32
N PRO E 221 92.39 0.77 5.56
CA PRO E 221 92.90 -0.12 4.49
C PRO E 221 93.29 -1.53 4.92
N ARG E 222 92.89 -2.49 4.10
CA ARG E 222 93.15 -3.91 4.27
C ARG E 222 92.75 -4.60 2.97
N ASP E 223 93.12 -5.89 2.88
CA ASP E 223 92.78 -6.80 1.76
C ASP E 223 92.98 -6.23 0.35
N ASP F 1 32.27 -4.92 -11.35
CA ASP F 1 33.25 -3.87 -11.16
C ASP F 1 33.81 -3.33 -12.48
N ILE F 2 34.30 -2.09 -12.44
CA ILE F 2 34.92 -1.46 -13.59
C ILE F 2 36.40 -1.40 -13.32
N GLN F 3 37.21 -2.04 -14.16
CA GLN F 3 38.65 -2.04 -13.95
C GLN F 3 39.26 -0.92 -14.78
N MET F 4 40.05 -0.08 -14.13
CA MET F 4 40.79 0.96 -14.83
C MET F 4 42.18 0.42 -15.09
N THR F 5 42.64 0.55 -16.34
CA THR F 5 43.95 0.06 -16.73
C THR F 5 44.82 1.19 -17.23
N GLN F 6 46.02 1.30 -16.70
CA GLN F 6 46.98 2.30 -17.17
C GLN F 6 48.19 1.54 -17.69
N SER F 7 48.40 1.62 -18.98
CA SER F 7 49.57 1.00 -19.58
C SER F 7 50.73 1.97 -19.44
N SER F 8 51.91 1.52 -19.84
CA SER F 8 53.15 2.31 -19.83
C SER F 8 53.45 2.85 -18.43
N SER F 9 53.69 1.92 -17.50
CA SER F 9 53.94 2.23 -16.09
C SER F 9 55.13 3.17 -15.86
N TYR F 10 56.01 3.30 -16.84
CA TYR F 10 57.11 4.26 -16.79
C TYR F 10 57.18 4.99 -18.13
N LEU F 11 57.38 6.31 -18.07
CA LEU F 11 57.58 7.10 -19.27
C LEU F 11 58.85 7.92 -19.05
N SER F 12 59.84 7.71 -19.92
CA SER F 12 61.06 8.49 -19.84
C SER F 12 60.86 9.80 -20.59
N VAL F 13 60.94 10.92 -19.86
CA VAL F 13 60.66 12.22 -20.44
C VAL F 13 61.84 13.12 -20.08
N SER F 14 61.86 14.30 -20.69
CA SER F 14 62.87 15.32 -20.42
C SER F 14 62.12 16.56 -19.95
N LEU F 15 62.82 17.40 -19.20
CA LEU F 15 62.22 18.60 -18.65
C LEU F 15 61.95 19.59 -19.77
N GLY F 16 60.81 20.27 -19.69
CA GLY F 16 60.36 21.16 -20.73
C GLY F 16 59.59 20.48 -21.84
N GLY F 17 59.40 19.18 -21.77
CA GLY F 17 58.71 18.45 -22.81
C GLY F 17 57.22 18.29 -22.60
N ARG F 18 56.64 17.35 -23.34
CA ARG F 18 55.21 17.09 -23.34
C ARG F 18 54.97 15.64 -22.91
N VAL F 19 54.04 15.44 -21.97
CA VAL F 19 53.75 14.11 -21.45
C VAL F 19 52.26 13.84 -21.64
N THR F 20 51.93 12.67 -22.17
CA THR F 20 50.54 12.25 -22.29
C THR F 20 50.41 10.89 -21.65
N ILE F 21 49.56 10.79 -20.63
CA ILE F 21 49.33 9.59 -19.86
C ILE F 21 47.91 9.13 -20.15
N THR F 22 47.76 7.90 -20.61
CA THR F 22 46.42 7.43 -20.98
C THR F 22 45.87 6.48 -19.92
N CYS F 23 44.55 6.30 -19.97
CA CYS F 23 43.85 5.39 -19.08
C CYS F 23 42.55 4.99 -19.74
N LYS F 24 42.25 3.70 -19.81
CA LYS F 24 40.99 3.28 -20.37
C LYS F 24 40.16 2.56 -19.31
N ALA F 25 38.86 2.81 -19.32
CA ALA F 25 37.90 2.16 -18.46
C ALA F 25 37.37 0.89 -19.11
N SER F 26 37.06 -0.10 -18.28
CA SER F 26 36.45 -1.33 -18.76
C SER F 26 34.97 -1.20 -19.09
N ASP F 27 34.36 -0.07 -18.75
CA ASP F 27 32.93 0.13 -18.97
C ASP F 27 32.68 1.62 -19.07
N HIS F 28 31.43 1.98 -19.29
CA HIS F 28 31.05 3.38 -19.34
C HIS F 28 31.15 4.00 -17.95
N ILE F 29 31.86 5.12 -17.83
CA ILE F 29 31.97 5.83 -16.57
C ILE F 29 31.47 7.25 -16.66
N ASN F 30 31.00 7.67 -17.83
CA ASN F 30 30.32 8.94 -18.09
C ASN F 30 31.14 10.15 -17.63
N ASN F 31 32.44 10.13 -17.94
CA ASN F 31 33.42 11.17 -17.65
C ASN F 31 33.65 11.43 -16.18
N TRP F 32 33.18 10.55 -15.29
CA TRP F 32 33.43 10.68 -13.86
C TRP F 32 34.77 10.02 -13.54
N LEU F 33 35.84 10.67 -14.00
CA LEU F 33 37.20 10.16 -13.84
C LEU F 33 38.08 11.26 -13.25
N ALA F 34 38.75 10.98 -12.12
CA ALA F 34 39.66 11.90 -11.47
C ALA F 34 41.12 11.50 -11.67
N TRP F 35 42.00 12.49 -11.65
CA TRP F 35 43.44 12.27 -11.75
C TRP F 35 44.12 12.79 -10.51
N TYR F 36 45.05 11.98 -9.95
CA TYR F 36 45.78 12.29 -8.74
C TYR F 36 47.28 12.26 -8.99
N GLN F 37 48.02 13.12 -8.27
CA GLN F 37 49.47 13.17 -8.34
C GLN F 37 50.07 12.86 -6.98
N GLN F 38 50.83 11.78 -6.88
CA GLN F 38 51.46 11.36 -5.65
C GLN F 38 52.98 11.38 -5.78
N LYS F 39 53.64 11.95 -4.82
CA LYS F 39 55.08 12.02 -4.68
C LYS F 39 55.48 11.16 -3.49
N PRO F 40 56.66 10.54 -3.51
CA PRO F 40 57.07 9.68 -2.39
C PRO F 40 57.07 10.41 -1.05
N GLY F 41 56.48 9.76 -0.05
CA GLY F 41 56.39 10.32 1.27
C GLY F 41 55.16 11.15 1.53
N ASN F 42 54.42 11.55 0.50
CA ASN F 42 53.27 12.44 0.66
C ASN F 42 51.99 11.77 0.22
N ALA F 43 50.88 12.20 0.83
CA ALA F 43 49.56 11.80 0.41
C ALA F 43 49.25 12.37 -0.98
N PRO F 44 48.48 11.65 -1.80
CA PRO F 44 48.19 12.16 -3.15
C PRO F 44 47.36 13.43 -3.17
N ARG F 45 47.70 14.28 -4.13
CA ARG F 45 46.99 15.51 -4.43
C ARG F 45 46.02 15.27 -5.57
N LEU F 46 44.81 15.79 -5.46
CA LEU F 46 43.84 15.72 -6.53
C LEU F 46 44.19 16.76 -7.58
N LEU F 47 44.41 16.33 -8.82
CA LEU F 47 44.68 17.27 -9.90
C LEU F 47 43.44 17.60 -10.68
N ILE F 48 42.69 16.59 -11.10
CA ILE F 48 41.53 16.81 -11.93
C ILE F 48 40.35 16.09 -11.32
N SER F 49 39.21 16.80 -11.28
CA SER F 49 37.88 16.38 -10.87
C SER F 49 37.31 15.63 -12.06
N ALA F 50 36.04 15.83 -12.41
CA ALA F 50 35.47 15.21 -13.60
C ALA F 50 36.35 15.52 -14.80
N ALA F 51 36.48 14.53 -15.70
CA ALA F 51 37.52 14.36 -16.73
C ALA F 51 38.30 15.57 -17.23
N THR F 52 37.68 16.74 -17.31
CA THR F 52 38.33 17.92 -17.86
C THR F 52 38.41 19.09 -16.89
N SER F 53 37.76 19.02 -15.73
CA SER F 53 37.63 20.16 -14.82
C SER F 53 38.82 20.21 -13.87
N LEU F 54 39.66 21.23 -14.04
CA LEU F 54 40.89 21.36 -13.26
C LEU F 54 40.60 21.84 -11.85
N GLU F 55 41.29 21.24 -10.89
CA GLU F 55 41.09 21.57 -9.49
C GLU F 55 41.71 22.91 -9.14
N THR F 56 41.11 23.60 -8.17
CA THR F 56 41.62 24.87 -7.66
C THR F 56 43.02 24.70 -7.09
N GLY F 57 43.94 25.59 -7.51
CA GLY F 57 45.30 25.56 -7.05
C GLY F 57 46.25 24.77 -7.92
N VAL F 58 45.74 24.06 -8.92
CA VAL F 58 46.56 23.26 -9.82
C VAL F 58 46.95 24.08 -11.04
N PRO F 59 48.24 24.13 -11.40
CA PRO F 59 48.69 24.92 -12.55
C PRO F 59 48.05 24.56 -13.87
N SER F 60 47.89 25.58 -14.74
CA SER F 60 47.33 25.43 -16.07
C SER F 60 48.13 24.52 -17.01
N ARG F 61 49.33 24.06 -16.60
CA ARG F 61 50.09 23.10 -17.37
C ARG F 61 49.37 21.77 -17.51
N PHE F 62 48.51 21.46 -16.56
CA PHE F 62 47.81 20.19 -16.51
C PHE F 62 46.51 20.28 -17.28
N SER F 63 46.19 19.22 -17.99
CA SER F 63 44.94 19.19 -18.72
C SER F 63 44.50 17.75 -18.86
N GLY F 64 43.29 17.57 -19.34
CA GLY F 64 42.84 16.21 -19.55
C GLY F 64 41.61 16.22 -20.41
N SER F 65 41.29 15.05 -20.91
CA SER F 65 40.19 14.88 -21.86
C SER F 65 39.90 13.40 -21.97
N GLY F 66 38.95 13.08 -22.82
CA GLY F 66 38.69 11.69 -23.13
C GLY F 66 37.60 11.56 -24.14
N SER F 67 37.38 10.31 -24.54
CA SER F 67 36.36 9.97 -25.52
C SER F 67 36.02 8.51 -25.28
N GLY F 68 34.74 8.20 -25.24
CA GLY F 68 34.33 6.83 -24.98
C GLY F 68 34.82 6.43 -23.61
N LYS F 69 35.65 5.41 -23.59
CA LYS F 69 36.25 4.91 -22.37
C LYS F 69 37.73 5.30 -22.24
N ASP F 70 38.29 5.96 -23.23
CA ASP F 70 39.73 6.30 -23.25
C ASP F 70 39.94 7.76 -22.86
N TYR F 71 40.69 7.99 -21.78
CA TYR F 71 40.94 9.31 -21.24
C TYR F 71 42.44 9.57 -21.17
N THR F 72 42.83 10.84 -21.29
CA THR F 72 44.24 11.23 -21.25
C THR F 72 44.48 12.45 -20.35
N LEU F 73 45.57 12.37 -19.59
CA LEU F 73 46.13 13.48 -18.82
C LEU F 73 47.36 14.00 -19.56
N SER F 74 47.38 15.29 -19.87
CA SER F 74 48.51 15.88 -20.58
C SER F 74 49.19 16.91 -19.70
N ILE F 75 50.52 16.94 -19.76
CA ILE F 75 51.33 17.93 -19.08
C ILE F 75 52.21 18.61 -20.12
N ILE F 76 52.09 19.94 -20.21
CA ILE F 76 52.82 20.77 -21.15
C ILE F 76 53.86 21.55 -20.38
N SER F 77 55.11 21.53 -20.86
CA SER F 77 56.27 22.21 -20.27
C SER F 77 56.55 21.64 -18.87
N LEU F 78 56.80 20.32 -18.86
CA LEU F 78 57.08 19.52 -17.67
C LEU F 78 58.14 20.16 -16.77
N GLN F 79 57.82 20.25 -15.49
CA GLN F 79 58.71 20.84 -14.50
C GLN F 79 59.37 19.73 -13.70
N THR F 80 60.43 20.11 -12.96
CA THR F 80 61.10 19.16 -12.06
C THR F 80 60.15 18.59 -11.03
N GLU F 81 59.28 19.43 -10.45
CA GLU F 81 58.31 19.02 -9.45
C GLU F 81 57.23 18.09 -9.98
N ASP F 82 57.09 17.96 -11.30
CA ASP F 82 56.01 17.17 -11.88
C ASP F 82 56.41 15.73 -12.11
N VAL F 83 57.60 15.33 -11.66
CA VAL F 83 58.04 13.95 -11.75
C VAL F 83 57.42 13.19 -10.58
N ALA F 84 56.35 12.44 -10.84
CA ALA F 84 55.56 11.84 -9.77
C ALA F 84 54.76 10.69 -10.35
N THR F 85 54.07 9.98 -9.47
CA THR F 85 53.19 8.89 -9.88
C THR F 85 51.77 9.42 -10.05
N TYR F 86 51.14 9.14 -11.19
CA TYR F 86 49.81 9.66 -11.48
C TYR F 86 48.79 8.54 -11.49
N TYR F 87 47.63 8.78 -10.88
CA TYR F 87 46.59 7.76 -10.80
C TYR F 87 45.27 8.21 -11.42
N CYS F 88 44.65 7.25 -12.07
CA CYS F 88 43.36 7.30 -12.73
C CYS F 88 42.31 6.65 -11.83
N GLN F 89 41.30 7.40 -11.36
CA GLN F 89 40.29 6.80 -10.48
C GLN F 89 38.88 7.15 -10.92
N GLN F 90 38.01 6.16 -11.00
CA GLN F 90 36.64 6.35 -11.44
C GLN F 90 35.68 6.35 -10.26
N TYR F 91 34.67 7.21 -10.33
CA TYR F 91 33.66 7.25 -9.29
C TYR F 91 32.23 7.09 -9.82
N TRP F 92 32.07 6.47 -10.98
CA TRP F 92 30.74 6.20 -11.51
C TRP F 92 29.98 5.20 -10.65
N SER F 93 30.63 4.13 -10.22
CA SER F 93 29.89 3.10 -9.50
C SER F 93 30.80 2.42 -8.49
N THR F 94 30.25 2.12 -7.31
CA THR F 94 31.04 1.45 -6.29
C THR F 94 31.21 -0.03 -6.65
N PRO F 95 32.33 -0.66 -6.24
CA PRO F 95 33.55 -0.16 -5.58
C PRO F 95 34.35 0.75 -6.46
N PHE F 96 34.97 1.76 -5.87
CA PHE F 96 35.76 2.68 -6.64
C PHE F 96 37.09 2.01 -6.96
N THR F 97 37.61 2.28 -8.15
CA THR F 97 38.83 1.63 -8.57
C THR F 97 39.82 2.66 -9.09
N PHE F 98 41.08 2.36 -8.87
CA PHE F 98 42.22 3.16 -9.27
C PHE F 98 43.01 2.40 -10.31
N GLY F 99 43.73 3.13 -11.15
CA GLY F 99 44.62 2.47 -12.09
C GLY F 99 45.90 2.05 -11.39
N SER F 100 46.80 1.46 -12.17
CA SER F 100 48.03 0.95 -11.58
C SER F 100 49.06 2.03 -11.36
N GLY F 101 48.87 3.19 -11.97
CA GLY F 101 49.80 4.30 -11.87
C GLY F 101 50.89 4.23 -12.90
N THR F 102 51.35 5.40 -13.33
CA THR F 102 52.49 5.53 -14.22
C THR F 102 53.45 6.49 -13.54
N LYS F 103 54.74 6.29 -13.74
CA LYS F 103 55.73 7.14 -13.11
C LYS F 103 56.58 7.79 -14.18
N LEU F 104 56.93 9.04 -13.97
CA LEU F 104 57.79 9.75 -14.89
C LEU F 104 59.23 9.60 -14.43
N GLU F 105 60.14 9.59 -15.39
CA GLU F 105 61.57 9.60 -15.08
C GLU F 105 62.26 10.53 -16.06
N ILE F 106 63.41 11.04 -15.64
CA ILE F 106 64.15 11.97 -16.49
C ILE F 106 64.97 11.16 -17.49
N LYS F 107 64.78 11.46 -18.78
CA LYS F 107 65.53 10.80 -19.84
C LYS F 107 67.01 11.16 -19.76
N ARG F 108 67.87 10.15 -19.86
CA ARG F 108 69.32 10.35 -19.80
C ARG F 108 69.95 9.50 -20.90
N ALA F 109 71.14 9.92 -21.33
CA ALA F 109 71.96 9.06 -22.18
C ALA F 109 72.29 7.76 -21.44
N ASP F 110 72.33 6.66 -22.20
CA ASP F 110 72.65 5.34 -21.65
C ASP F 110 74.03 5.29 -21.01
N ALA F 111 74.14 4.47 -19.96
CA ALA F 111 75.40 4.29 -19.27
C ALA F 111 75.48 2.87 -18.71
N ALA F 112 76.67 2.30 -18.74
CA ALA F 112 76.92 1.00 -18.14
C ALA F 112 77.19 1.14 -16.64
N PRO F 113 76.83 0.15 -15.84
CA PRO F 113 77.09 0.24 -14.40
C PRO F 113 78.54 0.02 -14.02
N THR F 114 78.93 0.65 -12.92
CA THR F 114 80.17 0.30 -12.23
C THR F 114 79.80 -0.82 -11.26
N VAL F 115 80.46 -1.96 -11.39
CA VAL F 115 80.07 -3.17 -10.68
C VAL F 115 81.24 -3.61 -9.83
N SER F 116 80.96 -4.02 -8.60
CA SER F 116 82.03 -4.52 -7.75
C SER F 116 81.51 -5.61 -6.83
N ILE F 117 82.42 -6.53 -6.47
CA ILE F 117 82.10 -7.66 -5.60
C ILE F 117 82.85 -7.49 -4.29
N PHE F 118 82.13 -7.60 -3.19
CA PHE F 118 82.73 -7.53 -1.89
C PHE F 118 82.58 -8.85 -1.16
N PRO F 119 83.71 -9.37 -0.66
CA PRO F 119 83.70 -10.59 0.16
C PRO F 119 83.22 -10.27 1.57
N PRO F 120 82.82 -11.27 2.35
CA PRO F 120 82.46 -10.99 3.74
C PRO F 120 83.65 -10.60 4.61
N SER F 121 83.38 -9.76 5.61
CA SER F 121 84.37 -9.39 6.60
C SER F 121 84.53 -10.49 7.65
N SER F 122 85.66 -10.44 8.37
CA SER F 122 85.96 -11.40 9.42
C SER F 122 84.93 -11.35 10.55
N GLU F 123 84.34 -10.18 10.82
CA GLU F 123 83.29 -10.08 11.83
C GLU F 123 82.07 -10.90 11.46
N GLN F 124 81.83 -11.10 10.16
CA GLN F 124 80.74 -11.95 9.70
C GLN F 124 81.21 -13.40 9.68
N LEU F 125 82.48 -13.60 9.33
CA LEU F 125 83.08 -14.93 9.29
C LEU F 125 83.05 -15.60 10.66
N THR F 126 83.23 -14.80 11.72
CA THR F 126 83.26 -15.27 13.10
C THR F 126 81.86 -15.58 13.65
N SER F 127 80.80 -15.22 12.94
CA SER F 127 79.45 -15.47 13.39
C SER F 127 78.85 -16.76 12.85
N GLY F 128 79.58 -17.49 12.02
CA GLY F 128 79.08 -18.71 11.44
C GLY F 128 78.29 -18.51 10.16
N GLY F 129 78.15 -17.27 9.70
CA GLY F 129 77.45 -16.96 8.48
C GLY F 129 78.40 -16.28 7.51
N ALA F 130 77.84 -15.88 6.37
CA ALA F 130 78.61 -15.21 5.32
C ALA F 130 77.64 -14.60 4.32
N SER F 131 78.15 -13.64 3.57
CA SER F 131 77.42 -13.08 2.45
C SER F 131 78.44 -12.50 1.50
N VAL F 132 78.10 -12.51 0.22
CA VAL F 132 78.92 -11.91 -0.80
C VAL F 132 78.01 -10.96 -1.57
N VAL F 133 78.46 -9.73 -1.76
CA VAL F 133 77.57 -8.71 -2.31
C VAL F 133 78.19 -8.10 -3.57
N CYS F 134 77.35 -7.82 -4.57
CA CYS F 134 77.89 -7.07 -5.69
C CYS F 134 76.95 -5.90 -5.97
N PHE F 135 77.58 -4.76 -6.23
CA PHE F 135 76.90 -3.50 -6.41
C PHE F 135 77.01 -3.07 -7.86
N LEU F 136 75.95 -2.42 -8.33
CA LEU F 136 75.86 -1.85 -9.67
C LEU F 136 75.44 -0.41 -9.51
N ASN F 137 76.37 0.50 -9.71
CA ASN F 137 76.09 1.91 -9.50
C ASN F 137 76.10 2.65 -10.82
N ASN F 138 75.31 3.73 -10.84
CA ASN F 138 75.24 4.71 -11.93
C ASN F 138 74.90 4.10 -13.30
N PHE F 139 73.85 3.29 -13.36
CA PHE F 139 73.41 2.73 -14.63
C PHE F 139 72.10 3.35 -15.08
N TYR F 140 71.83 3.18 -16.38
CA TYR F 140 70.59 3.62 -17.03
C TYR F 140 70.40 2.79 -18.29
N PRO F 141 69.19 2.25 -18.55
CA PRO F 141 67.92 2.23 -17.82
C PRO F 141 67.88 1.27 -16.63
N LYS F 142 66.89 1.46 -15.76
CA LYS F 142 66.67 0.66 -14.54
C LYS F 142 66.56 -0.86 -14.71
N ASP F 143 66.18 -1.37 -15.90
CA ASP F 143 65.88 -2.80 -16.06
C ASP F 143 67.16 -3.62 -16.30
N ILE F 144 67.90 -3.86 -15.22
CA ILE F 144 69.14 -4.63 -15.26
C ILE F 144 68.93 -5.91 -14.46
N ASN F 145 69.13 -7.06 -15.09
CA ASN F 145 69.02 -8.33 -14.37
C ASN F 145 70.42 -8.85 -14.03
N VAL F 146 70.65 -9.19 -12.76
CA VAL F 146 71.96 -9.64 -12.31
C VAL F 146 71.85 -11.03 -11.72
N LYS F 147 72.63 -11.97 -12.23
CA LYS F 147 72.66 -13.33 -11.70
C LYS F 147 73.99 -13.59 -11.00
N TRP F 148 73.97 -14.56 -10.08
CA TRP F 148 75.14 -15.02 -9.35
C TRP F 148 75.52 -16.42 -9.80
N LYS F 149 76.83 -16.70 -9.79
CA LYS F 149 77.38 -18.01 -10.13
C LYS F 149 78.43 -18.36 -9.10
N ILE F 150 78.46 -19.61 -8.67
CA ILE F 150 79.53 -20.10 -7.81
C ILE F 150 80.20 -21.24 -8.54
N ASP F 151 81.43 -21.00 -8.99
CA ASP F 151 82.20 -21.94 -9.82
C ASP F 151 81.38 -22.49 -11.00
N GLY F 152 80.60 -21.62 -11.64
CA GLY F 152 79.75 -22.04 -12.73
C GLY F 152 78.37 -22.57 -12.36
N SER F 153 78.06 -22.69 -11.07
CA SER F 153 76.76 -23.22 -10.63
C SER F 153 75.79 -22.10 -10.26
N GLU F 154 74.69 -22.00 -11.01
CA GLU F 154 73.65 -21.00 -10.76
C GLU F 154 73.01 -21.19 -9.39
N ARG F 155 72.84 -20.09 -8.66
CA ARG F 155 72.23 -20.12 -7.33
C ARG F 155 70.97 -19.27 -7.35
N GLN F 156 69.81 -19.92 -7.20
CA GLN F 156 68.54 -19.22 -7.25
C GLN F 156 68.02 -18.78 -5.88
N ASN F 157 68.37 -19.50 -4.82
CA ASN F 157 67.89 -19.18 -3.49
C ASN F 157 68.91 -18.31 -2.74
N GLY F 158 68.39 -17.52 -1.81
CA GLY F 158 69.28 -16.75 -0.95
C GLY F 158 69.83 -15.48 -1.57
N VAL F 159 69.17 -14.93 -2.58
CA VAL F 159 69.66 -13.75 -3.29
C VAL F 159 68.64 -12.64 -3.10
N LEU F 160 69.08 -11.52 -2.51
CA LEU F 160 68.25 -10.34 -2.35
C LEU F 160 68.72 -9.29 -3.34
N ASN F 161 67.80 -8.51 -3.89
CA ASN F 161 68.10 -7.44 -4.82
C ASN F 161 67.37 -6.18 -4.37
N SER F 162 68.14 -5.20 -3.93
CA SER F 162 67.58 -3.93 -3.50
C SER F 162 67.89 -2.90 -4.57
N THR F 163 66.86 -2.27 -5.13
CA THR F 163 67.05 -1.29 -6.18
C THR F 163 66.58 0.06 -5.66
N THR F 164 67.12 1.14 -6.22
CA THR F 164 66.74 2.50 -5.85
C THR F 164 66.02 3.15 -7.02
N ASP F 165 65.42 4.32 -6.74
CA ASP F 165 64.77 5.08 -7.79
C ASP F 165 65.81 5.97 -8.46
N GLN F 166 65.35 6.75 -9.45
CA GLN F 166 66.25 7.62 -10.21
C GLN F 166 66.88 8.70 -9.35
N ASP F 167 68.21 8.77 -9.42
CA ASP F 167 69.00 9.72 -8.65
C ASP F 167 68.68 11.16 -9.06
N SER F 168 68.45 12.02 -8.07
CA SER F 168 68.06 13.41 -8.30
C SER F 168 69.14 14.25 -8.98
N LYS F 169 70.41 13.86 -8.92
CA LYS F 169 71.47 14.64 -9.55
C LYS F 169 72.10 13.97 -10.75
N ASP F 170 72.30 12.66 -10.72
CA ASP F 170 72.97 11.96 -11.81
C ASP F 170 72.02 11.42 -12.86
N SER F 171 70.74 11.26 -12.53
CA SER F 171 69.64 10.69 -13.32
C SER F 171 69.79 9.21 -13.58
N THR F 172 70.78 8.56 -12.99
CA THR F 172 71.03 7.14 -13.08
C THR F 172 70.34 6.36 -11.97
N TYR F 173 70.39 5.04 -12.09
CA TYR F 173 69.86 4.07 -11.16
C TYR F 173 70.99 3.28 -10.52
N SER F 174 70.69 2.60 -9.41
CA SER F 174 71.67 1.73 -8.77
C SER F 174 70.95 0.54 -8.14
N MET F 175 71.68 -0.56 -7.96
CA MET F 175 71.11 -1.70 -7.25
C MET F 175 72.22 -2.48 -6.56
N SER F 176 71.81 -3.29 -5.58
CA SER F 176 72.74 -4.11 -4.81
C SER F 176 72.18 -5.52 -4.63
N SER F 177 72.94 -6.52 -5.04
CA SER F 177 72.56 -7.92 -4.96
C SER F 177 73.39 -8.58 -3.87
N THR F 178 72.71 -9.13 -2.86
CA THR F 178 73.38 -9.73 -1.70
C THR F 178 73.03 -11.21 -1.64
N LEU F 179 74.06 -12.07 -1.67
CA LEU F 179 73.91 -13.52 -1.52
C LEU F 179 74.31 -13.96 -0.11
N THR F 180 73.38 -14.57 0.63
CA THR F 180 73.62 -15.06 1.99
C THR F 180 73.83 -16.58 2.05
N LEU F 181 74.96 -16.99 2.64
CA LEU F 181 75.36 -18.39 2.83
C LEU F 181 75.85 -18.61 4.25
N THR F 182 75.90 -19.87 4.67
CA THR F 182 76.58 -20.10 5.93
C THR F 182 78.09 -20.21 5.68
N LYS F 183 78.84 -20.15 6.79
CA LYS F 183 80.31 -20.24 6.78
C LYS F 183 80.85 -21.47 6.06
N ASP F 184 80.31 -22.66 6.36
CA ASP F 184 80.90 -23.86 5.80
C ASP F 184 80.59 -23.98 4.30
N GLU F 185 79.37 -23.63 3.89
CA GLU F 185 79.04 -23.60 2.47
C GLU F 185 79.88 -22.57 1.73
N TYR F 186 80.19 -21.45 2.38
CA TYR F 186 81.04 -20.43 1.78
C TYR F 186 82.44 -20.96 1.54
N GLU F 187 83.07 -21.49 2.61
CA GLU F 187 84.46 -21.96 2.54
C GLU F 187 84.65 -23.12 1.56
N ARG F 188 83.59 -23.90 1.33
CA ARG F 188 83.59 -25.04 0.42
C ARG F 188 84.07 -24.71 -1.00
N HIS F 189 83.85 -23.49 -1.47
CA HIS F 189 84.20 -23.12 -2.83
C HIS F 189 85.30 -22.08 -2.83
N ASN F 190 86.08 -22.05 -3.92
CA ASN F 190 87.24 -21.17 -4.03
C ASN F 190 86.91 -19.79 -4.61
N SER F 191 85.97 -19.67 -5.55
CA SER F 191 85.77 -18.41 -6.25
C SER F 191 84.30 -18.14 -6.47
N TYR F 192 83.95 -16.86 -6.52
CA TYR F 192 82.58 -16.40 -6.73
C TYR F 192 82.53 -15.48 -7.94
N THR F 193 81.36 -15.43 -8.60
CA THR F 193 81.23 -14.58 -9.76
C THR F 193 79.79 -14.10 -9.88
N CYS F 194 79.59 -12.87 -10.36
CA CYS F 194 78.25 -12.37 -10.63
C CYS F 194 78.27 -11.55 -11.92
N GLU F 195 77.24 -11.77 -12.74
CA GLU F 195 77.15 -11.21 -14.08
C GLU F 195 75.87 -10.40 -14.29
N ALA F 196 76.07 -9.17 -14.75
CA ALA F 196 74.99 -8.23 -15.04
C ALA F 196 74.60 -8.31 -16.51
N THR F 197 73.36 -8.70 -16.76
CA THR F 197 72.79 -8.82 -18.09
C THR F 197 71.95 -7.56 -18.27
N HIS F 198 72.21 -6.82 -19.35
CA HIS F 198 71.61 -5.50 -19.49
C HIS F 198 71.55 -5.06 -20.95
N LYS F 199 70.97 -3.88 -21.14
CA LYS F 199 70.65 -3.28 -22.43
C LYS F 199 71.78 -2.50 -23.10
N THR F 200 72.95 -2.34 -22.49
CA THR F 200 73.98 -1.58 -23.19
C THR F 200 75.17 -2.47 -23.56
N SER F 201 74.92 -3.77 -23.67
CA SER F 201 75.90 -4.76 -24.10
C SER F 201 75.12 -5.92 -24.69
N THR F 202 75.73 -6.60 -25.65
CA THR F 202 75.10 -7.76 -26.27
C THR F 202 75.41 -9.05 -25.51
N SER F 203 76.19 -8.96 -24.43
CA SER F 203 76.57 -10.09 -23.59
C SER F 203 76.73 -9.57 -22.17
N PRO F 204 76.48 -10.40 -21.16
CA PRO F 204 76.64 -9.96 -19.76
C PRO F 204 78.05 -9.50 -19.40
N ILE F 205 78.10 -8.43 -18.59
CA ILE F 205 79.35 -7.96 -18.00
C ILE F 205 79.54 -8.75 -16.71
N VAL F 206 80.64 -9.47 -16.63
CA VAL F 206 80.85 -10.48 -15.61
C VAL F 206 82.01 -10.06 -14.71
N LYS F 207 81.81 -10.14 -13.40
CA LYS F 207 82.86 -9.85 -12.43
C LYS F 207 83.11 -11.11 -11.61
N SER F 208 84.33 -11.23 -11.09
CA SER F 208 84.73 -12.40 -10.33
C SER F 208 85.59 -12.00 -9.14
N PHE F 209 85.68 -12.90 -8.16
CA PHE F 209 86.48 -12.67 -6.97
C PHE F 209 86.98 -14.01 -6.45
N ASN F 210 88.24 -14.04 -6.00
CA ASN F 210 88.86 -15.22 -5.43
C ASN F 210 89.62 -14.79 -4.17
N ARG F 211 90.28 -15.74 -3.51
CA ARG F 211 91.00 -15.48 -2.27
C ARG F 211 92.25 -16.34 -2.23
N ALA F 212 93.20 -15.89 -1.38
CA ALA F 212 94.54 -16.38 -0.92
C ALA F 212 95.56 -15.31 -1.24
#